data_7UPB
#
_entry.id   7UPB
#
_cell.length_a   1.00
_cell.length_b   1.00
_cell.length_c   1.00
_cell.angle_alpha   90.00
_cell.angle_beta   90.00
_cell.angle_gamma   90.00
#
_symmetry.space_group_name_H-M   'P 1'
#
loop_
_entity.id
_entity.type
_entity.pdbx_description
1 polymer 'Fusion glycoprotein F0'
2 polymer 'Fab 1H1 heavy chain'
3 polymer 'Fab 1H1 light chain'
4 non-polymer 2-acetamido-2-deoxy-beta-D-glucopyranose
#
loop_
_entity_poly.entity_id
_entity_poly.type
_entity_poly.pdbx_seq_one_letter_code
_entity_poly.pdbx_strand_id
1 'polypeptide(L)'
;MVVILDKRCYCNLLILILMISECSVGILHYEKLSKIGLVKGVTRKYKIKSNPLTKDIVIKMIPNVSNMSQCTGSVMENYK
TRLNGILTPIKGALEIYKNNTHDCVGDVRLAGVCMAGVAIGIATAAQITAGVALYEAMKNADNINKLKSSIESTNEAVVK
LQETAEKTVYVFTALQDYINTNLVPTIDKIPCKQTELSLDLALSKYLSDLLFVFGPNLQDPVSNSMTIQAISQAFGGNYE
TLLRTLGYATEDFDDLLESDSITGQIIYVDLSSYYIIVRVYFPILTEIQQAYIQELLPVSFNNDNSEWISIVPNFILVRN
TLISNIEIGFCLITKRSVICNQDYATPMTNNMRECLTGSTEKCPRELVVSSHVPRFALSNGVLFANCISVTCQCQTTGRA
ISQSGEQTLLMIDNTTCPTAVLGNVIISLGKYLGSVNYNSEGIAIGPPVFTDKVDISSQISSMNQSLQQSKDYIK
;
A,D,G
2 'polypeptide(L)'
;VQLQQSGAELMRPGASMKISCKATGYTFSSYWIDWVKQRPGHGLEWIGEILPGSGDTNYNENFKGKAAFTADTSSNTAYM
QLTSLTSEDSAVFYCARGGRYHGQGFFDYWGQGTTLTVSS
;
B,C,H
3 'polypeptide(L)'
;IQMTQSPASLSASVGETVTITCRPSENVHIYLAWYQQKQGKSPQLLVYNAKTLADGVPSRFSGSASGTQFSLKINSLQPE
DFGSYYCQHFWSIPYTFGGGTKLEIK
;
E,F,L
#
# COMPACT_ATOMS: atom_id res chain seq x y z
N ILE A 27 -28.23 -15.47 -7.89
CA ILE A 27 -26.98 -15.03 -8.48
C ILE A 27 -25.82 -15.80 -7.84
N LEU A 28 -25.29 -15.26 -6.75
CA LEU A 28 -24.21 -15.93 -6.03
C LEU A 28 -24.72 -17.21 -5.38
N HIS A 29 -23.90 -18.26 -5.46
CA HIS A 29 -24.24 -19.56 -4.86
C HIS A 29 -23.69 -19.56 -3.45
N TYR A 30 -24.54 -19.17 -2.49
CA TYR A 30 -24.07 -18.97 -1.12
C TYR A 30 -23.78 -20.28 -0.40
N GLU A 31 -24.48 -21.36 -0.76
CA GLU A 31 -24.24 -22.65 -0.11
C GLU A 31 -22.85 -23.18 -0.43
N LYS A 32 -22.50 -23.22 -1.72
CA LYS A 32 -21.20 -23.74 -2.11
C LYS A 32 -20.07 -22.82 -1.65
N LEU A 33 -20.32 -21.51 -1.63
CA LEU A 33 -19.33 -20.59 -1.08
C LEU A 33 -19.14 -20.82 0.41
N SER A 34 -20.22 -21.11 1.15
CA SER A 34 -20.10 -21.38 2.57
C SER A 34 -19.39 -22.70 2.82
N LYS A 35 -19.51 -23.65 1.89
CA LYS A 35 -18.84 -24.94 2.06
C LYS A 35 -17.33 -24.80 1.98
N ILE A 36 -16.82 -23.78 1.28
CA ILE A 36 -15.39 -23.53 1.18
C ILE A 36 -14.96 -22.40 2.11
N GLY A 37 -15.78 -22.06 3.10
CA GLY A 37 -15.39 -21.13 4.13
C GLY A 37 -15.77 -19.68 3.90
N LEU A 38 -16.59 -19.38 2.90
CA LEU A 38 -17.01 -18.00 2.62
C LEU A 38 -18.45 -17.83 3.06
N VAL A 39 -18.61 -17.52 4.36
CA VAL A 39 -19.95 -17.40 4.93
C VAL A 39 -20.53 -16.05 4.54
N LYS A 40 -21.77 -16.06 4.04
CA LYS A 40 -22.35 -14.80 3.59
C LYS A 40 -22.61 -13.88 4.77
N GLY A 41 -22.43 -12.58 4.52
CA GLY A 41 -22.58 -11.58 5.57
C GLY A 41 -23.68 -10.59 5.28
N VAL A 42 -23.59 -9.42 5.87
CA VAL A 42 -24.64 -8.40 5.72
C VAL A 42 -24.60 -7.82 4.31
N THR A 43 -25.79 -7.55 3.79
CA THR A 43 -25.94 -6.92 2.48
C THR A 43 -26.10 -5.42 2.67
N ARG A 44 -25.33 -4.64 1.93
CA ARG A 44 -25.33 -3.19 2.07
C ARG A 44 -25.73 -2.53 0.76
N LYS A 45 -26.26 -1.31 0.87
CA LYS A 45 -26.63 -0.55 -0.32
C LYS A 45 -25.44 0.24 -0.82
N TYR A 46 -25.54 0.68 -2.07
CA TYR A 46 -24.49 1.44 -2.74
C TYR A 46 -24.95 2.88 -2.89
N LYS A 47 -24.22 3.80 -2.26
CA LYS A 47 -24.57 5.22 -2.27
C LYS A 47 -23.40 6.03 -2.82
N ILE A 48 -23.70 6.97 -3.70
CA ILE A 48 -22.68 7.82 -4.32
C ILE A 48 -23.12 9.27 -4.17
N LYS A 49 -22.15 10.16 -3.94
CA LYS A 49 -22.46 11.59 -3.85
C LYS A 49 -22.86 12.14 -5.22
N SER A 50 -23.70 13.17 -5.20
CA SER A 50 -24.16 13.83 -6.41
C SER A 50 -24.86 15.12 -6.01
N ASN A 51 -25.03 16.01 -7.01
CA ASN A 51 -25.77 17.27 -6.91
C ASN A 51 -25.32 18.11 -5.73
N PRO A 52 -24.13 18.70 -5.78
CA PRO A 52 -23.64 19.48 -4.63
C PRO A 52 -24.16 20.91 -4.63
N LEU A 53 -24.36 21.44 -3.42
CA LEU A 53 -24.68 22.85 -3.24
C LEU A 53 -23.40 23.59 -2.82
N THR A 54 -23.33 24.86 -3.19
CA THR A 54 -22.10 25.64 -3.05
C THR A 54 -22.29 26.73 -2.00
N LYS A 55 -21.33 26.86 -1.09
CA LYS A 55 -21.29 27.96 -0.14
C LYS A 55 -19.89 28.55 -0.09
N ASP A 56 -19.81 29.88 -0.13
CA ASP A 56 -18.54 30.58 -0.18
C ASP A 56 -18.13 31.02 1.21
N ILE A 57 -16.86 30.77 1.56
CA ILE A 57 -16.28 31.22 2.83
C ILE A 57 -14.96 31.90 2.52
N VAL A 58 -14.49 32.71 3.48
CA VAL A 58 -13.20 33.38 3.40
C VAL A 58 -12.36 32.88 4.55
N ILE A 59 -11.13 32.47 4.25
CA ILE A 59 -10.17 32.08 5.26
C ILE A 59 -9.02 33.08 5.20
N LYS A 60 -8.91 33.91 6.24
CA LYS A 60 -7.80 34.84 6.34
C LYS A 60 -6.66 34.14 7.09
N MET A 61 -5.50 34.08 6.46
CA MET A 61 -4.38 33.30 6.97
C MET A 61 -3.45 34.12 7.85
N ILE A 62 -3.80 35.37 8.15
CA ILE A 62 -2.97 36.20 9.02
C ILE A 62 -3.84 36.79 10.13
N PRO A 63 -3.45 36.66 11.39
CA PRO A 63 -4.25 37.24 12.47
C PRO A 63 -4.14 38.76 12.52
N ASN A 64 -5.11 39.37 13.19
CA ASN A 64 -5.11 40.80 13.42
C ASN A 64 -4.42 41.07 14.75
N VAL A 65 -3.29 41.77 14.71
CA VAL A 65 -2.49 42.02 15.90
C VAL A 65 -2.53 43.50 16.26
N SER A 66 -3.66 44.16 15.98
CA SER A 66 -3.77 45.60 16.20
C SER A 66 -3.74 45.96 17.68
N ASN A 67 -4.23 45.08 18.56
CA ASN A 67 -4.26 45.33 19.99
C ASN A 67 -2.99 44.90 20.70
N MET A 68 -1.98 44.47 19.96
CA MET A 68 -0.75 43.91 20.52
C MET A 68 0.47 44.39 19.74
N SER A 69 0.30 45.51 19.02
CA SER A 69 1.32 45.96 18.08
C SER A 69 2.64 46.36 18.75
N GLN A 70 2.62 46.66 20.05
CA GLN A 70 3.88 46.97 20.72
C GLN A 70 4.77 45.74 20.89
N CYS A 71 4.16 44.55 20.94
CA CYS A 71 4.90 43.30 21.03
C CYS A 71 4.90 42.53 19.73
N THR A 72 4.75 43.22 18.59
CA THR A 72 4.80 42.55 17.30
C THR A 72 6.22 42.43 16.78
N GLY A 73 6.96 43.54 16.77
CA GLY A 73 8.32 43.49 16.26
C GLY A 73 8.36 43.25 14.76
N SER A 74 9.31 42.44 14.33
CA SER A 74 9.50 42.13 12.92
C SER A 74 9.00 40.73 12.55
N VAL A 75 8.26 40.07 13.44
CA VAL A 75 7.82 38.71 13.15
C VAL A 75 6.72 38.71 12.09
N MET A 76 5.86 39.73 12.06
CA MET A 76 4.75 39.74 11.13
C MET A 76 5.18 40.03 9.70
N GLU A 77 6.23 40.85 9.51
CA GLU A 77 6.74 41.07 8.16
C GLU A 77 7.36 39.80 7.58
N ASN A 78 8.12 39.07 8.40
CA ASN A 78 8.68 37.80 7.94
C ASN A 78 7.57 36.79 7.67
N TYR A 79 6.54 36.77 8.53
CA TYR A 79 5.40 35.89 8.29
C TYR A 79 4.69 36.24 6.98
N LYS A 80 4.53 37.53 6.71
CA LYS A 80 3.89 37.96 5.47
C LYS A 80 4.71 37.54 4.26
N THR A 81 6.03 37.68 4.34
CA THR A 81 6.90 37.23 3.24
C THR A 81 6.78 35.73 3.02
N ARG A 82 6.77 34.96 4.11
CA ARG A 82 6.63 33.51 4.00
C ARG A 82 5.27 33.11 3.41
N LEU A 83 4.21 33.77 3.84
CA LEU A 83 2.88 33.50 3.29
C LEU A 83 2.82 33.87 1.81
N ASN A 84 3.43 34.98 1.42
CA ASN A 84 3.45 35.36 0.01
C ASN A 84 4.19 34.32 -0.81
N GLY A 85 5.33 33.83 -0.31
CA GLY A 85 6.03 32.77 -1.01
C GLY A 85 5.23 31.49 -1.12
N ILE A 86 4.45 31.18 -0.08
CA ILE A 86 3.62 29.97 -0.11
C ILE A 86 2.48 30.13 -1.11
N LEU A 87 1.82 31.28 -1.13
CA LEU A 87 0.59 31.48 -1.89
C LEU A 87 0.82 31.97 -3.32
N THR A 88 2.04 32.36 -3.68
CA THR A 88 2.29 32.80 -5.05
C THR A 88 2.08 31.69 -6.08
N PRO A 89 2.60 30.46 -5.91
CA PRO A 89 2.30 29.42 -6.92
C PRO A 89 0.82 29.07 -7.05
N ILE A 90 0.06 29.16 -5.96
CA ILE A 90 -1.37 28.87 -6.03
C ILE A 90 -2.07 29.89 -6.92
N LYS A 91 -1.76 31.18 -6.72
CA LYS A 91 -2.34 32.22 -7.55
C LYS A 91 -1.88 32.09 -9.00
N GLY A 92 -0.62 31.75 -9.20
CA GLY A 92 -0.12 31.56 -10.56
C GLY A 92 -0.79 30.41 -11.28
N ALA A 93 -1.11 29.34 -10.56
CA ALA A 93 -1.80 28.21 -11.16
C ALA A 93 -3.27 28.51 -11.40
N LEU A 94 -3.88 29.35 -10.55
CA LEU A 94 -5.27 29.75 -10.79
C LEU A 94 -5.37 30.69 -11.99
N GLU A 95 -4.42 31.61 -12.14
CA GLU A 95 -4.50 32.61 -13.21
C GLU A 95 -4.32 32.01 -14.59
N ILE A 96 -3.85 30.77 -14.69
CA ILE A 96 -3.80 30.10 -15.99
C ILE A 96 -5.21 29.92 -16.54
N TYR A 97 -6.15 29.51 -15.69
CA TYR A 97 -7.55 29.39 -16.09
C TYR A 97 -8.34 30.68 -15.92
N LYS A 98 -7.90 31.57 -15.03
CA LYS A 98 -8.56 32.86 -14.90
C LYS A 98 -8.42 33.70 -16.16
N ASN A 99 -7.22 33.71 -16.76
CA ASN A 99 -6.94 34.55 -17.91
C ASN A 99 -7.43 33.98 -19.22
N ASN A 100 -7.84 32.70 -19.25
CA ASN A 100 -8.16 32.01 -20.49
C ASN A 100 -9.59 31.49 -20.53
N THR A 101 -10.47 32.00 -19.68
CA THR A 101 -11.86 31.61 -19.65
C THR A 101 -12.73 32.84 -19.66
N HIS A 102 -13.82 32.82 -20.44
CA HIS A 102 -14.65 34.00 -20.61
C HIS A 102 -16.04 33.57 -21.03
N ASP A 103 -16.88 34.57 -21.31
CA ASP A 103 -18.21 34.32 -21.83
C ASP A 103 -18.16 34.02 -23.32
N CYS A 104 -19.15 33.27 -23.79
CA CYS A 104 -19.23 32.87 -25.19
C CYS A 104 -20.04 33.92 -25.95
N VAL A 105 -19.39 34.63 -26.87
CA VAL A 105 -20.05 35.67 -27.63
C VAL A 105 -20.68 35.16 -28.93
N GLY A 106 -20.28 33.97 -29.38
CA GLY A 106 -20.87 33.39 -30.59
C GLY A 106 -22.32 33.02 -30.39
N ASP A 107 -22.57 32.00 -29.55
CA ASP A 107 -23.93 31.62 -29.18
C ASP A 107 -23.91 30.95 -27.82
N VAL A 108 -25.02 31.02 -27.10
CA VAL A 108 -25.15 30.38 -25.81
C VAL A 108 -26.15 29.23 -25.94
N ARG A 109 -26.42 28.82 -27.18
CA ARG A 109 -27.37 27.75 -27.42
C ARG A 109 -26.88 26.42 -26.85
N LEU A 110 -25.57 26.19 -26.93
CA LEU A 110 -24.96 24.96 -26.43
C LEU A 110 -24.34 25.12 -25.05
N ALA A 111 -23.50 26.14 -24.87
CA ALA A 111 -22.88 26.41 -23.58
C ALA A 111 -22.51 27.88 -23.51
N GLY A 112 -22.22 28.35 -22.30
CA GLY A 112 -21.95 29.76 -22.09
C GLY A 112 -20.57 30.08 -21.57
N VAL A 113 -19.72 29.06 -21.42
CA VAL A 113 -18.38 29.22 -20.88
C VAL A 113 -17.39 28.85 -21.99
N CYS A 114 -16.63 29.85 -22.46
CA CYS A 114 -15.66 29.65 -23.52
C CYS A 114 -14.26 29.59 -22.94
N MET A 115 -13.51 28.55 -23.29
CA MET A 115 -12.12 28.40 -22.90
C MET A 115 -11.20 28.54 -24.11
N ALA A 116 -9.96 28.92 -23.85
CA ALA A 116 -8.92 28.96 -24.88
C ALA A 116 -8.03 27.74 -24.66
N GLY A 117 -8.29 26.70 -25.46
CA GLY A 117 -7.54 25.46 -25.31
C GLY A 117 -6.10 25.54 -25.77
N VAL A 118 -5.78 26.49 -26.65
CA VAL A 118 -4.40 26.66 -27.08
C VAL A 118 -3.56 27.24 -25.94
N ALA A 119 -4.08 28.24 -25.24
CA ALA A 119 -3.34 28.87 -24.17
C ALA A 119 -3.15 27.94 -22.98
N ILE A 120 -4.18 27.16 -22.66
CA ILE A 120 -4.07 26.19 -21.56
C ILE A 120 -3.10 25.08 -21.93
N GLY A 121 -3.21 24.56 -23.16
CA GLY A 121 -2.25 23.61 -23.67
C GLY A 121 -2.51 22.17 -23.28
N ILE A 122 -2.19 21.80 -22.05
CA ILE A 122 -2.34 20.43 -21.57
C ILE A 122 -3.23 20.45 -20.34
N ALA A 123 -4.30 19.65 -20.38
CA ALA A 123 -5.24 19.57 -19.28
C ALA A 123 -5.99 18.25 -19.37
N THR A 124 -6.66 17.90 -18.28
CA THR A 124 -7.51 16.72 -18.22
C THR A 124 -8.97 17.13 -18.20
N ALA A 125 -9.86 16.13 -18.22
CA ALA A 125 -11.29 16.42 -18.12
C ALA A 125 -11.64 17.03 -16.77
N ALA A 126 -11.05 16.51 -15.69
CA ALA A 126 -11.31 17.03 -14.37
C ALA A 126 -10.80 18.45 -14.22
N GLN A 127 -9.63 18.74 -14.79
CA GLN A 127 -9.09 20.10 -14.72
C GLN A 127 -9.98 21.08 -15.48
N ILE A 128 -10.49 20.67 -16.64
CA ILE A 128 -11.36 21.55 -17.42
C ILE A 128 -12.68 21.79 -16.68
N THR A 129 -13.27 20.74 -16.10
CA THR A 129 -14.50 20.91 -15.33
C THR A 129 -14.27 21.81 -14.12
N ALA A 130 -13.13 21.65 -13.45
CA ALA A 130 -12.82 22.48 -12.30
C ALA A 130 -12.58 23.93 -12.71
N GLY A 131 -11.97 24.15 -13.87
CA GLY A 131 -11.83 25.51 -14.37
C GLY A 131 -13.16 26.16 -14.71
N VAL A 132 -14.08 25.35 -15.25
CA VAL A 132 -15.44 25.85 -15.49
C VAL A 132 -16.09 26.27 -14.18
N ALA A 133 -15.99 25.42 -13.16
CA ALA A 133 -16.56 25.74 -11.85
C ALA A 133 -15.91 26.97 -11.25
N LEU A 134 -14.60 27.13 -11.45
CA LEU A 134 -13.91 28.32 -10.99
C LEU A 134 -14.43 29.57 -11.68
N TYR A 135 -14.69 29.49 -12.98
CA TYR A 135 -15.26 30.64 -13.69
C TYR A 135 -16.65 30.96 -13.18
N GLU A 136 -17.47 29.94 -12.89
CA GLU A 136 -18.79 30.21 -12.33
C GLU A 136 -18.68 30.87 -10.95
N ALA A 137 -17.72 30.43 -10.14
CA ALA A 137 -17.54 31.01 -8.81
C ALA A 137 -16.90 32.39 -8.84
N MET A 138 -16.29 32.78 -9.96
CA MET A 138 -15.69 34.12 -10.07
C MET A 138 -16.71 35.22 -9.85
N LYS A 139 -17.98 34.99 -10.22
CA LYS A 139 -19.00 36.03 -10.08
C LYS A 139 -19.24 36.37 -8.60
N ASN A 140 -19.30 35.35 -7.74
CA ASN A 140 -19.43 35.59 -6.31
C ASN A 140 -18.11 36.02 -5.68
N ALA A 141 -16.99 35.56 -6.24
CA ALA A 141 -15.68 36.01 -5.74
C ALA A 141 -15.51 37.51 -5.95
N ASP A 142 -16.08 38.05 -7.03
CA ASP A 142 -15.99 39.50 -7.26
C ASP A 142 -16.80 40.26 -6.22
N ASN A 143 -17.96 39.74 -5.81
CA ASN A 143 -18.75 40.39 -4.77
C ASN A 143 -18.05 40.30 -3.41
N ILE A 144 -17.46 39.14 -3.10
CA ILE A 144 -16.72 39.00 -1.85
C ILE A 144 -15.47 39.87 -1.85
N ASN A 145 -14.92 40.15 -3.05
CA ASN A 145 -13.75 41.01 -3.14
C ASN A 145 -14.05 42.45 -2.76
N LYS A 146 -15.31 42.87 -2.86
CA LYS A 146 -15.73 44.12 -2.25
C LYS A 146 -15.65 43.97 -0.73
N LEU A 147 -15.73 45.10 -0.03
CA LEU A 147 -15.52 45.17 1.42
C LEU A 147 -14.27 44.39 1.85
N LYS A 148 -13.20 44.50 1.06
CA LYS A 148 -11.93 43.87 1.43
C LYS A 148 -11.34 44.51 2.68
N SER A 149 -11.59 45.81 2.87
CA SER A 149 -11.17 46.47 4.10
C SER A 149 -11.93 45.94 5.30
N SER A 150 -13.16 45.48 5.09
CA SER A 150 -13.93 44.87 6.18
C SER A 150 -13.37 43.50 6.52
N ILE A 151 -12.87 42.76 5.53
CA ILE A 151 -12.22 41.49 5.79
C ILE A 151 -10.90 41.71 6.52
N GLU A 152 -10.13 42.72 6.09
CA GLU A 152 -8.84 43.01 6.71
C GLU A 152 -8.98 43.47 8.14
N SER A 153 -10.14 44.00 8.52
CA SER A 153 -10.34 44.56 9.86
C SER A 153 -11.03 43.59 10.81
N THR A 154 -11.17 42.32 10.44
CA THR A 154 -11.80 41.36 11.34
C THR A 154 -10.92 41.11 12.56
N ASN A 155 -11.55 41.09 13.73
CA ASN A 155 -10.84 40.98 15.00
C ASN A 155 -11.28 39.73 15.78
N GLU A 156 -12.13 38.90 15.20
CA GLU A 156 -12.61 37.69 15.86
C GLU A 156 -12.28 36.49 15.00
N ALA A 157 -12.35 35.30 15.61
CA ALA A 157 -12.03 34.07 14.89
C ALA A 157 -13.04 33.81 13.77
N VAL A 158 -14.33 34.03 14.05
CA VAL A 158 -15.39 33.87 13.04
C VAL A 158 -16.17 35.18 12.98
N VAL A 159 -16.29 35.74 11.78
CA VAL A 159 -16.98 37.01 11.57
C VAL A 159 -17.95 36.85 10.40
N LYS A 160 -19.16 37.39 10.54
CA LYS A 160 -20.14 37.37 9.48
C LYS A 160 -20.27 38.76 8.85
N LEU A 161 -20.21 38.82 7.52
CA LEU A 161 -20.47 40.05 6.79
C LEU A 161 -21.47 39.78 5.68
N GLN A 162 -21.87 40.85 4.99
CA GLN A 162 -22.90 40.77 3.95
C GLN A 162 -22.24 40.83 2.58
N GLU A 163 -22.08 39.66 1.96
CA GLU A 163 -21.62 39.62 0.57
C GLU A 163 -22.63 40.29 -0.35
N THR A 164 -23.92 40.05 -0.12
CA THR A 164 -25.00 40.76 -0.79
C THR A 164 -26.01 41.16 0.27
N ALA A 165 -27.02 41.93 -0.13
CA ALA A 165 -28.06 42.34 0.82
C ALA A 165 -28.84 41.16 1.35
N GLU A 166 -28.84 40.02 0.65
CA GLU A 166 -29.59 38.85 1.07
C GLU A 166 -28.71 37.64 1.36
N LYS A 167 -27.41 37.72 1.09
CA LYS A 167 -26.50 36.59 1.28
C LYS A 167 -25.34 37.03 2.16
N THR A 168 -24.93 36.17 3.08
CA THR A 168 -23.86 36.45 4.01
C THR A 168 -22.62 35.61 3.69
N VAL A 169 -21.48 36.09 4.17
CA VAL A 169 -20.20 35.42 4.00
C VAL A 169 -19.50 35.37 5.35
N TYR A 170 -18.84 34.25 5.64
CA TYR A 170 -18.16 34.04 6.90
C TYR A 170 -16.64 34.07 6.69
N VAL A 171 -15.96 34.85 7.52
CA VAL A 171 -14.51 34.97 7.49
C VAL A 171 -13.95 34.29 8.74
N PHE A 172 -13.00 33.38 8.52
CA PHE A 172 -12.33 32.65 9.58
C PHE A 172 -10.87 33.06 9.63
N THR A 173 -10.43 33.60 10.76
CA THR A 173 -9.07 34.06 10.94
C THR A 173 -8.24 32.95 11.59
N ALA A 174 -7.02 32.75 11.09
CA ALA A 174 -6.27 31.53 11.36
C ALA A 174 -5.91 31.39 12.83
N LEU A 175 -5.46 32.47 13.47
CA LEU A 175 -4.96 32.40 14.84
C LEU A 175 -5.55 33.49 15.72
N GLN A 176 -6.80 33.88 15.48
CA GLN A 176 -7.34 35.05 16.17
C GLN A 176 -7.70 34.73 17.61
N ASP A 177 -8.16 33.52 17.90
CA ASP A 177 -8.49 33.18 19.28
C ASP A 177 -7.24 33.14 20.17
N TYR A 178 -6.14 32.62 19.64
CA TYR A 178 -4.90 32.58 20.41
C TYR A 178 -4.42 33.99 20.73
N ILE A 179 -4.49 34.90 19.75
CA ILE A 179 -4.11 36.29 20.00
C ILE A 179 -5.05 36.92 21.03
N ASN A 180 -6.34 36.65 20.90
CA ASN A 180 -7.33 37.34 21.72
C ASN A 180 -7.30 36.88 23.17
N THR A 181 -7.01 35.60 23.42
CA THR A 181 -7.16 35.04 24.75
C THR A 181 -5.86 34.56 25.38
N ASN A 182 -4.75 34.53 24.65
CA ASN A 182 -3.49 34.05 25.19
C ASN A 182 -2.40 35.10 25.20
N LEU A 183 -2.41 36.03 24.24
CA LEU A 183 -1.35 37.03 24.13
C LEU A 183 -1.79 38.41 24.60
N VAL A 184 -2.97 38.86 24.21
CA VAL A 184 -3.48 40.17 24.62
C VAL A 184 -3.70 40.25 26.14
N PRO A 185 -4.38 39.31 26.80
CA PRO A 185 -4.56 39.45 28.26
C PRO A 185 -3.27 39.35 29.07
N THR A 186 -2.22 38.75 28.53
CA THR A 186 -0.93 38.68 29.20
C THR A 186 0.09 39.64 28.59
N ILE A 187 -0.37 40.79 28.09
CA ILE A 187 0.55 41.72 27.44
C ILE A 187 1.33 42.53 28.46
N ASP A 188 0.90 42.53 29.73
CA ASP A 188 1.57 43.29 30.77
C ASP A 188 2.22 42.43 31.84
N LYS A 189 1.75 41.20 32.04
CA LYS A 189 2.26 40.33 33.09
C LYS A 189 3.59 39.67 32.72
N ILE A 190 3.97 39.65 31.45
CA ILE A 190 5.22 39.04 31.01
C ILE A 190 5.97 40.06 30.16
N PRO A 191 7.30 39.92 30.05
CA PRO A 191 8.06 40.83 29.18
C PRO A 191 7.59 40.77 27.74
N CYS A 192 7.64 41.94 27.09
CA CYS A 192 7.14 42.06 25.72
C CYS A 192 7.93 41.19 24.74
N LYS A 193 9.21 40.97 25.01
CA LYS A 193 10.01 40.11 24.15
C LYS A 193 9.52 38.67 24.19
N GLN A 194 9.12 38.20 25.37
CA GLN A 194 8.56 36.85 25.47
C GLN A 194 7.25 36.72 24.71
N THR A 195 6.41 37.76 24.75
CA THR A 195 5.18 37.77 23.98
C THR A 195 5.46 37.73 22.49
N GLU A 196 6.45 38.51 22.04
CA GLU A 196 6.84 38.50 20.63
C GLU A 196 7.35 37.12 20.21
N LEU A 197 8.16 36.49 21.06
CA LEU A 197 8.70 35.17 20.74
C LEU A 197 7.59 34.13 20.68
N SER A 198 6.62 34.21 21.60
CA SER A 198 5.51 33.27 21.59
C SER A 198 4.64 33.45 20.36
N LEU A 199 4.40 34.69 19.95
CA LEU A 199 3.69 34.94 18.70
C LEU A 199 4.46 34.36 17.51
N ASP A 200 5.78 34.49 17.53
CA ASP A 200 6.60 33.95 16.44
C ASP A 200 6.46 32.44 16.36
N LEU A 201 6.55 31.73 17.50
CA LEU A 201 6.38 30.29 17.47
C LEU A 201 4.95 29.88 17.10
N ALA A 202 3.94 30.67 17.50
CA ALA A 202 2.58 30.36 17.09
C ALA A 202 2.43 30.42 15.58
N LEU A 203 2.95 31.49 14.96
CA LEU A 203 2.86 31.62 13.51
C LEU A 203 3.67 30.52 12.81
N SER A 204 4.85 30.19 13.35
CA SER A 204 5.67 29.14 12.75
C SER A 204 4.98 27.78 12.85
N LYS A 205 4.33 27.48 13.97
CA LYS A 205 3.60 26.22 14.09
C LYS A 205 2.41 26.18 13.14
N TYR A 206 1.72 27.31 12.97
CA TYR A 206 0.64 27.37 12.00
C TYR A 206 1.15 27.08 10.59
N LEU A 207 2.30 27.67 10.22
CA LEU A 207 2.87 27.40 8.90
C LEU A 207 3.31 25.95 8.77
N SER A 208 3.85 25.37 9.85
CA SER A 208 4.27 23.97 9.80
C SER A 208 3.09 23.05 9.57
N ASP A 209 1.96 23.31 10.24
CA ASP A 209 0.76 22.54 9.97
C ASP A 209 0.24 22.76 8.56
N LEU A 210 0.29 24.01 8.07
CA LEU A 210 -0.28 24.34 6.78
C LEU A 210 0.50 23.72 5.62
N LEU A 211 1.83 23.69 5.72
CA LEU A 211 2.66 23.32 4.59
C LEU A 211 2.50 21.87 4.16
N PHE A 212 1.93 21.01 5.01
CA PHE A 212 1.69 19.63 4.61
C PHE A 212 0.60 19.53 3.56
N VAL A 213 -0.22 20.57 3.43
CA VAL A 213 -1.38 20.56 2.56
C VAL A 213 -1.30 21.64 1.48
N PHE A 214 -0.95 22.87 1.88
CA PHE A 214 -0.94 24.00 0.96
C PHE A 214 0.45 24.30 0.39
N GLY A 215 1.42 23.43 0.64
CA GLY A 215 2.77 23.66 0.18
C GLY A 215 2.96 23.24 -1.27
N PRO A 216 4.16 22.76 -1.60
CA PRO A 216 4.42 22.27 -2.97
C PRO A 216 3.57 21.08 -3.36
N ASN A 217 2.98 20.37 -2.39
CA ASN A 217 2.08 19.27 -2.70
C ASN A 217 0.81 19.73 -3.40
N LEU A 218 0.43 21.00 -3.22
CA LEU A 218 -0.73 21.56 -3.93
C LEU A 218 -0.30 21.99 -5.33
N GLN A 219 -0.02 20.97 -6.14
CA GLN A 219 0.38 21.22 -7.53
C GLN A 219 -0.80 21.71 -8.36
N ASP A 220 -2.01 21.21 -8.07
CA ASP A 220 -3.21 21.51 -8.86
C ASP A 220 -4.28 22.09 -7.93
N PRO A 221 -4.27 23.41 -7.72
CA PRO A 221 -5.33 24.03 -6.90
C PRO A 221 -6.65 24.18 -7.62
N VAL A 222 -6.70 23.94 -8.94
CA VAL A 222 -7.94 24.13 -9.69
C VAL A 222 -8.97 23.06 -9.31
N SER A 223 -8.51 21.82 -9.13
CA SER A 223 -9.42 20.69 -8.94
C SER A 223 -10.25 20.85 -7.67
N ASN A 224 -11.48 20.35 -7.72
CA ASN A 224 -12.40 20.41 -6.59
C ASN A 224 -12.51 19.09 -5.84
N SER A 225 -11.43 18.31 -5.80
CA SER A 225 -11.38 17.08 -5.03
C SER A 225 -10.72 17.27 -3.67
N MET A 226 -10.43 18.51 -3.29
CA MET A 226 -9.78 18.81 -2.02
C MET A 226 -10.82 18.81 -0.90
N THR A 227 -10.72 17.86 0.02
CA THR A 227 -11.73 17.71 1.06
C THR A 227 -11.68 18.87 2.05
N ILE A 228 -12.78 19.04 2.79
CA ILE A 228 -12.87 20.12 3.76
C ILE A 228 -11.93 19.89 4.93
N GLN A 229 -11.62 18.63 5.24
CA GLN A 229 -10.67 18.34 6.31
C GLN A 229 -9.27 18.85 5.95
N ALA A 230 -8.86 18.67 4.69
CA ALA A 230 -7.56 19.15 4.27
C ALA A 230 -7.54 20.67 4.15
N ILE A 231 -8.62 21.27 3.68
CA ILE A 231 -8.69 22.72 3.54
C ILE A 231 -8.67 23.41 4.90
N SER A 232 -9.29 22.79 5.91
CA SER A 232 -9.37 23.39 7.24
C SER A 232 -8.02 23.50 7.93
N GLN A 233 -6.94 22.97 7.33
CA GLN A 233 -5.61 23.20 7.87
C GLN A 233 -5.22 24.67 7.83
N ALA A 234 -5.87 25.46 6.96
CA ALA A 234 -5.71 26.90 6.98
C ALA A 234 -6.44 27.57 8.14
N PHE A 235 -7.31 26.82 8.84
CA PHE A 235 -7.99 27.29 10.03
C PHE A 235 -7.55 26.49 11.24
N GLY A 236 -6.40 25.84 11.15
CA GLY A 236 -5.90 25.05 12.27
C GLY A 236 -6.54 23.69 12.44
N GLY A 237 -7.11 23.13 11.38
CA GLY A 237 -7.72 21.82 11.46
C GLY A 237 -9.12 21.80 12.03
N ASN A 238 -9.76 22.95 12.16
CA ASN A 238 -11.08 23.05 12.77
C ASN A 238 -12.14 23.13 11.67
N TYR A 239 -12.43 21.98 11.05
CA TYR A 239 -13.48 21.93 10.05
C TYR A 239 -14.87 21.85 10.68
N GLU A 240 -14.97 21.41 11.94
CA GLU A 240 -16.27 21.39 12.60
C GLU A 240 -16.82 22.81 12.75
N THR A 241 -15.95 23.78 13.06
CA THR A 241 -16.39 25.16 13.13
C THR A 241 -16.93 25.65 11.80
N LEU A 242 -16.21 25.36 10.70
CA LEU A 242 -16.66 25.78 9.38
C LEU A 242 -18.01 25.17 9.03
N LEU A 243 -18.14 23.85 9.20
CA LEU A 243 -19.39 23.18 8.83
C LEU A 243 -20.55 23.63 9.71
N ARG A 244 -20.33 23.76 11.01
CA ARG A 244 -21.40 24.18 11.91
C ARG A 244 -21.83 25.62 11.63
N THR A 245 -20.87 26.51 11.39
CA THR A 245 -21.20 27.90 11.12
C THR A 245 -21.94 28.04 9.79
N LEU A 246 -21.52 27.27 8.77
CA LEU A 246 -22.19 27.34 7.48
C LEU A 246 -23.62 26.80 7.56
N GLY A 247 -23.83 25.74 8.32
CA GLY A 247 -25.11 25.06 8.31
C GLY A 247 -25.16 23.95 7.29
N TYR A 248 -25.92 22.91 7.61
CA TYR A 248 -25.96 21.73 6.75
C TYR A 248 -27.25 20.96 7.02
N ALA A 249 -27.56 20.05 6.11
CA ALA A 249 -28.63 19.09 6.31
C ALA A 249 -28.08 17.90 7.12
N THR A 250 -28.73 17.60 8.23
CA THR A 250 -28.22 16.63 9.19
C THR A 250 -28.63 15.20 8.87
N GLU A 251 -29.28 14.96 7.73
CA GLU A 251 -29.76 13.62 7.41
C GLU A 251 -28.59 12.65 7.21
N ASP A 252 -27.58 13.06 6.43
CA ASP A 252 -26.43 12.21 6.14
C ASP A 252 -25.12 12.96 6.32
N PHE A 253 -25.09 13.92 7.25
CA PHE A 253 -23.95 14.81 7.38
C PHE A 253 -22.67 14.06 7.75
N ASP A 254 -22.77 13.12 8.70
CA ASP A 254 -21.58 12.38 9.11
C ASP A 254 -21.12 11.43 8.03
N ASP A 255 -22.06 10.80 7.30
CA ASP A 255 -21.69 9.93 6.20
C ASP A 255 -21.07 10.72 5.05
N LEU A 256 -21.59 11.91 4.77
CA LEU A 256 -20.96 12.78 3.77
C LEU A 256 -19.56 13.19 4.20
N LEU A 257 -19.39 13.51 5.49
CA LEU A 257 -18.11 14.04 5.95
C LEU A 257 -17.03 12.96 6.01
N GLU A 258 -17.38 11.77 6.51
CA GLU A 258 -16.38 10.73 6.70
C GLU A 258 -15.98 10.03 5.41
N SER A 259 -16.77 10.14 4.35
CA SER A 259 -16.46 9.50 3.08
C SER A 259 -15.73 10.41 2.11
N ASP A 260 -15.17 11.52 2.61
CA ASP A 260 -14.42 12.48 1.80
C ASP A 260 -15.28 13.03 0.65
N SER A 261 -16.55 13.29 0.94
CA SER A 261 -17.48 13.78 -0.07
C SER A 261 -17.72 15.28 0.01
N ILE A 262 -17.56 15.89 1.18
CA ILE A 262 -17.66 17.33 1.32
C ILE A 262 -16.29 17.92 0.98
N THR A 263 -16.17 18.48 -0.22
CA THR A 263 -14.92 19.03 -0.71
C THR A 263 -15.03 20.53 -0.87
N GLY A 264 -13.90 21.15 -1.24
CA GLY A 264 -13.87 22.58 -1.46
C GLY A 264 -12.85 22.93 -2.52
N GLN A 265 -12.98 24.15 -3.04
CA GLN A 265 -12.12 24.62 -4.11
C GLN A 265 -11.71 26.06 -3.85
N ILE A 266 -10.44 26.36 -4.03
CA ILE A 266 -9.93 27.72 -3.89
C ILE A 266 -10.28 28.50 -5.15
N ILE A 267 -11.00 29.60 -5.00
CA ILE A 267 -11.44 30.40 -6.14
C ILE A 267 -10.81 31.77 -6.20
N TYR A 268 -10.14 32.22 -5.14
CA TYR A 268 -9.46 33.51 -5.16
C TYR A 268 -8.40 33.52 -4.07
N VAL A 269 -7.22 34.04 -4.39
CA VAL A 269 -6.13 34.20 -3.44
C VAL A 269 -5.68 35.65 -3.49
N ASP A 270 -5.72 36.34 -2.34
CA ASP A 270 -5.31 37.73 -2.25
C ASP A 270 -3.95 37.79 -1.58
N LEU A 271 -2.98 38.40 -2.27
CA LEU A 271 -1.61 38.48 -1.79
C LEU A 271 -1.31 39.80 -1.09
N SER A 272 -2.31 40.67 -0.94
CA SER A 272 -2.17 41.89 -0.17
C SER A 272 -2.80 41.79 1.20
N SER A 273 -4.03 41.29 1.28
CA SER A 273 -4.72 41.04 2.53
C SER A 273 -4.48 39.65 3.09
N TYR A 274 -3.88 38.75 2.30
CA TYR A 274 -3.50 37.41 2.73
C TYR A 274 -4.72 36.60 3.19
N TYR A 275 -5.67 36.42 2.27
CA TYR A 275 -6.81 35.55 2.49
C TYR A 275 -7.07 34.74 1.23
N ILE A 276 -7.88 33.70 1.38
CA ILE A 276 -8.35 32.91 0.26
C ILE A 276 -9.87 32.79 0.37
N ILE A 277 -10.51 32.57 -0.77
CA ILE A 277 -11.95 32.33 -0.85
C ILE A 277 -12.15 30.90 -1.29
N VAL A 278 -12.92 30.15 -0.50
CA VAL A 278 -13.12 28.72 -0.72
C VAL A 278 -14.59 28.46 -0.95
N ARG A 279 -14.91 27.74 -2.03
CA ARG A 279 -16.27 27.32 -2.32
C ARG A 279 -16.45 25.88 -1.86
N VAL A 280 -17.21 25.69 -0.79
CA VAL A 280 -17.44 24.38 -0.20
C VAL A 280 -18.66 23.75 -0.86
N TYR A 281 -18.52 22.48 -1.24
CA TYR A 281 -19.58 21.73 -1.90
C TYR A 281 -20.20 20.74 -0.92
N PHE A 282 -21.52 20.76 -0.80
CA PHE A 282 -22.29 19.85 0.05
C PHE A 282 -23.15 18.98 -0.85
N PRO A 283 -22.74 17.75 -1.12
CA PRO A 283 -23.52 16.88 -2.00
C PRO A 283 -24.64 16.18 -1.23
N ILE A 284 -25.44 15.43 -1.97
CA ILE A 284 -26.40 14.50 -1.42
C ILE A 284 -25.97 13.10 -1.81
N LEU A 285 -26.50 12.11 -1.11
CA LEU A 285 -26.19 10.71 -1.37
C LEU A 285 -27.33 10.07 -2.13
N THR A 286 -27.07 9.64 -3.36
CA THR A 286 -28.04 8.89 -4.15
C THR A 286 -27.75 7.41 -4.03
N GLU A 287 -28.79 6.64 -3.71
CA GLU A 287 -28.68 5.20 -3.66
C GLU A 287 -28.78 4.63 -5.06
N ILE A 288 -27.76 3.88 -5.48
CA ILE A 288 -27.77 3.29 -6.81
C ILE A 288 -28.81 2.18 -6.85
N GLN A 289 -29.80 2.33 -7.72
CA GLN A 289 -30.91 1.40 -7.76
C GLN A 289 -30.49 0.07 -8.37
N GLN A 290 -31.07 -1.01 -7.84
CA GLN A 290 -30.76 -2.39 -8.27
C GLN A 290 -29.28 -2.69 -8.15
N ALA A 291 -28.66 -2.16 -7.09
CA ALA A 291 -27.25 -2.38 -6.83
C ALA A 291 -27.04 -2.59 -5.35
N TYR A 292 -26.19 -3.55 -5.00
CA TYR A 292 -25.88 -3.83 -3.61
C TYR A 292 -24.47 -4.39 -3.51
N ILE A 293 -24.01 -4.51 -2.27
CA ILE A 293 -22.67 -5.02 -1.96
C ILE A 293 -22.80 -6.13 -0.93
N GLN A 294 -22.23 -7.29 -1.25
CA GLN A 294 -22.29 -8.46 -0.40
C GLN A 294 -20.93 -8.70 0.24
N GLU A 295 -20.92 -8.90 1.56
CA GLU A 295 -19.72 -9.18 2.31
C GLU A 295 -19.63 -10.67 2.59
N LEU A 296 -18.43 -11.23 2.39
CA LEU A 296 -18.17 -12.64 2.65
C LEU A 296 -17.17 -12.77 3.80
N LEU A 297 -17.63 -13.32 4.92
CA LEU A 297 -16.76 -13.60 6.05
C LEU A 297 -15.89 -14.79 5.74
N PRO A 298 -14.56 -14.67 5.77
CA PRO A 298 -13.71 -15.82 5.47
C PRO A 298 -13.55 -16.72 6.69
N VAL A 299 -13.73 -18.02 6.47
CA VAL A 299 -13.57 -19.03 7.50
C VAL A 299 -12.59 -20.06 6.98
N SER A 300 -11.61 -20.44 7.80
CA SER A 300 -10.67 -21.48 7.42
C SER A 300 -11.37 -22.84 7.38
N PHE A 301 -11.07 -23.63 6.37
CA PHE A 301 -11.67 -24.95 6.21
C PHE A 301 -10.57 -26.01 6.13
N ASN A 302 -11.00 -27.26 6.23
CA ASN A 302 -10.10 -28.41 6.36
C ASN A 302 -10.03 -29.19 5.06
N ASN A 303 -8.81 -29.54 4.66
CA ASN A 303 -8.62 -30.33 3.44
C ASN A 303 -7.28 -31.03 3.53
N ASP A 304 -7.29 -32.37 3.51
CA ASP A 304 -6.09 -33.20 3.51
C ASP A 304 -5.18 -32.91 4.70
N ASN A 305 -5.77 -32.96 5.91
CA ASN A 305 -5.06 -32.76 7.16
C ASN A 305 -4.35 -31.41 7.21
N SER A 306 -4.95 -30.39 6.60
CA SER A 306 -4.37 -29.05 6.55
C SER A 306 -5.49 -28.03 6.54
N GLU A 307 -5.12 -26.78 6.81
CA GLU A 307 -6.07 -25.68 6.95
C GLU A 307 -5.89 -24.69 5.82
N TRP A 308 -7.00 -24.26 5.23
CA TRP A 308 -6.98 -23.42 4.04
C TRP A 308 -7.99 -22.29 4.16
N ILE A 309 -7.71 -21.19 3.48
CA ILE A 309 -8.62 -20.06 3.37
C ILE A 309 -8.80 -19.72 1.90
N SER A 310 -10.04 -19.52 1.47
CA SER A 310 -10.31 -19.20 0.07
C SER A 310 -9.83 -17.79 -0.25
N ILE A 311 -9.24 -17.62 -1.44
CA ILE A 311 -8.75 -16.32 -1.88
C ILE A 311 -9.78 -15.78 -2.88
N VAL A 312 -10.76 -15.05 -2.35
CA VAL A 312 -11.76 -14.35 -3.15
C VAL A 312 -11.93 -12.95 -2.57
N PRO A 313 -12.50 -12.01 -3.33
CA PRO A 313 -12.83 -10.71 -2.74
C PRO A 313 -13.80 -10.84 -1.59
N ASN A 314 -13.58 -10.04 -0.55
CA ASN A 314 -14.49 -10.04 0.59
C ASN A 314 -15.77 -9.28 0.29
N PHE A 315 -15.68 -8.21 -0.51
CA PHE A 315 -16.83 -7.40 -0.89
C PHE A 315 -17.07 -7.54 -2.38
N ILE A 316 -18.28 -7.93 -2.75
CA ILE A 316 -18.67 -8.13 -4.15
C ILE A 316 -19.81 -7.18 -4.48
N LEU A 317 -19.64 -6.38 -5.53
CA LEU A 317 -20.66 -5.43 -5.95
C LEU A 317 -21.52 -6.06 -7.03
N VAL A 318 -22.81 -6.20 -6.77
CA VAL A 318 -23.75 -6.72 -7.74
C VAL A 318 -24.62 -5.55 -8.19
N ARG A 319 -24.47 -5.16 -9.45
CA ARG A 319 -25.20 -4.04 -10.03
C ARG A 319 -25.92 -4.52 -11.28
N ASN A 320 -27.26 -4.49 -11.25
CA ASN A 320 -28.11 -4.93 -12.36
C ASN A 320 -27.76 -6.37 -12.76
N THR A 321 -27.64 -7.24 -11.75
CA THR A 321 -27.25 -8.64 -11.90
C THR A 321 -25.89 -8.80 -12.59
N LEU A 322 -25.01 -7.80 -12.44
CA LEU A 322 -23.64 -7.86 -12.96
C LEU A 322 -22.71 -7.88 -11.76
N ILE A 323 -21.86 -8.90 -11.69
CA ILE A 323 -20.95 -9.08 -10.57
C ILE A 323 -19.63 -8.42 -10.89
N SER A 324 -19.11 -7.62 -9.96
CA SER A 324 -17.82 -6.98 -10.15
C SER A 324 -17.17 -6.71 -8.80
N ASN A 325 -15.91 -6.31 -8.86
CA ASN A 325 -15.17 -5.91 -7.68
C ASN A 325 -15.47 -4.47 -7.33
N ILE A 326 -14.96 -4.04 -6.18
CA ILE A 326 -15.08 -2.65 -5.73
C ILE A 326 -13.89 -2.33 -4.85
N GLU A 327 -13.31 -1.15 -5.06
CA GLU A 327 -12.21 -0.67 -4.21
C GLU A 327 -12.82 -0.16 -2.90
N ILE A 328 -13.03 -1.09 -1.97
CA ILE A 328 -13.68 -0.77 -0.71
C ILE A 328 -12.78 -0.01 0.25
N GLY A 329 -11.49 0.10 -0.05
CA GLY A 329 -10.59 0.87 0.80
C GLY A 329 -10.82 2.36 0.71
N PHE A 330 -11.37 2.82 -0.40
CA PHE A 330 -11.69 4.23 -0.60
C PHE A 330 -13.12 4.58 -0.23
N CYS A 331 -13.91 3.60 0.16
CA CYS A 331 -15.33 3.80 0.46
C CYS A 331 -15.57 3.66 1.96
N LEU A 332 -16.59 4.36 2.45
CA LEU A 332 -16.99 4.24 3.84
C LEU A 332 -17.98 3.10 4.00
N ILE A 333 -17.68 2.18 4.91
CA ILE A 333 -18.53 1.03 5.18
C ILE A 333 -19.30 1.31 6.46
N THR A 334 -20.62 1.25 6.38
CA THR A 334 -21.49 1.43 7.52
C THR A 334 -22.31 0.16 7.74
N LYS A 335 -23.25 0.23 8.69
CA LYS A 335 -24.09 -0.94 8.98
C LYS A 335 -25.02 -1.26 7.83
N ARG A 336 -25.58 -0.24 7.18
CA ARG A 336 -26.63 -0.44 6.19
C ARG A 336 -26.21 -0.17 4.75
N SER A 337 -25.21 0.69 4.53
CA SER A 337 -24.86 1.07 3.16
C SER A 337 -23.37 1.38 3.08
N VAL A 338 -22.86 1.36 1.86
CA VAL A 338 -21.49 1.72 1.55
C VAL A 338 -21.50 3.06 0.84
N ILE A 339 -20.86 4.06 1.44
CA ILE A 339 -20.90 5.43 0.95
C ILE A 339 -19.57 5.74 0.29
N CYS A 340 -19.61 6.19 -0.95
CA CYS A 340 -18.43 6.55 -1.71
C CYS A 340 -18.64 7.90 -2.38
N ASN A 341 -17.53 8.60 -2.64
CA ASN A 341 -17.60 9.87 -3.35
C ASN A 341 -17.60 9.70 -4.86
N GLN A 342 -17.34 8.49 -5.37
CA GLN A 342 -17.35 8.23 -6.80
C GLN A 342 -17.54 6.73 -7.00
N ASP A 343 -17.67 6.34 -8.26
CA ASP A 343 -17.91 4.94 -8.61
C ASP A 343 -16.57 4.21 -8.61
N TYR A 344 -16.40 3.26 -7.69
CA TYR A 344 -15.14 2.56 -7.49
C TYR A 344 -15.19 1.12 -8.02
N ALA A 345 -16.12 0.80 -8.90
CA ALA A 345 -16.23 -0.55 -9.42
C ALA A 345 -15.07 -0.85 -10.36
N THR A 346 -14.53 -2.06 -10.25
CA THR A 346 -13.49 -2.58 -11.12
C THR A 346 -13.92 -3.92 -11.68
N PRO A 347 -13.45 -4.29 -12.87
CA PRO A 347 -13.90 -5.55 -13.48
C PRO A 347 -13.38 -6.77 -12.75
N MET A 348 -13.99 -7.90 -13.04
CA MET A 348 -13.68 -9.18 -12.41
C MET A 348 -13.39 -10.22 -13.49
N THR A 349 -12.44 -11.11 -13.20
CA THR A 349 -12.12 -12.18 -14.13
C THR A 349 -13.30 -13.13 -14.27
N ASN A 350 -13.39 -13.76 -15.45
CA ASN A 350 -14.45 -14.73 -15.68
C ASN A 350 -14.31 -15.94 -14.77
N ASN A 351 -13.07 -16.33 -14.44
CA ASN A 351 -12.87 -17.45 -13.54
C ASN A 351 -13.38 -17.16 -12.14
N MET A 352 -13.11 -15.96 -11.61
CA MET A 352 -13.65 -15.59 -10.30
C MET A 352 -15.16 -15.42 -10.34
N ARG A 353 -15.69 -14.88 -11.43
CA ARG A 353 -17.14 -14.76 -11.56
C ARG A 353 -17.81 -16.12 -11.57
N GLU A 354 -17.20 -17.10 -12.25
CA GLU A 354 -17.72 -18.46 -12.23
C GLU A 354 -17.53 -19.11 -10.86
N CYS A 355 -16.46 -18.76 -10.16
CA CYS A 355 -16.25 -19.25 -8.80
C CYS A 355 -17.35 -18.76 -7.87
N LEU A 356 -17.75 -17.50 -8.00
CA LEU A 356 -18.79 -16.95 -7.13
C LEU A 356 -20.19 -17.44 -7.49
N THR A 357 -20.38 -18.01 -8.67
CA THR A 357 -21.69 -18.49 -9.08
C THR A 357 -21.86 -20.00 -8.88
N GLY A 358 -20.87 -20.69 -8.32
CA GLY A 358 -21.05 -22.10 -8.01
C GLY A 358 -19.88 -23.00 -8.37
N SER A 359 -19.05 -22.59 -9.31
CA SER A 359 -17.92 -23.41 -9.75
C SER A 359 -16.79 -23.26 -8.74
N THR A 360 -16.91 -24.00 -7.64
CA THR A 360 -15.94 -23.91 -6.55
C THR A 360 -14.59 -24.50 -6.91
N GLU A 361 -14.48 -25.24 -8.02
CA GLU A 361 -13.20 -25.76 -8.44
C GLU A 361 -12.27 -24.68 -8.99
N LYS A 362 -12.78 -23.46 -9.22
CA LYS A 362 -12.00 -22.36 -9.73
C LYS A 362 -11.67 -21.32 -8.67
N CYS A 363 -11.99 -21.60 -7.41
CA CYS A 363 -11.72 -20.65 -6.33
C CYS A 363 -10.36 -20.97 -5.71
N PRO A 364 -9.40 -20.06 -5.78
CA PRO A 364 -8.08 -20.34 -5.20
C PRO A 364 -8.13 -20.40 -3.68
N ARG A 365 -7.18 -21.12 -3.11
CA ARG A 365 -7.08 -21.29 -1.67
C ARG A 365 -5.63 -21.15 -1.24
N GLU A 366 -5.43 -20.67 -0.02
CA GLU A 366 -4.10 -20.44 0.55
C GLU A 366 -3.97 -21.21 1.85
N LEU A 367 -2.81 -21.82 2.05
CA LEU A 367 -2.54 -22.57 3.26
C LEU A 367 -2.48 -21.63 4.46
N VAL A 368 -2.96 -22.13 5.59
CA VAL A 368 -2.95 -21.39 6.84
C VAL A 368 -1.78 -21.90 7.68
N VAL A 369 -0.76 -21.06 7.86
CA VAL A 369 0.33 -21.35 8.77
C VAL A 369 0.29 -20.48 10.01
N SER A 370 -0.52 -19.43 10.04
CA SER A 370 -0.68 -18.61 11.21
C SER A 370 -1.70 -19.22 12.16
N SER A 371 -1.50 -18.99 13.45
CA SER A 371 -2.39 -19.52 14.48
C SER A 371 -3.56 -18.60 14.78
N HIS A 372 -3.57 -17.39 14.22
CA HIS A 372 -4.63 -16.41 14.48
C HIS A 372 -5.41 -16.19 13.20
N VAL A 373 -6.40 -17.05 12.96
CA VAL A 373 -7.29 -16.92 11.81
C VAL A 373 -8.70 -17.22 12.25
N PRO A 374 -9.69 -16.61 11.58
CA PRO A 374 -11.09 -16.92 11.89
C PRO A 374 -11.40 -18.39 11.59
N ARG A 375 -11.96 -19.08 12.58
CA ARG A 375 -12.24 -20.49 12.47
C ARG A 375 -13.72 -20.82 12.46
N PHE A 376 -14.59 -19.87 12.80
CA PHE A 376 -16.02 -20.09 12.70
C PHE A 376 -16.72 -18.76 12.47
N ALA A 377 -17.97 -18.83 12.01
CA ALA A 377 -18.76 -17.64 11.78
C ALA A 377 -20.23 -17.99 11.96
N LEU A 378 -21.05 -16.96 12.12
CA LEU A 378 -22.47 -17.10 12.31
C LEU A 378 -23.21 -16.33 11.22
N SER A 379 -24.22 -16.97 10.63
CA SER A 379 -25.02 -16.32 9.61
C SER A 379 -26.47 -16.76 9.77
N ASN A 380 -27.35 -15.78 10.02
CA ASN A 380 -28.78 -16.01 10.18
C ASN A 380 -29.07 -17.04 11.28
N GLY A 381 -28.25 -17.02 12.32
CA GLY A 381 -28.42 -17.95 13.42
C GLY A 381 -27.86 -19.33 13.19
N VAL A 382 -27.16 -19.56 12.08
CA VAL A 382 -26.60 -20.86 11.76
C VAL A 382 -25.08 -20.75 11.82
N LEU A 383 -24.43 -21.70 12.48
CA LEU A 383 -23.01 -21.59 12.77
C LEU A 383 -22.22 -22.46 11.79
N PHE A 384 -21.29 -21.84 11.06
CA PHE A 384 -20.39 -22.55 10.17
C PHE A 384 -19.01 -22.57 10.85
N ALA A 385 -18.58 -23.76 11.25
CA ALA A 385 -17.39 -23.90 12.08
C ALA A 385 -16.48 -24.99 11.53
N ASN A 386 -15.17 -24.76 11.66
CA ASN A 386 -14.15 -25.75 11.33
C ASN A 386 -13.83 -26.50 12.61
N CYS A 387 -14.58 -27.58 12.88
CA CYS A 387 -14.48 -28.27 14.15
C CYS A 387 -13.30 -29.22 14.23
N ILE A 388 -12.49 -29.33 13.18
CA ILE A 388 -11.23 -30.05 13.29
C ILE A 388 -10.23 -29.26 14.12
N SER A 389 -10.18 -27.94 13.93
CA SER A 389 -9.20 -27.10 14.62
C SER A 389 -9.71 -26.47 15.91
N VAL A 390 -11.02 -26.38 16.10
CA VAL A 390 -11.58 -25.90 17.36
C VAL A 390 -12.45 -26.99 17.95
N THR A 391 -12.57 -26.97 19.28
CA THR A 391 -13.34 -27.99 20.00
C THR A 391 -14.78 -27.49 20.13
N CYS A 392 -15.62 -27.84 19.16
CA CYS A 392 -17.04 -27.51 19.22
C CYS A 392 -17.79 -28.66 19.87
N GLN A 393 -18.67 -28.32 20.81
CA GLN A 393 -19.45 -29.31 21.55
C GLN A 393 -20.91 -28.88 21.57
N CYS A 394 -21.77 -29.83 21.91
CA CYS A 394 -23.21 -29.56 22.04
C CYS A 394 -23.56 -29.52 23.51
N GLN A 395 -24.05 -28.38 23.97
CA GLN A 395 -24.44 -28.23 25.37
C GLN A 395 -25.67 -29.06 25.72
N THR A 396 -26.47 -29.44 24.73
CA THR A 396 -27.65 -30.25 24.98
C THR A 396 -27.28 -31.62 25.52
N THR A 397 -26.23 -32.24 24.96
CA THR A 397 -25.81 -33.57 25.38
C THR A 397 -24.45 -33.60 26.06
N GLY A 398 -23.64 -32.56 25.92
CA GLY A 398 -22.31 -32.55 26.51
C GLY A 398 -21.25 -33.28 25.72
N ARG A 399 -21.57 -33.77 24.53
CA ARG A 399 -20.65 -34.49 23.68
C ARG A 399 -20.14 -33.59 22.57
N ALA A 400 -18.91 -33.84 22.11
CA ALA A 400 -18.32 -33.04 21.06
C ALA A 400 -18.97 -33.37 19.71
N ILE A 401 -18.91 -32.40 18.80
CA ILE A 401 -19.44 -32.54 17.46
C ILE A 401 -18.29 -32.90 16.52
N SER A 402 -18.51 -33.87 15.64
CA SER A 402 -17.45 -34.47 14.84
C SER A 402 -17.46 -33.89 13.43
N GLN A 403 -16.28 -33.55 12.94
CA GLN A 403 -16.07 -33.22 11.53
C GLN A 403 -15.16 -34.28 10.92
N SER A 404 -15.65 -34.93 9.87
CA SER A 404 -14.88 -35.98 9.22
C SER A 404 -13.75 -35.39 8.39
N GLY A 405 -12.85 -36.26 7.93
CA GLY A 405 -11.73 -35.82 7.12
C GLY A 405 -12.13 -35.35 5.73
N GLU A 406 -13.30 -35.75 5.25
CA GLU A 406 -13.79 -35.33 3.94
C GLU A 406 -14.73 -34.12 4.02
N GLN A 407 -14.93 -33.56 5.21
CA GLN A 407 -15.78 -32.39 5.37
C GLN A 407 -14.92 -31.15 5.55
N THR A 408 -15.14 -30.16 4.68
CA THR A 408 -14.42 -28.90 4.81
C THR A 408 -14.91 -28.09 6.01
N LEU A 409 -16.22 -27.99 6.18
CA LEU A 409 -16.82 -27.19 7.24
C LEU A 409 -18.00 -27.95 7.83
N LEU A 410 -18.39 -27.54 9.03
CA LEU A 410 -19.58 -28.07 9.70
C LEU A 410 -20.63 -26.98 9.80
N MET A 411 -21.85 -27.30 9.39
CA MET A 411 -23.01 -26.45 9.57
C MET A 411 -23.79 -26.95 10.77
N ILE A 412 -24.02 -26.07 11.74
CA ILE A 412 -24.72 -26.42 12.97
C ILE A 412 -25.93 -25.49 13.09
N ASP A 413 -27.10 -26.10 13.27
CA ASP A 413 -28.36 -25.40 13.46
C ASP A 413 -29.14 -26.13 14.54
N ASN A 414 -30.37 -25.68 14.82
CA ASN A 414 -31.13 -26.29 15.89
C ASN A 414 -31.95 -27.50 15.43
N THR A 415 -31.59 -28.10 14.30
CA THR A 415 -32.12 -29.39 13.93
C THR A 415 -31.25 -30.55 14.40
N THR A 416 -30.00 -30.29 14.75
CA THR A 416 -29.08 -31.29 15.27
C THR A 416 -28.46 -30.88 16.60
N CYS A 417 -28.21 -29.59 16.81
CA CYS A 417 -27.63 -29.10 18.05
C CYS A 417 -28.20 -27.72 18.33
N PRO A 418 -29.25 -27.63 19.15
CA PRO A 418 -29.88 -26.33 19.41
C PRO A 418 -28.99 -25.34 20.13
N THR A 419 -27.94 -25.80 20.79
CA THR A 419 -27.11 -24.95 21.64
C THR A 419 -25.68 -25.44 21.56
N ALA A 420 -24.80 -24.66 20.95
CA ALA A 420 -23.41 -25.05 20.72
C ALA A 420 -22.46 -24.23 21.57
N VAL A 421 -21.44 -24.90 22.10
CA VAL A 421 -20.43 -24.26 22.93
C VAL A 421 -19.08 -24.36 22.23
N LEU A 422 -18.41 -23.22 22.10
CA LEU A 422 -17.14 -23.12 21.38
C LEU A 422 -16.07 -22.52 22.29
N GLY A 423 -15.96 -23.05 23.50
CA GLY A 423 -15.02 -22.54 24.46
C GLY A 423 -15.68 -21.78 25.59
N ASN A 424 -15.53 -20.47 25.58
CA ASN A 424 -16.10 -19.63 26.64
C ASN A 424 -17.50 -19.13 26.30
N VAL A 425 -18.04 -19.47 25.14
CA VAL A 425 -19.33 -18.94 24.69
C VAL A 425 -20.27 -20.10 24.39
N ILE A 426 -21.49 -19.98 24.90
CA ILE A 426 -22.59 -20.88 24.57
C ILE A 426 -23.59 -20.07 23.74
N ILE A 427 -23.93 -20.58 22.56
CA ILE A 427 -24.74 -19.83 21.61
C ILE A 427 -25.88 -20.72 21.11
N SER A 428 -27.10 -20.19 21.17
CA SER A 428 -28.23 -20.86 20.55
C SER A 428 -28.21 -20.60 19.05
N LEU A 429 -28.67 -21.59 18.28
CA LEU A 429 -28.55 -21.54 16.84
C LEU A 429 -29.91 -21.64 16.19
N GLY A 430 -30.05 -21.00 15.04
CA GLY A 430 -31.28 -21.01 14.27
C GLY A 430 -31.44 -22.27 13.43
N LYS A 431 -32.07 -22.12 12.29
CA LYS A 431 -32.29 -23.23 11.36
C LYS A 431 -31.78 -22.83 9.97
N TYR A 432 -31.14 -23.77 9.29
CA TYR A 432 -30.60 -23.51 7.97
C TYR A 432 -31.71 -23.59 6.93
N LEU A 433 -31.76 -22.59 6.05
CA LEU A 433 -32.78 -22.52 5.01
C LEU A 433 -32.34 -23.14 3.70
N GLY A 434 -31.15 -23.73 3.65
CA GLY A 434 -30.65 -24.39 2.46
C GLY A 434 -31.02 -25.86 2.44
N SER A 435 -30.17 -26.65 1.80
CA SER A 435 -30.41 -28.08 1.70
C SER A 435 -30.28 -28.75 3.07
N VAL A 436 -31.11 -29.77 3.29
CA VAL A 436 -31.02 -30.52 4.54
C VAL A 436 -29.83 -31.47 4.54
N ASN A 437 -29.26 -31.76 3.37
CA ASN A 437 -28.10 -32.63 3.23
C ASN A 437 -26.83 -31.82 3.06
N TYR A 438 -26.71 -30.69 3.76
CA TYR A 438 -25.53 -29.84 3.65
C TYR A 438 -24.28 -30.58 4.09
N ASN A 439 -24.35 -31.29 5.21
CA ASN A 439 -23.18 -31.94 5.77
C ASN A 439 -22.85 -33.27 5.11
N SER A 440 -23.69 -33.75 4.19
CA SER A 440 -23.45 -35.00 3.50
C SER A 440 -22.97 -34.82 2.06
N GLU A 441 -23.34 -33.72 1.41
CA GLU A 441 -22.94 -33.47 0.04
C GLU A 441 -21.48 -33.05 -0.04
N GLY A 442 -20.82 -33.43 -1.13
CA GLY A 442 -19.44 -33.10 -1.34
C GLY A 442 -19.25 -31.74 -1.97
N ILE A 443 -17.98 -31.40 -2.22
CA ILE A 443 -17.60 -30.11 -2.77
C ILE A 443 -16.28 -30.25 -3.51
N ALA A 444 -16.16 -29.55 -4.64
CA ALA A 444 -14.94 -29.54 -5.43
C ALA A 444 -14.06 -28.38 -4.98
N ILE A 445 -12.78 -28.66 -4.75
CA ILE A 445 -11.85 -27.72 -4.15
C ILE A 445 -10.89 -27.20 -5.22
N GLY A 446 -10.62 -25.89 -5.18
CA GLY A 446 -9.80 -25.24 -6.17
C GLY A 446 -8.31 -25.38 -5.93
N PRO A 447 -7.51 -24.70 -6.74
CA PRO A 447 -6.05 -24.90 -6.70
C PRO A 447 -5.41 -24.03 -5.62
N PRO A 448 -4.36 -24.54 -4.98
CA PRO A 448 -3.64 -23.73 -3.99
C PRO A 448 -2.89 -22.59 -4.64
N VAL A 449 -2.72 -21.49 -3.89
CA VAL A 449 -2.01 -20.31 -4.35
C VAL A 449 -1.15 -19.77 -3.20
N PHE A 450 -0.32 -18.79 -3.54
CA PHE A 450 0.45 -18.03 -2.57
C PHE A 450 0.40 -16.55 -2.96
N THR A 451 0.05 -15.70 -2.00
CA THR A 451 -0.30 -14.31 -2.29
C THR A 451 0.80 -13.31 -1.95
N ASP A 452 1.97 -13.77 -1.53
CA ASP A 452 3.08 -12.84 -1.28
C ASP A 452 3.65 -12.32 -2.58
N LYS A 453 4.04 -11.04 -2.58
CA LYS A 453 4.52 -10.40 -3.81
C LYS A 453 5.79 -11.07 -4.32
N VAL A 454 6.74 -11.37 -3.43
CA VAL A 454 7.93 -12.09 -3.82
C VAL A 454 7.57 -13.49 -4.30
N ASP A 455 6.62 -14.13 -3.63
CA ASP A 455 6.15 -15.43 -4.08
C ASP A 455 5.37 -15.32 -5.38
N ILE A 456 4.68 -14.20 -5.63
CA ILE A 456 4.05 -13.98 -6.93
C ILE A 456 5.10 -13.93 -8.03
N SER A 457 6.20 -13.20 -7.78
CA SER A 457 7.29 -13.15 -8.76
C SER A 457 7.91 -14.53 -8.96
N SER A 458 8.08 -15.30 -7.89
CA SER A 458 8.63 -16.65 -8.00
C SER A 458 7.72 -17.54 -8.83
N GLN A 459 6.41 -17.46 -8.61
CA GLN A 459 5.46 -18.25 -9.39
C GLN A 459 5.51 -17.87 -10.86
N ILE A 460 5.58 -16.57 -11.15
CA ILE A 460 5.68 -16.11 -12.53
C ILE A 460 6.94 -16.67 -13.17
N SER A 461 8.07 -16.64 -12.44
CA SER A 461 9.32 -17.20 -12.96
C SER A 461 9.19 -18.68 -13.24
N SER A 462 8.56 -19.42 -12.32
CA SER A 462 8.45 -20.87 -12.46
C SER A 462 7.63 -21.25 -13.68
N MET A 463 6.44 -20.64 -13.85
CA MET A 463 5.64 -21.01 -15.01
C MET A 463 6.20 -20.42 -16.30
N ASN A 464 6.95 -19.32 -16.23
CA ASN A 464 7.66 -18.85 -17.43
C ASN A 464 8.71 -19.85 -17.88
N GLN A 465 9.50 -20.38 -16.94
CA GLN A 465 10.51 -21.38 -17.30
C GLN A 465 9.86 -22.65 -17.81
N SER A 466 8.76 -23.09 -17.18
CA SER A 466 8.06 -24.28 -17.65
C SER A 466 7.48 -24.08 -19.04
N LEU A 467 6.92 -22.89 -19.31
CA LEU A 467 6.42 -22.59 -20.64
C LEU A 467 7.53 -22.56 -21.67
N GLN A 468 8.71 -22.03 -21.30
CA GLN A 468 9.85 -22.05 -22.21
C GLN A 468 10.29 -23.48 -22.50
N GLN A 469 10.28 -24.35 -21.48
CA GLN A 469 10.60 -25.75 -21.70
C GLN A 469 9.60 -26.42 -22.63
N SER A 470 8.31 -26.12 -22.45
CA SER A 470 7.28 -26.68 -23.31
C SER A 470 7.46 -26.21 -24.76
N LYS A 471 7.79 -24.94 -24.94
CA LYS A 471 8.05 -24.43 -26.29
C LYS A 471 9.30 -25.05 -26.89
N ASP A 472 10.33 -25.31 -26.08
CA ASP A 472 11.52 -26.00 -26.57
C ASP A 472 11.18 -27.41 -27.03
N TYR A 473 10.33 -28.11 -26.28
CA TYR A 473 9.88 -29.43 -26.71
C TYR A 473 9.05 -29.32 -27.98
N ILE A 474 8.27 -28.26 -28.12
CA ILE A 474 7.47 -28.05 -29.33
C ILE A 474 8.37 -27.89 -30.54
N LYS A 475 9.44 -27.11 -30.40
CA LYS A 475 10.39 -26.90 -31.50
C LYS A 475 11.10 -28.18 -31.87
N VAL B 1 -15.52 -56.97 20.75
CA VAL B 1 -15.99 -56.03 21.77
C VAL B 1 -16.85 -56.76 22.79
N GLN B 2 -16.37 -56.83 24.04
CA GLN B 2 -17.08 -57.49 25.11
C GLN B 2 -16.94 -56.69 26.39
N LEU B 3 -18.05 -56.60 27.14
CA LEU B 3 -18.10 -55.89 28.40
C LEU B 3 -18.44 -56.88 29.50
N GLN B 4 -17.55 -57.02 30.48
CA GLN B 4 -17.66 -58.01 31.55
C GLN B 4 -17.89 -57.30 32.87
N GLN B 5 -18.93 -57.69 33.58
CA GLN B 5 -19.34 -57.03 34.81
C GLN B 5 -19.00 -57.87 36.04
N SER B 6 -19.12 -57.25 37.20
CA SER B 6 -18.89 -57.93 38.47
C SER B 6 -20.10 -58.80 38.82
N GLY B 7 -19.87 -59.72 39.75
CA GLY B 7 -20.91 -60.65 40.14
C GLY B 7 -21.98 -60.02 41.01
N ALA B 8 -23.08 -60.76 41.15
CA ALA B 8 -24.20 -60.31 41.97
C ALA B 8 -23.81 -60.32 43.45
N GLU B 9 -24.31 -59.32 44.19
CA GLU B 9 -24.00 -59.21 45.60
C GLU B 9 -25.20 -58.72 46.40
N LEU B 10 -25.19 -59.07 47.68
CA LEU B 10 -26.20 -58.65 48.65
C LEU B 10 -25.56 -57.68 49.63
N MET B 11 -26.19 -56.51 49.79
CA MET B 11 -25.65 -55.46 50.63
C MET B 11 -26.72 -54.96 51.60
N ARG B 12 -26.28 -54.61 52.81
CA ARG B 12 -27.15 -54.00 53.79
C ARG B 12 -27.40 -52.54 53.45
N PRO B 13 -28.52 -51.96 53.89
CA PRO B 13 -28.77 -50.54 53.63
C PRO B 13 -27.72 -49.66 54.28
N GLY B 14 -27.39 -48.56 53.61
CA GLY B 14 -26.35 -47.66 54.07
C GLY B 14 -24.95 -48.02 53.61
N ALA B 15 -24.79 -49.12 52.89
CA ALA B 15 -23.47 -49.55 52.41
C ALA B 15 -23.18 -48.95 51.05
N SER B 16 -22.10 -49.42 50.41
CA SER B 16 -21.65 -48.89 49.14
C SER B 16 -21.27 -50.02 48.20
N MET B 17 -21.35 -49.75 46.90
CA MET B 17 -20.95 -50.68 45.86
C MET B 17 -19.92 -50.05 44.94
N LYS B 18 -19.04 -50.89 44.40
CA LYS B 18 -18.09 -50.50 43.37
C LYS B 18 -18.25 -51.51 42.22
N ILE B 19 -19.22 -51.23 41.34
CA ILE B 19 -19.48 -52.10 40.20
C ILE B 19 -18.45 -51.83 39.12
N SER B 20 -17.85 -52.89 38.58
CA SER B 20 -16.80 -52.78 37.58
C SER B 20 -17.28 -53.33 36.25
N CYS B 21 -16.78 -52.72 35.18
CA CYS B 21 -17.12 -53.13 33.81
C CYS B 21 -15.83 -53.09 33.00
N LYS B 22 -15.31 -54.26 32.67
CA LYS B 22 -14.09 -54.38 31.87
C LYS B 22 -14.45 -54.47 30.40
N ALA B 23 -13.83 -53.62 29.58
CA ALA B 23 -14.14 -53.51 28.16
C ALA B 23 -12.97 -54.00 27.33
N THR B 24 -13.23 -54.94 26.43
CA THR B 24 -12.20 -55.50 25.56
C THR B 24 -12.63 -55.40 24.12
N GLY B 25 -11.64 -55.26 23.23
CA GLY B 25 -11.87 -55.29 21.81
C GLY B 25 -11.94 -53.94 21.12
N TYR B 26 -11.71 -52.84 21.84
CA TYR B 26 -11.77 -51.52 21.23
C TYR B 26 -10.97 -50.55 22.09
N THR B 27 -10.75 -49.36 21.53
CA THR B 27 -10.01 -48.31 22.23
C THR B 27 -10.86 -47.79 23.40
N PHE B 28 -10.44 -48.10 24.63
CA PHE B 28 -11.26 -47.78 25.80
C PHE B 28 -11.39 -46.28 26.01
N SER B 29 -10.37 -45.51 25.67
CA SER B 29 -10.35 -44.08 25.96
C SER B 29 -11.14 -43.25 24.96
N SER B 30 -11.79 -43.87 23.98
CA SER B 30 -12.53 -43.14 22.96
C SER B 30 -14.04 -43.13 23.18
N TYR B 31 -14.64 -44.27 23.49
CA TYR B 31 -16.09 -44.42 23.52
C TYR B 31 -16.62 -44.16 24.93
N TRP B 32 -17.73 -43.44 24.99
CA TRP B 32 -18.41 -43.20 26.26
C TRP B 32 -18.95 -44.52 26.81
N ILE B 33 -18.81 -44.71 28.12
CA ILE B 33 -19.38 -45.85 28.82
C ILE B 33 -20.60 -45.33 29.56
N ASP B 34 -21.77 -45.81 29.16
CA ASP B 34 -23.03 -45.44 29.79
C ASP B 34 -23.40 -46.47 30.84
N TRP B 35 -24.16 -46.03 31.84
CA TRP B 35 -24.63 -46.89 32.91
C TRP B 35 -26.14 -46.73 33.02
N VAL B 36 -26.84 -47.87 33.05
CA VAL B 36 -28.30 -47.93 32.97
C VAL B 36 -28.82 -48.78 34.12
N LYS B 37 -29.95 -48.37 34.70
CA LYS B 37 -30.63 -49.10 35.76
C LYS B 37 -31.89 -49.76 35.22
N GLN B 38 -32.23 -50.91 35.79
CA GLN B 38 -33.49 -51.58 35.44
C GLN B 38 -34.03 -52.31 36.66
N ARG B 39 -35.00 -51.71 37.33
CA ARG B 39 -35.69 -52.52 38.32
C ARG B 39 -36.82 -53.30 37.65
N PRO B 40 -37.18 -54.46 38.18
CA PRO B 40 -38.24 -55.27 37.55
C PRO B 40 -39.58 -54.55 37.59
N GLY B 41 -40.27 -54.53 36.46
CA GLY B 41 -41.60 -53.98 36.36
C GLY B 41 -41.69 -52.49 36.14
N HIS B 42 -40.57 -51.78 36.11
CA HIS B 42 -40.57 -50.33 35.95
C HIS B 42 -39.75 -49.86 34.75
N GLY B 43 -39.25 -50.78 33.93
CA GLY B 43 -38.54 -50.39 32.72
C GLY B 43 -37.12 -49.94 33.00
N LEU B 44 -36.42 -49.60 31.92
CA LEU B 44 -35.04 -49.19 31.99
C LEU B 44 -34.93 -47.73 32.43
N GLU B 45 -33.81 -47.40 33.06
CA GLU B 45 -33.58 -46.05 33.54
C GLU B 45 -32.10 -45.71 33.39
N TRP B 46 -31.82 -44.56 32.78
CA TRP B 46 -30.45 -44.17 32.46
C TRP B 46 -29.79 -43.52 33.67
N ILE B 47 -28.72 -44.13 34.16
CA ILE B 47 -28.00 -43.61 35.32
C ILE B 47 -27.05 -42.48 34.94
N GLY B 48 -26.20 -42.73 33.95
CA GLY B 48 -25.25 -41.70 33.57
C GLY B 48 -24.27 -42.21 32.53
N GLU B 49 -23.18 -41.47 32.38
CA GLU B 49 -22.13 -41.88 31.45
C GLU B 49 -20.81 -41.22 31.82
N ILE B 50 -19.73 -41.86 31.41
CA ILE B 50 -18.37 -41.36 31.65
C ILE B 50 -17.55 -41.59 30.38
N LEU B 51 -16.78 -40.58 29.99
CA LEU B 51 -15.83 -40.71 28.90
C LEU B 51 -14.47 -41.09 29.50
N PRO B 52 -13.97 -42.30 29.29
CA PRO B 52 -12.67 -42.67 29.86
C PRO B 52 -11.54 -41.88 29.24
N GLY B 53 -10.47 -41.72 30.03
CA GLY B 53 -9.31 -40.99 29.56
C GLY B 53 -9.43 -39.50 29.77
N SER B 54 -10.43 -38.89 29.15
CA SER B 54 -10.66 -37.46 29.33
C SER B 54 -11.27 -37.16 30.70
N GLY B 55 -12.00 -38.11 31.27
CA GLY B 55 -12.63 -37.91 32.56
C GLY B 55 -13.95 -37.18 32.52
N ASP B 56 -14.49 -36.92 31.34
CA ASP B 56 -15.78 -36.22 31.23
C ASP B 56 -16.90 -37.14 31.68
N THR B 57 -17.81 -36.62 32.48
CA THR B 57 -18.94 -37.37 33.00
C THR B 57 -20.23 -36.58 32.82
N ASN B 58 -21.31 -37.30 32.53
CA ASN B 58 -22.65 -36.73 32.50
C ASN B 58 -23.55 -37.53 33.43
N TYR B 59 -24.38 -36.82 34.19
CA TYR B 59 -25.14 -37.42 35.28
C TYR B 59 -26.62 -37.16 35.09
N ASN B 60 -27.42 -38.20 35.34
CA ASN B 60 -28.85 -38.01 35.49
C ASN B 60 -29.12 -37.28 36.81
N GLU B 61 -30.01 -36.29 36.76
CA GLU B 61 -30.26 -35.47 37.95
C GLU B 61 -30.93 -36.26 39.06
N ASN B 62 -31.64 -37.34 38.75
CA ASN B 62 -32.23 -38.19 39.76
C ASN B 62 -31.22 -39.12 40.41
N PHE B 63 -30.01 -39.24 39.84
CA PHE B 63 -28.99 -40.14 40.35
C PHE B 63 -27.69 -39.43 40.70
N LYS B 64 -27.59 -38.12 40.48
CA LYS B 64 -26.36 -37.40 40.78
C LYS B 64 -26.13 -37.36 42.28
N GLY B 65 -24.88 -37.62 42.68
CA GLY B 65 -24.50 -37.73 44.07
C GLY B 65 -24.69 -39.14 44.62
N LYS B 66 -25.81 -39.77 44.26
CA LYS B 66 -26.02 -41.16 44.64
C LYS B 66 -25.00 -42.08 43.98
N ALA B 67 -24.69 -41.83 42.71
CA ALA B 67 -23.75 -42.64 41.95
C ALA B 67 -22.62 -41.76 41.42
N ALA B 68 -21.41 -42.31 41.41
CA ALA B 68 -20.25 -41.65 40.85
C ALA B 68 -19.57 -42.59 39.87
N PHE B 69 -18.83 -42.02 38.92
CA PHE B 69 -18.15 -42.81 37.90
C PHE B 69 -16.66 -42.55 37.91
N THR B 70 -15.89 -43.59 37.62
CA THR B 70 -14.45 -43.52 37.52
C THR B 70 -13.99 -44.40 36.37
N ALA B 71 -12.81 -44.11 35.82
CA ALA B 71 -12.28 -44.88 34.71
C ALA B 71 -10.81 -45.21 34.96
N ASP B 72 -10.40 -46.41 34.57
CA ASP B 72 -9.02 -46.84 34.65
C ASP B 72 -8.59 -47.28 33.26
N THR B 73 -7.78 -46.44 32.60
CA THR B 73 -7.36 -46.73 31.23
C THR B 73 -6.28 -47.81 31.20
N SER B 74 -5.49 -47.93 32.27
CA SER B 74 -4.43 -48.94 32.31
C SER B 74 -5.01 -50.35 32.28
N SER B 75 -6.07 -50.60 33.04
CA SER B 75 -6.74 -51.89 33.04
C SER B 75 -7.99 -51.91 32.18
N ASN B 76 -8.34 -50.79 31.54
CA ASN B 76 -9.52 -50.68 30.68
C ASN B 76 -10.80 -51.08 31.43
N THR B 77 -11.02 -50.46 32.58
CA THR B 77 -12.15 -50.82 33.43
C THR B 77 -12.86 -49.56 33.91
N ALA B 78 -14.18 -49.53 33.74
CA ALA B 78 -15.00 -48.45 34.28
C ALA B 78 -15.62 -48.89 35.60
N TYR B 79 -15.81 -47.91 36.49
CA TYR B 79 -16.33 -48.17 37.82
C TYR B 79 -17.51 -47.25 38.10
N MET B 80 -18.57 -47.80 38.67
CA MET B 80 -19.67 -47.02 39.22
C MET B 80 -19.72 -47.27 40.71
N GLN B 81 -19.63 -46.21 41.50
CA GLN B 81 -19.67 -46.28 42.95
C GLN B 81 -21.04 -45.80 43.41
N LEU B 82 -21.77 -46.69 44.07
CA LEU B 82 -23.08 -46.36 44.62
C LEU B 82 -22.96 -46.18 46.13
N THR B 83 -23.45 -45.07 46.64
CA THR B 83 -23.36 -44.74 48.05
C THR B 83 -24.75 -44.68 48.67
N SER B 84 -24.83 -45.08 49.94
CA SER B 84 -26.06 -45.05 50.73
C SER B 84 -27.16 -45.89 50.06
N LEU B 85 -26.89 -47.19 49.95
CA LEU B 85 -27.84 -48.10 49.33
C LEU B 85 -29.12 -48.19 50.14
N THR B 86 -30.25 -48.24 49.43
CA THR B 86 -31.57 -48.35 50.04
C THR B 86 -32.35 -49.46 49.34
N SER B 87 -33.61 -49.62 49.74
CA SER B 87 -34.47 -50.62 49.13
C SER B 87 -34.80 -50.29 47.68
N GLU B 88 -34.67 -49.02 47.28
CA GLU B 88 -34.93 -48.63 45.90
C GLU B 88 -33.79 -48.97 44.97
N ASP B 89 -32.62 -49.35 45.49
CA ASP B 89 -31.47 -49.69 44.67
C ASP B 89 -31.43 -51.16 44.28
N SER B 90 -32.45 -51.94 44.64
CA SER B 90 -32.51 -53.35 44.23
C SER B 90 -32.90 -53.44 42.77
N ALA B 91 -31.92 -53.44 41.87
CA ALA B 91 -32.18 -53.42 40.45
C ALA B 91 -31.00 -54.03 39.72
N VAL B 92 -31.18 -54.28 38.43
CA VAL B 92 -30.13 -54.82 37.56
C VAL B 92 -29.44 -53.65 36.87
N PHE B 93 -28.11 -53.60 36.97
CA PHE B 93 -27.32 -52.49 36.47
C PHE B 93 -26.51 -52.94 35.27
N TYR B 94 -26.63 -52.21 34.16
CA TYR B 94 -25.93 -52.51 32.93
C TYR B 94 -24.91 -51.44 32.62
N CYS B 95 -23.76 -51.87 32.10
CA CYS B 95 -22.80 -50.98 31.47
C CYS B 95 -22.90 -51.17 29.96
N ALA B 96 -23.04 -50.07 29.23
CA ALA B 96 -23.27 -50.09 27.80
C ALA B 96 -22.22 -49.24 27.11
N ARG B 97 -21.90 -49.60 25.87
CA ARG B 97 -20.92 -48.88 25.08
C ARG B 97 -21.65 -47.84 24.24
N GLY B 98 -21.57 -46.59 24.64
CA GLY B 98 -22.17 -45.50 23.90
C GLY B 98 -21.33 -45.15 22.68
N GLY B 99 -21.66 -44.02 22.08
CA GLY B 99 -20.93 -43.53 20.94
C GLY B 99 -19.69 -42.77 21.35
N ARG B 100 -19.06 -42.14 20.36
CA ARG B 100 -17.88 -41.33 20.58
C ARG B 100 -18.18 -39.85 20.60
N TYR B 101 -19.25 -39.42 19.94
CA TYR B 101 -19.48 -38.02 19.60
C TYR B 101 -20.95 -37.69 19.80
N HIS B 102 -21.32 -36.45 19.48
CA HIS B 102 -22.69 -36.00 19.64
C HIS B 102 -23.62 -36.69 18.66
N GLY B 103 -24.81 -37.04 19.14
CA GLY B 103 -25.79 -37.71 18.30
C GLY B 103 -25.59 -39.19 18.12
N GLN B 104 -24.70 -39.79 18.91
CA GLN B 104 -24.43 -41.22 18.80
C GLN B 104 -24.71 -41.92 20.14
N GLY B 105 -25.77 -41.53 20.81
CA GLY B 105 -26.05 -42.05 22.14
C GLY B 105 -26.64 -43.44 22.20
N PHE B 106 -26.85 -44.10 21.08
CA PHE B 106 -27.35 -45.47 21.09
C PHE B 106 -26.29 -46.42 21.64
N PHE B 107 -26.76 -47.45 22.34
CA PHE B 107 -25.89 -48.36 23.08
C PHE B 107 -25.61 -49.58 22.21
N ASP B 108 -24.40 -49.66 21.65
CA ASP B 108 -24.06 -50.75 20.74
C ASP B 108 -23.99 -52.08 21.47
N TYR B 109 -23.24 -52.14 22.58
CA TYR B 109 -23.00 -53.39 23.29
C TYR B 109 -23.29 -53.20 24.77
N TRP B 110 -23.75 -54.28 25.41
CA TRP B 110 -24.19 -54.25 26.80
C TRP B 110 -23.46 -55.33 27.59
N GLY B 111 -23.36 -55.10 28.89
CA GLY B 111 -22.93 -56.15 29.79
C GLY B 111 -24.09 -57.05 30.18
N GLN B 112 -23.77 -58.14 30.87
CA GLN B 112 -24.81 -59.10 31.24
C GLN B 112 -25.69 -58.58 32.37
N GLY B 113 -25.23 -57.58 33.12
CA GLY B 113 -26.04 -57.02 34.18
C GLY B 113 -25.66 -57.51 35.56
N THR B 114 -25.25 -56.59 36.43
CA THR B 114 -24.91 -56.92 37.81
C THR B 114 -26.16 -56.78 38.68
N THR B 115 -26.63 -57.89 39.23
CA THR B 115 -27.82 -57.90 40.06
C THR B 115 -27.45 -57.53 41.49
N LEU B 116 -27.98 -56.41 41.96
CA LEU B 116 -27.77 -55.95 43.32
C LEU B 116 -29.00 -56.26 44.17
N THR B 117 -28.79 -56.93 45.30
CA THR B 117 -29.85 -57.18 46.25
C THR B 117 -29.57 -56.36 47.51
N VAL B 118 -30.57 -55.63 47.98
CA VAL B 118 -30.46 -54.82 49.19
C VAL B 118 -31.59 -55.19 50.12
N SER B 119 -31.25 -55.53 51.37
CA SER B 119 -32.25 -55.89 52.37
C SER B 119 -31.70 -55.58 53.75
N SER B 120 -32.61 -55.24 54.66
CA SER B 120 -32.23 -54.90 56.03
C SER B 120 -31.73 -56.12 56.79
N VAL C 1 57.32 -8.36 -23.43
CA VAL C 1 57.52 -7.54 -22.25
C VAL C 1 59.00 -7.36 -21.96
N GLN C 2 59.50 -6.15 -22.16
CA GLN C 2 60.90 -5.85 -21.91
C GLN C 2 61.02 -4.49 -21.24
N LEU C 3 61.90 -4.40 -20.25
CA LEU C 3 62.15 -3.18 -19.51
C LEU C 3 63.62 -2.80 -19.69
N GLN C 4 63.86 -1.62 -20.26
CA GLN C 4 65.20 -1.16 -20.59
C GLN C 4 65.55 0.03 -19.73
N GLN C 5 66.72 -0.01 -19.09
CA GLN C 5 67.14 1.03 -18.16
C GLN C 5 68.21 1.92 -18.77
N SER C 6 68.49 3.02 -18.08
CA SER C 6 69.54 3.95 -18.49
C SER C 6 70.91 3.37 -18.17
N GLY C 7 71.93 3.98 -18.77
CA GLY C 7 73.29 3.51 -18.58
C GLY C 7 73.86 3.88 -17.23
N ALA C 8 74.99 3.23 -16.91
CA ALA C 8 75.69 3.49 -15.67
C ALA C 8 76.31 4.87 -15.67
N GLU C 9 76.32 5.52 -14.51
CA GLU C 9 76.85 6.86 -14.40
C GLU C 9 77.57 7.05 -13.06
N LEU C 10 78.52 7.99 -13.06
CA LEU C 10 79.27 8.40 -11.88
C LEU C 10 78.84 9.80 -11.51
N MET C 11 78.46 9.99 -10.24
CA MET C 11 77.95 11.27 -9.76
C MET C 11 78.68 11.67 -8.49
N ARG C 12 78.90 12.98 -8.35
CA ARG C 12 79.47 13.53 -7.13
C ARG C 12 78.40 13.59 -6.02
N PRO C 13 78.83 13.56 -4.76
CA PRO C 13 77.84 13.64 -3.67
C PRO C 13 77.09 14.96 -3.69
N GLY C 14 75.81 14.91 -3.31
CA GLY C 14 74.96 16.06 -3.36
C GLY C 14 74.25 16.30 -4.67
N ALA C 15 74.52 15.47 -5.68
CA ALA C 15 73.90 15.62 -6.99
C ALA C 15 72.58 14.84 -7.05
N SER C 16 72.02 14.75 -8.26
CA SER C 16 70.75 14.08 -8.46
C SER C 16 70.81 13.18 -9.69
N MET C 17 69.97 12.15 -9.70
CA MET C 17 69.86 11.23 -10.82
C MET C 17 68.41 11.13 -11.28
N LYS C 18 68.22 10.91 -12.57
CA LYS C 18 66.92 10.64 -13.17
C LYS C 18 67.03 9.33 -13.94
N ILE C 19 66.85 8.21 -13.22
CA ILE C 19 66.91 6.89 -13.83
C ILE C 19 65.62 6.64 -14.59
N SER C 20 65.74 6.16 -15.83
CA SER C 20 64.59 5.91 -16.69
C SER C 20 64.47 4.42 -16.98
N CYS C 21 63.22 3.96 -17.07
CA CYS C 21 62.91 2.57 -17.38
C CYS C 21 61.80 2.58 -18.43
N LYS C 22 62.15 2.18 -19.65
CA LYS C 22 61.20 2.10 -20.74
C LYS C 22 60.62 0.69 -20.82
N ALA C 23 59.29 0.61 -20.84
CA ALA C 23 58.57 -0.66 -20.80
C ALA C 23 57.85 -0.88 -22.12
N THR C 24 58.08 -2.04 -22.74
CA THR C 24 57.47 -2.38 -24.01
C THR C 24 56.81 -3.74 -23.91
N GLY C 25 55.73 -3.92 -24.67
CA GLY C 25 55.07 -5.20 -24.79
C GLY C 25 53.82 -5.39 -23.95
N TYR C 26 53.38 -4.37 -23.22
CA TYR C 26 52.20 -4.48 -22.38
C TYR C 26 51.62 -3.09 -22.15
N THR C 27 50.40 -3.07 -21.61
CA THR C 27 49.72 -1.81 -21.31
C THR C 27 50.43 -1.12 -20.15
N PHE C 28 51.12 -0.02 -20.44
CA PHE C 28 51.94 0.64 -19.43
C PHE C 28 51.12 1.20 -18.29
N SER C 29 49.92 1.69 -18.56
CA SER C 29 49.11 2.38 -17.56
C SER C 29 48.37 1.42 -16.64
N SER C 30 48.58 0.11 -16.76
CA SER C 30 47.86 -0.86 -15.93
C SER C 30 48.70 -1.43 -14.79
N TYR C 31 49.94 -1.84 -15.07
CA TYR C 31 50.75 -2.58 -14.12
C TYR C 31 51.63 -1.63 -13.31
N TRP C 32 51.72 -1.91 -12.01
CA TRP C 32 52.61 -1.13 -11.15
C TRP C 32 54.07 -1.37 -11.55
N ILE C 33 54.85 -0.30 -11.54
CA ILE C 33 56.28 -0.37 -11.77
C ILE C 33 56.96 -0.22 -10.42
N ASP C 34 57.66 -1.26 -9.99
CA ASP C 34 58.37 -1.26 -8.73
C ASP C 34 59.84 -0.90 -8.97
N TRP C 35 60.45 -0.31 -7.95
CA TRP C 35 61.87 0.05 -8.00
C TRP C 35 62.55 -0.56 -6.79
N VAL C 36 63.67 -1.24 -7.03
CA VAL C 36 64.39 -2.05 -6.05
C VAL C 36 65.84 -1.65 -6.03
N LYS C 37 66.45 -1.63 -4.84
CA LYS C 37 67.85 -1.33 -4.65
C LYS C 37 68.62 -2.60 -4.32
N GLN C 38 69.90 -2.65 -4.72
CA GLN C 38 70.77 -3.77 -4.35
C GLN C 38 72.20 -3.26 -4.23
N ARG C 39 72.64 -3.02 -3.01
CA ARG C 39 74.08 -2.81 -2.87
C ARG C 39 74.78 -4.16 -2.71
N PRO C 40 76.04 -4.27 -3.15
CA PRO C 40 76.74 -5.55 -3.04
C PRO C 40 76.94 -5.96 -1.59
N GLY C 41 76.63 -7.23 -1.30
CA GLY C 41 76.86 -7.80 0.01
C GLY C 41 75.78 -7.57 1.04
N HIS C 42 74.73 -6.81 0.70
CA HIS C 42 73.67 -6.50 1.65
C HIS C 42 72.28 -6.92 1.17
N GLY C 43 72.19 -7.62 0.04
CA GLY C 43 70.92 -8.11 -0.43
C GLY C 43 70.07 -7.04 -1.10
N LEU C 44 68.90 -7.47 -1.57
CA LEU C 44 67.99 -6.59 -2.27
C LEU C 44 67.20 -5.75 -1.29
N GLU C 45 66.77 -4.57 -1.75
CA GLU C 45 66.03 -3.64 -0.91
C GLU C 45 65.00 -2.92 -1.76
N TRP C 46 63.75 -2.96 -1.32
CA TRP C 46 62.62 -2.40 -2.08
C TRP C 46 62.54 -0.90 -1.87
N ILE C 47 62.69 -0.14 -2.96
CA ILE C 47 62.64 1.31 -2.89
C ILE C 47 61.21 1.81 -2.89
N GLY C 48 60.40 1.39 -3.86
CA GLY C 48 59.04 1.87 -3.92
C GLY C 48 58.33 1.37 -5.15
N GLU C 49 57.21 2.02 -5.47
CA GLU C 49 56.46 1.66 -6.66
C GLU C 49 55.57 2.81 -7.08
N ILE C 50 55.23 2.81 -8.37
CA ILE C 50 54.35 3.82 -8.97
C ILE C 50 53.40 3.14 -9.94
N LEU C 51 52.12 3.53 -9.87
CA LEU C 51 51.15 3.06 -10.86
C LEU C 51 51.06 4.11 -11.97
N PRO C 52 51.52 3.80 -13.18
CA PRO C 52 51.46 4.79 -14.26
C PRO C 52 50.02 5.10 -14.66
N GLY C 53 49.82 6.32 -15.14
CA GLY C 53 48.51 6.75 -15.57
C GLY C 53 47.68 7.33 -14.44
N SER C 54 47.42 6.51 -13.41
CA SER C 54 46.67 7.01 -12.26
C SER C 54 47.54 7.90 -11.38
N GLY C 55 48.85 7.70 -11.39
CA GLY C 55 49.75 8.49 -10.57
C GLY C 55 49.89 8.03 -9.14
N ASP C 56 49.31 6.88 -8.79
CA ASP C 56 49.42 6.37 -7.44
C ASP C 56 50.84 5.89 -7.16
N THR C 57 51.38 6.26 -6.00
CA THR C 57 52.73 5.87 -5.62
C THR C 57 52.74 5.34 -4.19
N ASN C 58 53.59 4.34 -3.96
CA ASN C 58 53.85 3.83 -2.63
C ASN C 58 55.34 3.89 -2.36
N TYR C 59 55.69 4.31 -1.14
CA TYR C 59 57.06 4.61 -0.78
C TYR C 59 57.51 3.78 0.41
N ASN C 60 58.73 3.28 0.34
CA ASN C 60 59.38 2.74 1.52
C ASN C 60 59.76 3.90 2.44
N GLU C 61 59.50 3.74 3.74
CA GLU C 61 59.73 4.82 4.68
C GLU C 61 61.21 5.15 4.84
N ASN C 62 62.10 4.19 4.57
CA ASN C 62 63.53 4.47 4.60
C ASN C 62 64.03 5.20 3.37
N PHE C 63 63.20 5.30 2.32
CA PHE C 63 63.58 5.94 1.08
C PHE C 63 62.66 7.10 0.70
N LYS C 64 61.62 7.37 1.47
CA LYS C 64 60.70 8.45 1.13
C LYS C 64 61.40 9.80 1.25
N GLY C 65 61.17 10.65 0.26
CA GLY C 65 61.84 11.94 0.16
C GLY C 65 63.18 11.87 -0.54
N LYS C 66 63.95 10.82 -0.26
CA LYS C 66 65.21 10.60 -0.98
C LYS C 66 64.95 10.31 -2.45
N ALA C 67 63.93 9.50 -2.74
CA ALA C 67 63.59 9.10 -4.10
C ALA C 67 62.16 9.50 -4.41
N ALA C 68 61.94 9.92 -5.66
CA ALA C 68 60.61 10.25 -6.15
C ALA C 68 60.35 9.50 -7.44
N PHE C 69 59.07 9.26 -7.75
CA PHE C 69 58.68 8.52 -8.93
C PHE C 69 57.81 9.38 -9.83
N THR C 70 57.96 9.20 -11.14
CA THR C 70 57.13 9.85 -12.14
C THR C 70 56.88 8.88 -13.28
N ALA C 71 55.79 9.11 -14.02
CA ALA C 71 55.43 8.24 -15.12
C ALA C 71 55.07 9.08 -16.34
N ASP C 72 55.46 8.59 -17.51
CA ASP C 72 55.11 9.21 -18.79
C ASP C 72 54.43 8.16 -19.64
N THR C 73 53.10 8.28 -19.78
CA THR C 73 52.34 7.29 -20.53
C THR C 73 52.52 7.46 -22.04
N SER C 74 52.81 8.69 -22.49
CA SER C 74 52.99 8.93 -23.92
C SER C 74 54.21 8.19 -24.45
N SER C 75 55.33 8.23 -23.71
CA SER C 75 56.53 7.52 -24.11
C SER C 75 56.69 6.19 -23.38
N ASN C 76 55.74 5.83 -22.51
CA ASN C 76 55.76 4.57 -21.77
C ASN C 76 57.06 4.41 -20.98
N THR C 77 57.40 5.42 -20.18
CA THR C 77 58.65 5.45 -19.46
C THR C 77 58.43 5.87 -18.01
N ALA C 78 58.98 5.10 -17.08
CA ALA C 78 58.96 5.44 -15.66
C ALA C 78 60.28 6.09 -15.27
N TYR C 79 60.21 7.02 -14.33
CA TYR C 79 61.38 7.77 -13.88
C TYR C 79 61.49 7.69 -12.37
N MET C 80 62.73 7.47 -11.91
CA MET C 80 63.07 7.58 -10.49
C MET C 80 64.08 8.69 -10.33
N GLN C 81 63.74 9.70 -9.52
CA GLN C 81 64.61 10.82 -9.27
C GLN C 81 65.22 10.65 -7.87
N LEU C 82 66.54 10.54 -7.83
CA LEU C 82 67.27 10.47 -6.56
C LEU C 82 67.91 11.82 -6.28
N THR C 83 67.68 12.34 -5.08
CA THR C 83 68.22 13.63 -4.67
C THR C 83 69.19 13.45 -3.52
N SER C 84 70.21 14.32 -3.48
CA SER C 84 71.23 14.33 -2.43
C SER C 84 71.95 12.98 -2.34
N LEU C 85 72.65 12.64 -3.42
CA LEU C 85 73.38 11.38 -3.48
C LEU C 85 74.51 11.36 -2.46
N THR C 86 74.70 10.21 -1.82
CA THR C 86 75.75 10.01 -0.83
C THR C 86 76.49 8.72 -1.15
N SER C 87 77.45 8.36 -0.28
CA SER C 87 78.19 7.13 -0.47
C SER C 87 77.33 5.89 -0.27
N GLU C 88 76.19 6.02 0.42
CA GLU C 88 75.30 4.90 0.62
C GLU C 88 74.43 4.61 -0.60
N ASP C 89 74.40 5.50 -1.59
CA ASP C 89 73.60 5.29 -2.79
C ASP C 89 74.35 4.55 -3.88
N SER C 90 75.57 4.09 -3.63
CA SER C 90 76.31 3.31 -4.60
C SER C 90 75.76 1.89 -4.67
N ALA C 91 74.79 1.67 -5.54
CA ALA C 91 74.11 0.37 -5.61
C ALA C 91 73.54 0.19 -7.00
N VAL C 92 73.07 -1.03 -7.27
CA VAL C 92 72.44 -1.36 -8.54
C VAL C 92 70.93 -1.22 -8.37
N PHE C 93 70.31 -0.47 -9.28
CA PHE C 93 68.89 -0.14 -9.18
C PHE C 93 68.12 -0.85 -10.29
N TYR C 94 67.08 -1.60 -9.91
CA TYR C 94 66.26 -2.34 -10.84
C TYR C 94 64.86 -1.77 -10.91
N CYS C 95 64.30 -1.76 -12.11
CA CYS C 95 62.88 -1.51 -12.32
C CYS C 95 62.23 -2.85 -12.65
N ALA C 96 61.15 -3.16 -11.94
CA ALA C 96 60.47 -4.44 -12.03
C ALA C 96 59.00 -4.22 -12.35
N ARG C 97 58.41 -5.18 -13.03
CA ARG C 97 57.00 -5.11 -13.39
C ARG C 97 56.19 -5.81 -12.32
N GLY C 98 55.50 -5.03 -11.50
CA GLY C 98 54.64 -5.58 -10.47
C GLY C 98 53.33 -6.07 -11.05
N GLY C 99 52.39 -6.34 -10.16
CA GLY C 99 51.07 -6.78 -10.56
C GLY C 99 50.17 -5.60 -10.88
N ARG C 100 48.89 -5.92 -11.06
CA ARG C 100 47.87 -4.91 -11.32
C ARG C 100 47.02 -4.60 -10.11
N TYR C 101 46.91 -5.53 -9.15
CA TYR C 101 45.94 -5.46 -8.08
C TYR C 101 46.58 -5.92 -6.78
N HIS C 102 45.76 -6.00 -5.74
CA HIS C 102 46.23 -6.41 -4.42
C HIS C 102 46.60 -7.88 -4.41
N GLY C 103 47.69 -8.20 -3.73
CA GLY C 103 48.15 -9.58 -3.63
C GLY C 103 48.94 -10.07 -4.82
N GLN C 104 49.34 -9.18 -5.72
CA GLN C 104 50.11 -9.56 -6.89
C GLN C 104 51.45 -8.83 -6.92
N GLY C 105 52.09 -8.70 -5.77
CA GLY C 105 53.30 -7.93 -5.67
C GLY C 105 54.56 -8.58 -6.17
N PHE C 106 54.48 -9.81 -6.68
CA PHE C 106 55.65 -10.47 -7.23
C PHE C 106 56.08 -9.80 -8.54
N PHE C 107 57.38 -9.78 -8.78
CA PHE C 107 57.97 -9.04 -9.89
C PHE C 107 58.18 -9.99 -11.06
N ASP C 108 57.31 -9.87 -12.07
CA ASP C 108 57.37 -10.77 -13.21
C ASP C 108 58.64 -10.56 -14.04
N TYR C 109 58.91 -9.30 -14.41
CA TYR C 109 60.03 -8.98 -15.27
C TYR C 109 60.88 -7.89 -14.62
N TRP C 110 62.17 -7.91 -14.92
CA TRP C 110 63.13 -6.99 -14.32
C TRP C 110 63.91 -6.27 -15.41
N GLY C 111 64.43 -5.10 -15.06
CA GLY C 111 65.34 -4.40 -15.94
C GLY C 111 66.75 -4.94 -15.85
N GLN C 112 67.61 -4.43 -16.74
CA GLN C 112 68.99 -4.92 -16.77
C GLN C 112 69.80 -4.41 -15.59
N GLY C 113 69.36 -3.36 -14.91
CA GLY C 113 70.06 -2.86 -13.75
C GLY C 113 70.96 -1.67 -14.03
N THR C 114 70.63 -0.52 -13.45
CA THR C 114 71.44 0.69 -13.61
C THR C 114 72.44 0.78 -12.46
N THR C 115 73.73 0.76 -12.79
CA THR C 115 74.78 0.84 -11.80
C THR C 115 75.13 2.30 -11.55
N LEU C 116 74.91 2.77 -10.33
CA LEU C 116 75.22 4.12 -9.93
C LEU C 116 76.49 4.13 -9.08
N THR C 117 77.48 4.94 -9.49
CA THR C 117 78.70 5.09 -8.72
C THR C 117 78.72 6.50 -8.14
N VAL C 118 79.00 6.61 -6.85
CA VAL C 118 79.07 7.89 -6.15
C VAL C 118 80.41 7.97 -5.43
N SER C 119 81.16 9.04 -5.68
CA SER C 119 82.44 9.25 -5.03
C SER C 119 82.73 10.74 -4.96
N SER C 120 83.46 11.14 -3.92
CA SER C 120 83.80 12.54 -3.70
C SER C 120 84.78 13.05 -4.75
N ILE D 27 19.85 -25.21 8.35
CA ILE D 27 18.61 -24.92 7.64
C ILE D 27 18.92 -24.07 6.41
N LEU D 28 18.94 -22.75 6.59
CA LEU D 28 19.24 -21.85 5.50
C LEU D 28 20.71 -21.98 5.10
N HIS D 29 20.97 -21.95 3.79
CA HIS D 29 22.33 -22.03 3.26
C HIS D 29 22.85 -20.60 3.12
N TYR D 30 23.54 -20.13 4.16
CA TYR D 30 23.94 -18.73 4.21
C TYR D 30 25.07 -18.41 3.25
N GLU D 31 25.93 -19.39 2.95
CA GLU D 31 27.03 -19.13 2.03
C GLU D 31 26.53 -18.86 0.61
N LYS D 32 25.66 -19.73 0.11
CA LYS D 32 25.15 -19.56 -1.25
C LYS D 32 24.22 -18.35 -1.34
N LEU D 33 23.49 -18.06 -0.26
CA LEU D 33 22.70 -16.83 -0.24
C LEU D 33 23.58 -15.59 -0.26
N SER D 34 24.71 -15.65 0.45
CA SER D 34 25.63 -14.50 0.44
C SER D 34 26.31 -14.35 -0.91
N LYS D 35 26.47 -15.45 -1.66
CA LYS D 35 27.09 -15.35 -2.97
C LYS D 35 26.20 -14.62 -3.97
N ILE D 36 24.89 -14.64 -3.77
CA ILE D 36 23.97 -13.94 -4.65
C ILE D 36 23.49 -12.62 -4.03
N GLY D 37 24.19 -12.13 -3.01
CA GLY D 37 23.92 -10.81 -2.48
C GLY D 37 23.03 -10.74 -1.26
N LEU D 38 22.67 -11.88 -0.66
CA LEU D 38 21.81 -11.89 0.51
C LEU D 38 22.66 -12.20 1.74
N VAL D 39 23.27 -11.16 2.29
CA VAL D 39 24.17 -11.32 3.42
C VAL D 39 23.36 -11.48 4.69
N LYS D 40 23.68 -12.51 5.48
CA LYS D 40 22.88 -12.77 6.68
C LYS D 40 23.05 -11.65 7.70
N GLY D 41 21.94 -11.32 8.36
CA GLY D 41 21.94 -10.24 9.33
C GLY D 41 21.65 -10.74 10.74
N VAL D 42 21.14 -9.86 11.59
CA VAL D 42 20.90 -10.20 12.98
C VAL D 42 19.72 -11.15 13.09
N THR D 43 19.82 -12.08 14.03
CA THR D 43 18.74 -13.03 14.33
C THR D 43 17.93 -12.48 15.49
N ARG D 44 16.61 -12.44 15.31
CA ARG D 44 15.73 -11.87 16.31
C ARG D 44 14.76 -12.93 16.81
N LYS D 45 14.25 -12.74 18.02
CA LYS D 45 13.27 -13.64 18.59
C LYS D 45 11.86 -13.23 18.17
N TYR D 46 10.93 -14.16 18.32
CA TYR D 46 9.53 -13.95 17.96
C TYR D 46 8.70 -13.86 19.23
N LYS D 47 8.10 -12.70 19.46
CA LYS D 47 7.32 -12.45 20.67
C LYS D 47 5.90 -12.06 20.28
N ILE D 48 4.93 -12.65 20.96
CA ILE D 48 3.52 -12.37 20.71
C ILE D 48 2.83 -12.04 22.03
N LYS D 49 1.88 -11.11 21.99
CA LYS D 49 1.13 -10.76 23.17
C LYS D 49 0.19 -11.89 23.57
N SER D 50 -0.09 -11.96 24.88
CA SER D 50 -0.99 -12.97 25.44
C SER D 50 -1.31 -12.60 26.88
N ASN D 51 -2.37 -13.22 27.41
CA ASN D 51 -2.80 -13.12 28.80
C ASN D 51 -2.94 -11.68 29.27
N PRO D 52 -3.94 -10.94 28.81
CA PRO D 52 -4.07 -9.54 29.20
C PRO D 52 -4.74 -9.35 30.55
N LEU D 53 -4.35 -8.28 31.24
CA LEU D 53 -5.02 -7.85 32.47
C LEU D 53 -5.90 -6.65 32.16
N THR D 54 -7.05 -6.57 32.84
CA THR D 54 -8.09 -5.60 32.51
C THR D 54 -8.15 -4.52 33.58
N LYS D 55 -8.19 -3.27 33.15
CA LYS D 55 -8.42 -2.14 34.04
C LYS D 55 -9.47 -1.21 33.46
N ASP D 56 -10.41 -0.79 34.29
CA ASP D 56 -11.53 0.02 33.85
C ASP D 56 -11.26 1.50 34.09
N ILE D 57 -11.52 2.33 33.09
CA ILE D 57 -11.41 3.78 33.21
C ILE D 57 -12.69 4.41 32.67
N VAL D 58 -12.92 5.66 33.07
CA VAL D 58 -14.05 6.44 32.59
C VAL D 58 -13.49 7.64 31.84
N ILE D 59 -14.00 7.88 30.64
CA ILE D 59 -13.64 9.06 29.86
C ILE D 59 -14.91 9.89 29.72
N LYS D 60 -14.94 11.03 30.39
CA LYS D 60 -16.06 11.96 30.26
C LYS D 60 -15.76 12.91 29.10
N MET D 61 -16.68 12.98 28.14
CA MET D 61 -16.45 13.69 26.91
C MET D 61 -16.93 15.13 26.95
N ILE D 62 -17.40 15.61 28.09
CA ILE D 62 -17.86 16.98 28.22
C ILE D 62 -17.22 17.62 29.45
N PRO D 63 -16.62 18.80 29.32
CA PRO D 63 -16.02 19.45 30.47
C PRO D 63 -17.07 20.02 31.43
N ASN D 64 -16.62 20.30 32.65
CA ASN D 64 -17.45 20.93 33.66
C ASN D 64 -17.16 22.43 33.65
N VAL D 65 -18.18 23.24 33.37
CA VAL D 65 -18.03 24.68 33.28
C VAL D 65 -18.88 25.36 34.35
N SER D 66 -19.01 24.71 35.50
CA SER D 66 -19.82 25.29 36.57
C SER D 66 -19.22 26.59 37.11
N ASN D 67 -17.91 26.79 36.94
CA ASN D 67 -17.25 28.01 37.40
C ASN D 67 -17.20 29.10 36.34
N MET D 68 -17.80 28.88 35.18
CA MET D 68 -17.78 29.85 34.09
C MET D 68 -19.13 29.89 33.38
N SER D 69 -20.20 29.51 34.09
CA SER D 69 -21.51 29.35 33.48
C SER D 69 -22.09 30.64 32.91
N GLN D 70 -21.60 31.80 33.36
CA GLN D 70 -22.11 33.06 32.80
C GLN D 70 -21.58 33.29 31.39
N CYS D 71 -20.48 32.66 31.01
CA CYS D 71 -19.88 32.82 29.70
C CYS D 71 -20.06 31.60 28.82
N THR D 72 -20.98 30.71 29.16
CA THR D 72 -21.21 29.52 28.35
C THR D 72 -22.19 29.80 27.22
N GLY D 73 -23.35 30.35 27.54
CA GLY D 73 -24.33 30.63 26.50
C GLY D 73 -24.99 29.36 25.99
N SER D 74 -25.16 29.29 24.67
CA SER D 74 -25.82 28.17 24.02
C SER D 74 -24.84 27.22 23.34
N VAL D 75 -23.54 27.34 23.62
CA VAL D 75 -22.57 26.50 22.93
C VAL D 75 -22.65 25.05 23.42
N MET D 76 -22.94 24.84 24.71
CA MET D 76 -22.89 23.49 25.24
C MET D 76 -24.16 22.70 24.96
N GLU D 77 -25.29 23.36 24.75
CA GLU D 77 -26.47 22.62 24.27
C GLU D 77 -26.22 22.05 22.88
N ASN D 78 -25.63 22.86 21.99
CA ASN D 78 -25.27 22.36 20.66
C ASN D 78 -24.20 21.29 20.75
N TYR D 79 -23.23 21.46 21.66
CA TYR D 79 -22.20 20.44 21.83
C TYR D 79 -22.79 19.13 22.33
N LYS D 80 -23.75 19.21 23.26
CA LYS D 80 -24.40 18.01 23.78
C LYS D 80 -25.21 17.32 22.68
N THR D 81 -25.89 18.09 21.84
CA THR D 81 -26.61 17.50 20.71
C THR D 81 -25.65 16.80 19.76
N ARG D 82 -24.51 17.43 19.46
CA ARG D 82 -23.53 16.82 18.56
C ARG D 82 -22.93 15.55 19.16
N LEU D 83 -22.62 15.58 20.46
CA LEU D 83 -22.09 14.39 21.12
C LEU D 83 -23.11 13.27 21.16
N ASN D 84 -24.39 13.60 21.39
CA ASN D 84 -25.43 12.59 21.37
C ASN D 84 -25.54 11.95 19.99
N GLY D 85 -25.49 12.77 18.94
CA GLY D 85 -25.52 12.23 17.59
C GLY D 85 -24.32 11.35 17.29
N ILE D 86 -23.16 11.71 17.84
CA ILE D 86 -21.95 10.91 17.61
C ILE D 86 -22.05 9.57 18.35
N LEU D 87 -22.49 9.60 19.60
CA LEU D 87 -22.44 8.42 20.47
C LEU D 87 -23.66 7.53 20.38
N THR D 88 -24.74 7.96 19.71
CA THR D 88 -25.92 7.10 19.58
C THR D 88 -25.65 5.82 18.79
N PRO D 89 -24.99 5.84 17.61
CA PRO D 89 -24.71 4.57 16.94
C PRO D 89 -23.82 3.62 17.74
N ILE D 90 -22.89 4.15 18.54
CA ILE D 90 -22.05 3.28 19.36
C ILE D 90 -22.89 2.53 20.39
N LYS D 91 -23.78 3.24 21.06
CA LYS D 91 -24.67 2.59 22.04
C LYS D 91 -25.61 1.61 21.35
N GLY D 92 -26.12 1.97 20.18
CA GLY D 92 -26.99 1.06 19.45
C GLY D 92 -26.28 -0.21 19.02
N ALA D 93 -25.00 -0.11 18.67
CA ALA D 93 -24.24 -1.29 18.28
C ALA D 93 -23.85 -2.12 19.50
N LEU D 94 -23.65 -1.49 20.65
CA LEU D 94 -23.38 -2.24 21.87
C LEU D 94 -24.62 -2.97 22.36
N GLU D 95 -25.79 -2.34 22.26
CA GLU D 95 -27.01 -2.94 22.80
C GLU D 95 -27.46 -4.15 22.01
N ILE D 96 -26.91 -4.39 20.82
CA ILE D 96 -27.20 -5.61 20.08
C ILE D 96 -26.70 -6.83 20.87
N TYR D 97 -25.49 -6.73 21.42
CA TYR D 97 -24.94 -7.79 22.25
C TYR D 97 -25.33 -7.65 23.72
N LYS D 98 -25.65 -6.45 24.18
CA LYS D 98 -26.11 -6.26 25.55
C LYS D 98 -27.44 -6.96 25.78
N ASN D 99 -28.36 -6.83 24.83
CA ASN D 99 -29.72 -7.35 24.98
C ASN D 99 -29.82 -8.85 24.71
N ASN D 100 -28.80 -9.47 24.13
CA ASN D 100 -28.88 -10.85 23.66
C ASN D 100 -27.85 -11.75 24.32
N THR D 101 -27.27 -11.34 25.45
CA THR D 101 -26.31 -12.14 26.19
C THR D 101 -26.74 -12.21 27.64
N HIS D 102 -26.62 -13.38 28.24
CA HIS D 102 -27.10 -13.58 29.60
C HIS D 102 -26.37 -14.75 30.25
N ASP D 103 -26.79 -15.08 31.47
CA ASP D 103 -26.26 -16.23 32.16
C ASP D 103 -26.91 -17.51 31.65
N CYS D 104 -26.16 -18.61 31.74
CA CYS D 104 -26.65 -19.91 31.28
C CYS D 104 -27.33 -20.61 32.45
N VAL D 105 -28.67 -20.70 32.38
CA VAL D 105 -29.43 -21.33 33.45
C VAL D 105 -29.52 -22.84 33.30
N GLY D 106 -29.20 -23.39 32.12
CA GLY D 106 -29.27 -24.81 31.92
C GLY D 106 -28.18 -25.58 32.65
N ASP D 107 -26.93 -25.39 32.24
CA ASP D 107 -25.82 -26.09 32.85
C ASP D 107 -24.54 -25.30 32.59
N VAL D 108 -23.83 -24.94 33.65
CA VAL D 108 -22.62 -24.14 33.53
C VAL D 108 -21.41 -25.07 33.56
N ARG D 109 -21.65 -26.36 33.29
CA ARG D 109 -20.56 -27.33 33.27
C ARG D 109 -19.57 -27.03 32.15
N LEU D 110 -20.06 -26.53 31.01
CA LEU D 110 -19.22 -26.22 29.87
C LEU D 110 -18.87 -24.74 29.77
N ALA D 111 -19.85 -23.86 29.89
CA ALA D 111 -19.62 -22.42 29.85
C ALA D 111 -20.74 -21.72 30.59
N GLY D 112 -20.52 -20.45 30.92
CA GLY D 112 -21.48 -19.70 31.71
C GLY D 112 -22.08 -18.49 31.02
N VAL D 113 -21.73 -18.27 29.76
CA VAL D 113 -22.20 -17.11 28.99
C VAL D 113 -23.05 -17.62 27.85
N CYS D 114 -24.35 -17.32 27.88
CA CYS D 114 -25.28 -17.75 26.85
C CYS D 114 -25.58 -16.58 25.91
N MET D 115 -25.44 -16.83 24.61
CA MET D 115 -25.79 -15.88 23.58
C MET D 115 -27.03 -16.34 22.83
N ALA D 116 -27.72 -15.40 22.19
CA ALA D 116 -28.85 -15.71 21.32
C ALA D 116 -28.39 -15.47 19.89
N GLY D 117 -27.98 -16.56 19.22
CA GLY D 117 -27.46 -16.45 17.87
C GLY D 117 -28.50 -16.09 16.83
N VAL D 118 -29.77 -16.37 17.11
CA VAL D 118 -30.82 -15.98 16.17
C VAL D 118 -30.99 -14.46 16.16
N ALA D 119 -30.99 -13.84 17.34
CA ALA D 119 -31.17 -12.40 17.42
C ALA D 119 -29.98 -11.64 16.88
N ILE D 120 -28.76 -12.13 17.16
CA ILE D 120 -27.57 -11.50 16.64
C ILE D 120 -27.50 -11.65 15.12
N GLY D 121 -27.79 -12.84 14.62
CA GLY D 121 -27.91 -13.07 13.20
C GLY D 121 -26.60 -13.33 12.48
N ILE D 122 -25.83 -12.28 12.23
CA ILE D 122 -24.58 -12.38 11.49
C ILE D 122 -23.46 -11.83 12.37
N ALA D 123 -22.43 -12.64 12.59
CA ALA D 123 -21.30 -12.24 13.42
C ALA D 123 -20.10 -13.10 13.05
N THR D 124 -18.93 -12.67 13.49
CA THR D 124 -17.69 -13.40 13.30
C THR D 124 -17.23 -13.99 14.64
N ALA D 125 -16.13 -14.73 14.59
CA ALA D 125 -15.57 -15.28 15.82
C ALA D 125 -15.05 -14.17 16.73
N ALA D 126 -14.39 -13.17 16.15
CA ALA D 126 -13.88 -12.06 16.94
C ALA D 126 -15.01 -11.25 17.56
N GLN D 127 -16.09 -11.04 16.82
CA GLN D 127 -17.23 -10.29 17.36
C GLN D 127 -17.88 -11.05 18.51
N ILE D 128 -18.01 -12.36 18.39
CA ILE D 128 -18.60 -13.17 19.46
C ILE D 128 -17.71 -13.15 20.70
N THR D 129 -16.39 -13.30 20.51
CA THR D 129 -15.47 -13.24 21.65
C THR D 129 -15.51 -11.87 22.32
N ALA D 130 -15.58 -10.80 21.52
CA ALA D 130 -15.65 -9.46 22.07
C ALA D 130 -16.98 -9.23 22.80
N GLY D 131 -18.06 -9.80 22.30
CA GLY D 131 -19.33 -9.72 23.03
C GLY D 131 -19.29 -10.46 24.35
N VAL D 132 -18.60 -11.60 24.38
CA VAL D 132 -18.40 -12.32 25.64
C VAL D 132 -17.62 -11.44 26.62
N ALA D 133 -16.54 -10.82 26.14
CA ALA D 133 -15.74 -9.95 27.01
C ALA D 133 -16.56 -8.75 27.49
N LEU D 134 -17.42 -8.22 26.62
CA LEU D 134 -18.31 -7.13 27.02
C LEU D 134 -19.27 -7.57 28.11
N TYR D 135 -19.81 -8.79 28.01
CA TYR D 135 -20.69 -9.29 29.06
C TYR D 135 -19.94 -9.46 30.37
N GLU D 136 -18.69 -9.95 30.31
CA GLU D 136 -17.90 -10.06 31.53
C GLU D 136 -17.64 -8.69 32.16
N ALA D 137 -17.36 -7.69 31.33
CA ALA D 137 -17.10 -6.35 31.84
C ALA D 137 -18.35 -5.62 32.29
N MET D 138 -19.54 -6.10 31.91
CA MET D 138 -20.78 -5.48 32.36
C MET D 138 -20.91 -5.49 33.88
N LYS D 139 -20.37 -6.51 34.55
CA LYS D 139 -20.49 -6.59 36.00
C LYS D 139 -19.78 -5.43 36.69
N ASN D 140 -18.58 -5.07 36.22
CA ASN D 140 -17.87 -3.91 36.74
C ASN D 140 -18.45 -2.60 36.23
N ALA D 141 -19.00 -2.60 35.00
CA ALA D 141 -19.63 -1.40 34.47
C ALA D 141 -20.85 -1.02 35.31
N ASP D 142 -21.53 -2.01 35.88
CA ASP D 142 -22.67 -1.72 36.75
C ASP D 142 -22.22 -1.03 38.04
N ASN D 143 -21.09 -1.45 38.58
CA ASN D 143 -20.57 -0.80 39.79
C ASN D 143 -20.07 0.61 39.48
N ILE D 144 -19.43 0.80 38.33
CA ILE D 144 -18.99 2.13 37.94
C ILE D 144 -20.19 3.03 37.64
N ASN D 145 -21.31 2.44 37.22
CA ASN D 145 -22.50 3.23 36.93
C ASN D 145 -23.13 3.81 38.19
N LYS D 146 -22.85 3.22 39.36
CA LYS D 146 -23.15 3.89 40.61
C LYS D 146 -22.24 5.11 40.74
N LEU D 147 -22.57 5.99 41.69
CA LEU D 147 -21.92 7.29 41.85
C LEU D 147 -21.76 8.00 40.51
N LYS D 148 -22.80 7.94 39.67
CA LYS D 148 -22.78 8.67 38.41
C LYS D 148 -22.82 10.17 38.64
N SER D 149 -23.46 10.59 39.74
CA SER D 149 -23.44 12.01 40.10
C SER D 149 -22.04 12.46 40.50
N SER D 150 -21.24 11.53 41.03
CA SER D 150 -19.85 11.85 41.36
C SER D 150 -19.01 11.99 40.12
N ILE D 151 -19.29 11.17 39.09
CA ILE D 151 -18.61 11.33 37.80
C ILE D 151 -19.01 12.64 37.14
N GLU D 152 -20.30 12.97 37.17
CA GLU D 152 -20.79 14.18 36.52
C GLU D 152 -20.28 15.44 37.21
N SER D 153 -19.85 15.35 38.46
CA SER D 153 -19.41 16.51 39.23
C SER D 153 -17.90 16.67 39.26
N THR D 154 -17.16 15.90 38.47
CA THR D 154 -15.72 16.01 38.46
C THR D 154 -15.30 17.36 37.88
N ASN D 155 -14.32 17.99 38.54
CA ASN D 155 -13.86 19.32 38.16
C ASN D 155 -12.39 19.35 37.79
N GLU D 156 -11.74 18.21 37.69
CA GLU D 156 -10.32 18.12 37.36
C GLU D 156 -10.14 17.22 36.15
N ALA D 157 -8.97 17.32 35.53
CA ALA D 157 -8.67 16.51 34.35
C ALA D 157 -8.62 15.03 34.68
N VAL D 158 -8.01 14.67 35.80
CA VAL D 158 -7.94 13.29 36.26
C VAL D 158 -8.48 13.25 37.70
N VAL D 159 -9.47 12.40 37.94
CA VAL D 159 -10.10 12.27 39.25
C VAL D 159 -10.17 10.80 39.61
N LYS D 160 -9.85 10.48 40.87
CA LYS D 160 -9.95 9.11 41.37
C LYS D 160 -11.16 8.97 42.27
N LEU D 161 -11.97 7.94 42.03
CA LEU D 161 -13.08 7.59 42.91
C LEU D 161 -13.02 6.10 43.23
N GLN D 162 -13.91 5.68 44.12
CA GLN D 162 -13.93 4.30 44.62
C GLN D 162 -15.06 3.54 43.93
N GLU D 163 -14.71 2.75 42.92
CA GLU D 163 -15.68 1.84 42.30
C GLU D 163 -16.15 0.80 43.31
N THR D 164 -15.24 0.26 44.10
CA THR D 164 -15.56 -0.61 45.22
C THR D 164 -14.75 -0.11 46.42
N ALA D 165 -15.00 -0.71 47.59
CA ALA D 165 -14.24 -0.33 48.77
C ALA D 165 -12.75 -0.64 48.65
N GLU D 166 -12.38 -1.54 47.74
CA GLU D 166 -10.99 -1.92 47.56
C GLU D 166 -10.45 -1.62 46.17
N LYS D 167 -11.29 -1.19 45.23
CA LYS D 167 -10.86 -0.93 43.86
C LYS D 167 -11.23 0.50 43.49
N THR D 168 -10.33 1.18 42.79
CA THR D 168 -10.51 2.56 42.38
C THR D 168 -10.74 2.66 40.88
N VAL D 169 -11.37 3.75 40.47
CA VAL D 169 -11.64 4.06 39.07
C VAL D 169 -11.20 5.49 38.79
N TYR D 170 -10.63 5.71 37.61
CA TYR D 170 -10.13 7.01 37.20
C TYR D 170 -11.00 7.60 36.11
N VAL D 171 -11.41 8.85 36.31
CA VAL D 171 -12.20 9.60 35.35
C VAL D 171 -11.32 10.66 34.71
N PHE D 172 -11.31 10.68 33.38
CA PHE D 172 -10.54 11.64 32.60
C PHE D 172 -11.52 12.54 31.85
N THR D 173 -11.46 13.83 32.11
CA THR D 173 -12.36 14.80 31.47
C THR D 173 -11.66 15.41 30.26
N ALA D 174 -12.41 15.54 29.16
CA ALA D 174 -11.81 15.77 27.85
C ALA D 174 -11.08 17.11 27.77
N LEU D 175 -11.68 18.17 28.30
CA LEU D 175 -11.13 19.51 28.14
C LEU D 175 -11.09 20.28 29.46
N GLN D 176 -10.97 19.57 30.58
CA GLN D 176 -11.06 20.25 31.87
C GLN D 176 -9.81 21.08 32.15
N ASP D 177 -8.66 20.67 31.64
CA ASP D 177 -7.44 21.44 31.85
C ASP D 177 -7.53 22.81 31.18
N TYR D 178 -8.03 22.84 29.93
CA TYR D 178 -8.15 24.10 29.21
C TYR D 178 -9.15 25.03 29.90
N ILE D 179 -10.27 24.47 30.37
CA ILE D 179 -11.26 25.27 31.09
C ILE D 179 -10.65 25.82 32.39
N ASN D 180 -9.90 24.98 33.11
CA ASN D 180 -9.40 25.37 34.42
C ASN D 180 -8.29 26.40 34.34
N THR D 181 -7.42 26.32 33.33
CA THR D 181 -6.24 27.17 33.30
C THR D 181 -6.21 28.20 32.18
N ASN D 182 -7.16 28.16 31.26
CA ASN D 182 -7.15 29.10 30.14
C ASN D 182 -8.37 29.99 30.08
N LEU D 183 -9.54 29.49 30.49
CA LEU D 183 -10.78 30.22 30.37
C LEU D 183 -11.28 30.79 31.68
N VAL D 184 -11.20 30.03 32.77
CA VAL D 184 -11.60 30.54 34.08
C VAL D 184 -10.71 31.69 34.57
N PRO D 185 -9.37 31.58 34.55
CA PRO D 185 -8.56 32.70 35.05
C PRO D 185 -8.66 33.98 34.23
N THR D 186 -9.07 33.90 32.95
CA THR D 186 -9.25 35.08 32.12
C THR D 186 -10.73 35.40 31.91
N ILE D 187 -11.57 35.17 32.91
CA ILE D 187 -13.00 35.37 32.73
C ILE D 187 -13.36 36.84 32.89
N ASP D 188 -12.48 37.63 33.50
CA ASP D 188 -12.75 39.05 33.72
C ASP D 188 -11.89 39.98 32.88
N LYS D 189 -10.74 39.52 32.39
CA LYS D 189 -9.84 40.36 31.62
C LYS D 189 -10.24 40.50 30.16
N ILE D 190 -11.13 39.66 29.67
CA ILE D 190 -11.59 39.74 28.28
C ILE D 190 -13.12 39.75 28.28
N PRO D 191 -13.74 40.28 27.22
CA PRO D 191 -15.20 40.24 27.13
C PRO D 191 -15.73 38.81 27.16
N CYS D 192 -16.91 38.66 27.77
CA CYS D 192 -17.51 37.34 27.94
C CYS D 192 -17.81 36.67 26.61
N LYS D 193 -18.13 37.46 25.58
CA LYS D 193 -18.40 36.89 24.27
C LYS D 193 -17.16 36.22 23.69
N GLN D 194 -15.99 36.81 23.91
CA GLN D 194 -14.75 36.20 23.44
C GLN D 194 -14.48 34.89 24.16
N THR D 195 -14.78 34.83 25.46
CA THR D 195 -14.63 33.58 26.20
C THR D 195 -15.58 32.51 25.67
N GLU D 196 -16.82 32.90 25.38
CA GLU D 196 -17.78 31.95 24.80
C GLU D 196 -17.30 31.44 23.45
N LEU D 197 -16.79 32.34 22.60
CA LEU D 197 -16.31 31.92 21.29
C LEU D 197 -15.10 31.00 21.41
N SER D 198 -14.20 31.30 22.35
CA SER D 198 -13.02 30.45 22.55
C SER D 198 -13.41 29.07 23.04
N LEU D 199 -14.39 29.00 23.95
CA LEU D 199 -14.91 27.70 24.39
C LEU D 199 -15.54 26.95 23.22
N ASP D 200 -16.26 27.67 22.36
CA ASP D 200 -16.91 27.04 21.21
C ASP D 200 -15.88 26.44 20.26
N LEU D 201 -14.83 27.20 19.93
CA LEU D 201 -13.78 26.65 19.07
C LEU D 201 -13.00 25.52 19.74
N ALA D 202 -12.81 25.58 21.06
CA ALA D 202 -12.14 24.48 21.75
C ALA D 202 -12.95 23.19 21.63
N LEU D 203 -14.26 23.27 21.86
CA LEU D 203 -15.11 22.10 21.73
C LEU D 203 -15.16 21.61 20.30
N SER D 204 -15.20 22.52 19.33
CA SER D 204 -15.24 22.11 17.93
C SER D 204 -13.93 21.45 17.50
N LYS D 205 -12.79 21.94 17.98
CA LYS D 205 -11.52 21.29 17.67
C LYS D 205 -11.44 19.92 18.33
N TYR D 206 -11.95 19.79 19.55
CA TYR D 206 -12.01 18.48 20.18
C TYR D 206 -12.85 17.50 19.37
N LEU D 207 -14.01 17.94 18.88
CA LEU D 207 -14.84 17.08 18.05
C LEU D 207 -14.17 16.75 16.73
N SER D 208 -13.44 17.70 16.14
CA SER D 208 -12.72 17.46 14.90
C SER D 208 -11.65 16.39 15.07
N ASP D 209 -10.91 16.45 16.18
CA ASP D 209 -9.94 15.40 16.47
C ASP D 209 -10.63 14.07 16.75
N LEU D 210 -11.76 14.09 17.45
CA LEU D 210 -12.42 12.88 17.89
C LEU D 210 -13.05 12.12 16.73
N LEU D 211 -13.64 12.84 15.77
CA LEU D 211 -14.43 12.21 14.72
C LEU D 211 -13.60 11.35 13.77
N PHE D 212 -12.28 11.54 13.73
CA PHE D 212 -11.45 10.70 12.89
C PHE D 212 -11.42 9.26 13.39
N VAL D 213 -11.78 9.04 14.66
CA VAL D 213 -11.66 7.74 15.30
C VAL D 213 -13.02 7.23 15.77
N PHE D 214 -13.81 8.07 16.43
CA PHE D 214 -15.08 7.67 17.02
C PHE D 214 -16.26 7.99 16.13
N GLY D 215 -16.04 8.44 14.90
CA GLY D 215 -17.12 8.80 14.01
C GLY D 215 -17.75 7.59 13.34
N PRO D 216 -18.20 7.77 12.10
CA PRO D 216 -18.75 6.63 11.35
C PRO D 216 -17.74 5.54 11.06
N ASN D 217 -16.44 5.83 11.17
CA ASN D 217 -15.43 4.79 11.01
C ASN D 217 -15.50 3.72 12.09
N LEU D 218 -16.03 4.05 13.27
CA LEU D 218 -16.22 3.07 14.34
C LEU D 218 -17.48 2.27 14.05
N GLN D 219 -17.39 1.42 13.04
CA GLN D 219 -18.52 0.58 12.66
C GLN D 219 -18.75 -0.53 13.68
N ASP D 220 -17.68 -1.06 14.27
CA ASP D 220 -17.74 -2.20 15.18
C ASP D 220 -17.11 -1.80 16.51
N PRO D 221 -17.88 -1.21 17.42
CA PRO D 221 -17.32 -0.87 18.75
C PRO D 221 -17.20 -2.06 19.68
N VAL D 222 -17.73 -3.22 19.30
CA VAL D 222 -17.66 -4.39 20.18
C VAL D 222 -16.24 -4.93 20.25
N SER D 223 -15.53 -4.95 19.12
CA SER D 223 -14.23 -5.59 19.05
C SER D 223 -13.20 -4.92 19.97
N ASN D 224 -12.30 -5.73 20.50
CA ASN D 224 -11.27 -5.28 21.42
C ASN D 224 -9.90 -5.15 20.74
N SER D 225 -9.88 -4.86 19.45
CA SER D 225 -8.65 -4.58 18.73
C SER D 225 -8.34 -3.09 18.64
N MET D 226 -9.14 -2.25 19.30
CA MET D 226 -8.97 -0.81 19.25
C MET D 226 -7.88 -0.38 20.23
N THR D 227 -6.79 0.16 19.70
CA THR D 227 -5.61 0.45 20.52
C THR D 227 -5.88 1.61 21.47
N ILE D 228 -5.01 1.71 22.49
CA ILE D 228 -5.16 2.78 23.48
C ILE D 228 -4.83 4.14 22.87
N GLN D 229 -3.96 4.17 21.85
CA GLN D 229 -3.66 5.43 21.19
C GLN D 229 -4.89 5.98 20.48
N ALA D 230 -5.66 5.10 19.83
CA ALA D 230 -6.88 5.54 19.15
C ALA D 230 -7.94 5.96 20.16
N ILE D 231 -8.07 5.23 21.26
CA ILE D 231 -9.06 5.54 22.29
C ILE D 231 -8.74 6.87 22.95
N SER D 232 -7.45 7.18 23.12
CA SER D 232 -7.04 8.41 23.79
C SER D 232 -7.42 9.67 23.03
N GLN D 233 -7.91 9.55 21.79
CA GLN D 233 -8.44 10.72 21.09
C GLN D 233 -9.65 11.31 21.79
N ALA D 234 -10.33 10.52 22.62
CA ALA D 234 -11.39 11.05 23.48
C ALA D 234 -10.83 11.84 24.66
N PHE D 235 -9.52 11.75 24.90
CA PHE D 235 -8.84 12.53 25.93
C PHE D 235 -7.86 13.51 25.31
N GLY D 236 -8.01 13.77 24.01
CA GLY D 236 -7.11 14.68 23.32
C GLY D 236 -5.78 14.09 22.92
N GLY D 237 -5.70 12.78 22.72
CA GLY D 237 -4.48 12.15 22.31
C GLY D 237 -3.47 11.91 23.40
N ASN D 238 -3.86 12.06 24.66
CA ASN D 238 -2.94 11.92 25.79
C ASN D 238 -3.09 10.53 26.41
N TYR D 239 -2.52 9.53 25.72
CA TYR D 239 -2.53 8.18 26.26
C TYR D 239 -1.46 7.97 27.32
N GLU D 240 -0.42 8.81 27.33
CA GLU D 240 0.60 8.72 28.36
C GLU D 240 0.01 8.99 29.73
N THR D 241 -0.90 9.97 29.82
CA THR D 241 -1.56 10.24 31.09
C THR D 241 -2.37 9.04 31.57
N LEU D 242 -3.12 8.42 30.66
CA LEU D 242 -3.93 7.25 31.02
C LEU D 242 -3.05 6.12 31.52
N LEU D 243 -2.02 5.78 30.75
CA LEU D 243 -1.15 4.65 31.12
C LEU D 243 -0.40 4.94 32.41
N ARG D 244 0.14 6.15 32.58
CA ARG D 244 0.88 6.50 33.78
C ARG D 244 -0.02 6.49 35.01
N THR D 245 -1.24 7.00 34.89
CA THR D 245 -2.15 7.05 36.02
C THR D 245 -2.62 5.64 36.40
N LEU D 246 -2.88 4.79 35.41
CA LEU D 246 -3.32 3.44 35.69
C LEU D 246 -2.22 2.62 36.35
N GLY D 247 -0.97 2.80 35.93
CA GLY D 247 0.10 1.94 36.39
C GLY D 247 0.29 0.75 35.48
N TYR D 248 1.54 0.30 35.39
CA TYR D 248 1.87 -0.78 34.46
C TYR D 248 3.17 -1.44 34.90
N ALA D 249 3.43 -2.61 34.33
CA ALA D 249 4.72 -3.27 34.48
C ALA D 249 5.69 -2.69 33.46
N THR D 250 6.84 -2.22 33.93
CA THR D 250 7.79 -1.49 33.09
C THR D 250 8.77 -2.39 32.37
N GLU D 251 8.62 -3.71 32.47
CA GLU D 251 9.58 -4.62 31.84
C GLU D 251 9.54 -4.50 30.32
N ASP D 252 8.34 -4.50 29.73
CA ASP D 252 8.18 -4.44 28.28
C ASP D 252 7.13 -3.41 27.88
N PHE D 253 6.97 -2.36 28.69
CA PHE D 253 5.87 -1.42 28.48
C PHE D 253 5.96 -0.71 27.14
N ASP D 254 7.16 -0.26 26.76
CA ASP D 254 7.32 0.44 25.49
C ASP D 254 7.13 -0.49 24.31
N ASP D 255 7.61 -1.73 24.42
CA ASP D 255 7.40 -2.71 23.35
C ASP D 255 5.93 -3.09 23.23
N LEU D 256 5.23 -3.21 24.36
CA LEU D 256 3.79 -3.45 24.32
C LEU D 256 3.05 -2.29 23.68
N LEU D 257 3.46 -1.06 24.01
CA LEU D 257 2.74 0.11 23.52
C LEU D 257 2.98 0.35 22.03
N GLU D 258 4.23 0.23 21.58
CA GLU D 258 4.55 0.58 20.20
C GLU D 258 4.10 -0.48 19.20
N SER D 259 3.84 -1.70 19.64
CA SER D 259 3.42 -2.77 18.74
C SER D 259 1.91 -2.91 18.65
N ASP D 260 1.16 -1.89 19.10
CA ASP D 260 -0.30 -1.89 19.08
C ASP D 260 -0.88 -3.08 19.84
N SER D 261 -0.25 -3.41 20.97
CA SER D 261 -0.68 -4.54 21.79
C SER D 261 -1.55 -4.13 22.96
N ILE D 262 -1.41 -2.91 23.46
CA ILE D 262 -2.28 -2.41 24.53
C ILE D 262 -3.52 -1.84 23.88
N THR D 263 -4.63 -2.58 23.97
CA THR D 263 -5.89 -2.19 23.35
C THR D 263 -6.92 -1.89 24.44
N GLY D 264 -8.11 -1.50 23.99
CA GLY D 264 -9.21 -1.21 24.89
C GLY D 264 -10.53 -1.43 24.20
N GLN D 265 -11.57 -1.54 25.01
CA GLN D 265 -12.91 -1.83 24.51
C GLN D 265 -13.92 -0.97 25.25
N ILE D 266 -14.85 -0.37 24.50
CA ILE D 266 -15.92 0.41 25.09
C ILE D 266 -16.98 -0.54 25.62
N ILE D 267 -17.29 -0.43 26.91
CA ILE D 267 -18.24 -1.33 27.56
C ILE D 267 -19.50 -0.63 28.03
N TYR D 268 -19.53 0.69 28.04
CA TYR D 268 -20.73 1.43 28.41
C TYR D 268 -20.64 2.84 27.86
N VAL D 269 -21.76 3.32 27.31
CA VAL D 269 -21.89 4.68 26.81
C VAL D 269 -23.11 5.31 27.46
N ASP D 270 -22.90 6.42 28.16
CA ASP D 270 -23.99 7.14 28.82
C ASP D 270 -24.32 8.37 28.00
N LEU D 271 -25.59 8.48 27.60
CA LEU D 271 -26.05 9.58 26.76
C LEU D 271 -26.70 10.69 27.56
N SER D 272 -26.68 10.61 28.88
CA SER D 272 -27.16 11.68 29.75
C SER D 272 -26.01 12.45 30.38
N SER D 273 -25.05 11.75 30.98
CA SER D 273 -23.85 12.37 31.53
C SER D 273 -22.72 12.49 30.52
N TYR D 274 -22.86 11.87 29.34
CA TYR D 274 -21.91 11.96 28.23
C TYR D 274 -20.52 11.49 28.64
N TYR D 275 -20.44 10.21 29.01
CA TYR D 275 -19.17 9.56 29.28
C TYR D 275 -19.19 8.15 28.72
N ILE D 276 -18.00 7.56 28.62
CA ILE D 276 -17.86 6.17 28.22
C ILE D 276 -16.98 5.47 29.24
N ILE D 277 -17.14 4.15 29.32
CA ILE D 277 -16.33 3.30 30.18
C ILE D 277 -15.50 2.39 29.28
N VAL D 278 -14.17 2.43 29.46
CA VAL D 278 -13.24 1.72 28.61
C VAL D 278 -12.48 0.71 29.45
N ARG D 279 -12.44 -0.54 28.99
CA ARG D 279 -11.65 -1.58 29.63
C ARG D 279 -10.33 -1.74 28.87
N VAL D 280 -9.24 -1.31 29.47
CA VAL D 280 -7.92 -1.35 28.86
C VAL D 280 -7.27 -2.69 29.20
N TYR D 281 -6.69 -3.33 28.17
CA TYR D 281 -6.03 -4.62 28.32
C TYR D 281 -4.52 -4.43 28.27
N PHE D 282 -3.82 -5.00 29.24
CA PHE D 282 -2.36 -4.96 29.34
C PHE D 282 -1.85 -6.39 29.20
N PRO D 283 -1.39 -6.79 28.02
CA PRO D 283 -0.89 -8.15 27.84
C PRO D 283 0.55 -8.30 28.30
N ILE D 284 1.03 -9.53 28.23
CA ILE D 284 2.44 -9.85 28.41
C ILE D 284 2.95 -10.41 27.10
N LEU D 285 4.26 -10.34 26.91
CA LEU D 285 4.91 -10.82 25.70
C LEU D 285 5.49 -12.20 25.95
N THR D 286 5.01 -13.20 25.23
CA THR D 286 5.54 -14.55 25.29
C THR D 286 6.45 -14.78 24.10
N GLU D 287 7.65 -15.28 24.36
CA GLU D 287 8.59 -15.64 23.31
C GLU D 287 8.21 -17.01 22.75
N ILE D 288 8.01 -17.08 21.45
CA ILE D 288 7.66 -18.35 20.82
C ILE D 288 8.89 -19.25 20.81
N GLN D 289 8.80 -20.39 21.48
CA GLN D 289 9.95 -21.26 21.64
C GLN D 289 10.28 -21.96 20.33
N GLN D 290 11.59 -22.15 20.09
CA GLN D 290 12.11 -22.76 18.86
C GLN D 290 11.64 -22.01 17.63
N ALA D 291 11.58 -20.69 17.73
CA ALA D 291 11.17 -19.82 16.63
C ALA D 291 12.05 -18.58 16.61
N TYR D 292 12.45 -18.16 15.42
CA TYR D 292 13.26 -16.97 15.27
C TYR D 292 13.00 -16.36 13.89
N ILE D 293 13.54 -15.16 13.70
CA ILE D 293 13.40 -14.42 12.46
C ILE D 293 14.78 -13.99 11.99
N GLN D 294 15.10 -14.31 10.73
CA GLN D 294 16.39 -14.02 10.15
C GLN D 294 16.24 -12.89 9.13
N GLU D 295 17.11 -11.89 9.23
CA GLU D 295 17.12 -10.76 8.32
C GLU D 295 18.24 -10.94 7.30
N LEU D 296 17.93 -10.68 6.04
CA LEU D 296 18.90 -10.78 4.95
C LEU D 296 19.13 -9.39 4.36
N LEU D 297 20.33 -8.87 4.54
CA LEU D 297 20.72 -7.60 3.93
C LEU D 297 20.93 -7.80 2.44
N PRO D 298 20.22 -7.06 1.58
CA PRO D 298 20.41 -7.23 0.14
C PRO D 298 21.62 -6.45 -0.35
N VAL D 299 22.46 -7.14 -1.12
CA VAL D 299 23.65 -6.54 -1.74
C VAL D 299 23.57 -6.79 -3.23
N SER D 300 23.83 -5.75 -4.03
CA SER D 300 23.82 -5.91 -5.47
C SER D 300 25.05 -6.71 -5.90
N PHE D 301 24.84 -7.63 -6.84
CA PHE D 301 25.92 -8.48 -7.33
C PHE D 301 26.06 -8.32 -8.84
N ASN D 302 27.17 -8.81 -9.37
CA ASN D 302 27.56 -8.61 -10.75
C ASN D 302 27.30 -9.86 -11.57
N ASN D 303 26.72 -9.68 -12.75
CA ASN D 303 26.46 -10.80 -13.65
C ASN D 303 26.33 -10.27 -15.07
N ASP D 304 27.26 -10.68 -15.95
CA ASP D 304 27.25 -10.33 -17.37
C ASP D 304 27.26 -8.81 -17.58
N ASN D 305 28.25 -8.16 -16.97
CA ASN D 305 28.45 -6.71 -17.08
C ASN D 305 27.20 -5.92 -16.66
N SER D 306 26.48 -6.42 -15.65
CA SER D 306 25.27 -5.77 -15.18
C SER D 306 25.12 -6.03 -13.69
N GLU D 307 24.26 -5.24 -13.06
CA GLU D 307 24.08 -5.26 -11.61
C GLU D 307 22.68 -5.78 -11.28
N TRP D 308 22.60 -6.67 -10.30
CA TRP D 308 21.35 -7.37 -10.00
C TRP D 308 21.10 -7.39 -8.49
N ILE D 309 19.83 -7.46 -8.13
CA ILE D 309 19.37 -7.61 -6.75
C ILE D 309 18.51 -8.85 -6.67
N SER D 310 18.82 -9.75 -5.73
CA SER D 310 18.00 -10.94 -5.56
C SER D 310 16.64 -10.57 -4.99
N ILE D 311 15.59 -11.20 -5.53
CA ILE D 311 14.22 -10.94 -5.09
C ILE D 311 13.82 -12.08 -4.16
N VAL D 312 14.11 -11.92 -2.87
CA VAL D 312 13.68 -12.85 -1.84
C VAL D 312 13.14 -12.01 -0.68
N PRO D 313 12.35 -12.62 0.21
CA PRO D 313 11.96 -11.90 1.43
C PRO D 313 13.16 -11.50 2.26
N ASN D 314 13.10 -10.29 2.83
CA ASN D 314 14.18 -9.83 3.70
C ASN D 314 14.12 -10.47 5.07
N PHE D 315 12.92 -10.76 5.58
CA PHE D 315 12.74 -11.39 6.88
C PHE D 315 12.11 -12.76 6.67
N ILE D 316 12.76 -13.80 7.20
CA ILE D 316 12.30 -15.17 7.09
C ILE D 316 12.06 -15.71 8.49
N LEU D 317 10.84 -16.21 8.73
CA LEU D 317 10.48 -16.76 10.02
C LEU D 317 10.73 -18.27 10.00
N VAL D 318 11.60 -18.73 10.89
CA VAL D 318 11.89 -20.16 11.03
C VAL D 318 11.28 -20.59 12.35
N ARG D 319 10.25 -21.43 12.29
CA ARG D 319 9.54 -21.92 13.46
C ARG D 319 9.52 -23.44 13.42
N ASN D 320 10.16 -24.08 14.40
CA ASN D 320 10.25 -25.53 14.48
C ASN D 320 10.82 -26.13 13.20
N THR D 321 11.91 -25.52 12.71
CA THR D 321 12.56 -25.87 11.46
C THR D 321 11.63 -25.80 10.26
N LEU D 322 10.60 -24.96 10.34
CA LEU D 322 9.68 -24.71 9.23
C LEU D 322 9.90 -23.28 8.77
N ILE D 323 10.22 -23.12 7.48
CA ILE D 323 10.55 -21.81 6.92
C ILE D 323 9.27 -21.19 6.34
N SER D 324 9.01 -19.93 6.69
CA SER D 324 7.84 -19.26 6.16
C SER D 324 8.08 -17.76 6.13
N ASN D 325 7.15 -17.06 5.48
CA ASN D 325 7.18 -15.61 5.44
C ASN D 325 6.54 -15.02 6.69
N ILE D 326 6.65 -13.71 6.84
CA ILE D 326 6.03 -13.00 7.95
C ILE D 326 5.70 -11.59 7.49
N GLU D 327 4.51 -11.11 7.85
CA GLU D 327 4.10 -9.74 7.54
C GLU D 327 4.75 -8.80 8.54
N ILE D 328 6.00 -8.43 8.24
CA ILE D 328 6.80 -7.58 9.13
C ILE D 328 6.24 -6.18 9.25
N GLY D 329 5.50 -5.69 8.25
CA GLY D 329 5.01 -4.32 8.29
C GLY D 329 4.05 -4.06 9.44
N PHE D 330 3.40 -5.10 9.96
CA PHE D 330 2.53 -4.96 11.12
C PHE D 330 3.21 -5.32 12.43
N CYS D 331 4.50 -5.65 12.39
CA CYS D 331 5.24 -6.06 13.58
C CYS D 331 6.29 -5.02 13.93
N LEU D 332 6.60 -4.91 15.22
CA LEU D 332 7.66 -4.02 15.68
C LEU D 332 8.99 -4.75 15.66
N ILE D 333 9.99 -4.13 15.05
CA ILE D 333 11.33 -4.69 14.96
C ILE D 333 12.22 -3.97 15.95
N THR D 334 12.88 -4.72 16.82
CA THR D 334 13.83 -4.18 17.79
C THR D 334 15.20 -4.80 17.56
N LYS D 335 16.14 -4.51 18.47
CA LYS D 335 17.48 -5.08 18.37
C LYS D 335 17.46 -6.59 18.56
N ARG D 336 16.68 -7.08 19.52
CA ARG D 336 16.78 -8.47 19.94
C ARG D 336 15.57 -9.32 19.55
N SER D 337 14.40 -8.72 19.34
CA SER D 337 13.21 -9.52 19.09
C SER D 337 12.24 -8.74 18.22
N VAL D 338 11.33 -9.47 17.60
CA VAL D 338 10.25 -8.90 16.78
C VAL D 338 8.96 -9.08 17.57
N ILE D 339 8.32 -7.96 17.91
CA ILE D 339 7.14 -7.96 18.78
C ILE D 339 5.91 -7.73 17.91
N CYS D 340 4.93 -8.63 18.02
CA CYS D 340 3.69 -8.54 17.27
C CYS D 340 2.52 -8.77 18.22
N ASN D 341 1.37 -8.21 17.86
CA ASN D 341 0.16 -8.43 18.63
C ASN D 341 -0.58 -9.70 18.24
N GLN D 342 -0.18 -10.35 17.16
CA GLN D 342 -0.79 -11.60 16.72
C GLN D 342 0.20 -12.32 15.82
N ASP D 343 -0.19 -13.52 15.39
CA ASP D 343 0.67 -14.34 14.54
C ASP D 343 0.51 -13.89 13.09
N TYR D 344 1.59 -13.37 12.50
CA TYR D 344 1.54 -12.80 11.16
C TYR D 344 2.23 -13.68 10.13
N ALA D 345 2.41 -14.96 10.43
CA ALA D 345 3.07 -15.87 9.49
C ALA D 345 2.18 -16.13 8.27
N THR D 346 2.78 -16.15 7.09
CA THR D 346 2.13 -16.47 5.84
C THR D 346 2.91 -17.55 5.13
N PRO D 347 2.25 -18.38 4.31
CA PRO D 347 2.95 -19.49 3.66
C PRO D 347 3.94 -19.01 2.61
N MET D 348 4.85 -19.92 2.27
CA MET D 348 5.91 -19.66 1.31
C MET D 348 5.88 -20.71 0.21
N THR D 349 6.20 -20.29 -1.01
CA THR D 349 6.26 -21.22 -2.13
C THR D 349 7.39 -22.22 -1.95
N ASN D 350 7.21 -23.40 -2.53
CA ASN D 350 8.27 -24.41 -2.47
C ASN D 350 9.52 -23.95 -3.22
N ASN D 351 9.35 -23.14 -4.26
CA ASN D 351 10.51 -22.64 -5.01
C ASN D 351 11.37 -21.71 -4.15
N MET D 352 10.75 -20.77 -3.43
CA MET D 352 11.52 -19.92 -2.54
C MET D 352 12.08 -20.69 -1.36
N ARG D 353 11.35 -21.69 -0.86
CA ARG D 353 11.88 -22.52 0.22
C ARG D 353 13.12 -23.27 -0.22
N GLU D 354 13.11 -23.78 -1.47
CA GLU D 354 14.30 -24.43 -2.00
C GLU D 354 15.40 -23.43 -2.31
N CYS D 355 15.04 -22.22 -2.70
CA CYS D 355 16.03 -21.16 -2.93
C CYS D 355 16.77 -20.80 -1.65
N LEU D 356 16.05 -20.72 -0.53
CA LEU D 356 16.67 -20.36 0.73
C LEU D 356 17.47 -21.49 1.35
N THR D 357 17.31 -22.73 0.86
CA THR D 357 18.06 -23.86 1.38
C THR D 357 19.25 -24.25 0.52
N GLY D 358 19.53 -23.50 -0.55
CA GLY D 358 20.72 -23.77 -1.34
C GLY D 358 20.55 -23.77 -2.84
N SER D 359 19.33 -23.99 -3.32
CA SER D 359 19.07 -24.04 -4.76
C SER D 359 18.97 -22.61 -5.28
N THR D 360 20.15 -22.00 -5.49
CA THR D 360 20.21 -20.61 -5.91
C THR D 360 19.76 -20.41 -7.35
N GLU D 361 19.60 -21.47 -8.13
CA GLU D 361 19.08 -21.33 -9.49
C GLU D 361 17.59 -20.98 -9.52
N LYS D 362 16.90 -21.04 -8.38
CA LYS D 362 15.49 -20.73 -8.29
C LYS D 362 15.23 -19.38 -7.64
N CYS D 363 16.27 -18.61 -7.33
CA CYS D 363 16.10 -17.32 -6.68
C CYS D 363 15.99 -16.24 -7.75
N PRO D 364 14.87 -15.54 -7.86
CA PRO D 364 14.74 -14.51 -8.89
C PRO D 364 15.62 -13.31 -8.61
N ARG D 365 15.96 -12.59 -9.69
CA ARG D 365 16.82 -11.43 -9.61
C ARG D 365 16.24 -10.32 -10.48
N GLU D 366 16.55 -9.08 -10.12
CA GLU D 366 16.05 -7.91 -10.83
C GLU D 366 17.21 -7.00 -11.18
N LEU D 367 17.18 -6.45 -12.40
CA LEU D 367 18.22 -5.56 -12.86
C LEU D 367 18.24 -4.27 -12.03
N VAL D 368 19.44 -3.72 -11.86
CA VAL D 368 19.63 -2.48 -11.12
C VAL D 368 19.85 -1.37 -12.14
N VAL D 369 18.89 -0.45 -12.22
CA VAL D 369 19.03 0.75 -13.03
C VAL D 369 19.17 2.00 -12.18
N SER D 370 18.90 1.93 -10.88
CA SER D 370 19.08 3.05 -9.99
C SER D 370 20.52 3.12 -9.50
N SER D 371 20.99 4.35 -9.27
CA SER D 371 22.35 4.57 -8.80
C SER D 371 22.48 4.51 -7.29
N HIS D 372 21.38 4.42 -6.56
CA HIS D 372 21.39 4.40 -5.10
C HIS D 372 20.93 3.02 -4.64
N VAL D 373 21.88 2.08 -4.59
CA VAL D 373 21.60 0.74 -4.08
C VAL D 373 22.76 0.30 -3.19
N PRO D 374 22.46 -0.55 -2.20
CA PRO D 374 23.54 -1.10 -1.36
C PRO D 374 24.46 -1.99 -2.18
N ARG D 375 25.75 -1.67 -2.14
CA ARG D 375 26.75 -2.41 -2.90
C ARG D 375 27.73 -3.18 -2.04
N PHE D 376 27.67 -3.02 -0.71
CA PHE D 376 28.48 -3.83 0.18
C PHE D 376 27.78 -3.92 1.53
N ALA D 377 28.17 -4.92 2.31
CA ALA D 377 27.64 -5.13 3.64
C ALA D 377 28.68 -5.83 4.48
N LEU D 378 28.45 -5.81 5.80
CA LEU D 378 29.34 -6.42 6.77
C LEU D 378 28.58 -7.44 7.59
N SER D 379 29.18 -8.61 7.81
CA SER D 379 28.56 -9.63 8.64
C SER D 379 29.65 -10.37 9.41
N ASN D 380 29.55 -10.32 10.74
CA ASN D 380 30.50 -11.00 11.63
C ASN D 380 31.94 -10.57 11.35
N GLY D 381 32.12 -9.31 10.99
CA GLY D 381 33.44 -8.78 10.70
C GLY D 381 33.97 -9.11 9.33
N VAL D 382 33.17 -9.72 8.46
CA VAL D 382 33.60 -10.10 7.11
C VAL D 382 32.80 -9.27 6.12
N LEU D 383 33.48 -8.69 5.13
CA LEU D 383 32.87 -7.72 4.24
C LEU D 383 32.53 -8.38 2.92
N PHE D 384 31.25 -8.31 2.53
CA PHE D 384 30.80 -8.80 1.23
C PHE D 384 30.52 -7.59 0.35
N ALA D 385 31.35 -7.40 -0.66
CA ALA D 385 31.32 -6.18 -1.46
C ALA D 385 31.29 -6.51 -2.94
N ASN D 386 30.57 -5.67 -3.70
CA ASN D 386 30.54 -5.74 -5.16
C ASN D 386 31.61 -4.79 -5.67
N CYS D 387 32.85 -5.28 -5.76
CA CYS D 387 33.98 -4.44 -6.08
C CYS D 387 34.06 -4.06 -7.55
N ILE D 388 33.14 -4.57 -8.39
CA ILE D 388 33.06 -4.08 -9.76
C ILE D 388 32.48 -2.67 -9.77
N SER D 389 31.46 -2.40 -8.94
CA SER D 389 30.79 -1.11 -8.94
C SER D 389 31.34 -0.12 -7.94
N VAL D 390 32.09 -0.57 -6.92
CA VAL D 390 32.73 0.32 -5.97
C VAL D 390 34.22 0.07 -6.00
N THR D 391 34.99 1.09 -5.67
CA THR D 391 36.45 1.01 -5.67
C THR D 391 36.91 0.55 -4.29
N CYS D 392 37.02 -0.76 -4.12
CA CYS D 392 37.52 -1.33 -2.88
C CYS D 392 39.03 -1.52 -2.99
N GLN D 393 39.75 -1.10 -1.95
CA GLN D 393 41.21 -1.19 -1.92
C GLN D 393 41.63 -1.77 -0.58
N CYS D 394 42.89 -2.19 -0.51
CA CYS D 394 43.47 -2.71 0.72
C CYS D 394 44.44 -1.68 1.28
N GLN D 395 44.17 -1.21 2.50
CA GLN D 395 45.04 -0.25 3.14
C GLN D 395 46.40 -0.84 3.50
N THR D 396 46.48 -2.17 3.61
CA THR D 396 47.75 -2.82 3.95
C THR D 396 48.78 -2.62 2.86
N THR D 397 48.37 -2.71 1.60
CA THR D 397 49.29 -2.58 0.46
C THR D 397 49.03 -1.35 -0.40
N GLY D 398 47.85 -0.74 -0.30
CA GLY D 398 47.53 0.40 -1.13
C GLY D 398 47.07 0.08 -2.52
N ARG D 399 46.89 -1.20 -2.85
CA ARG D 399 46.45 -1.63 -4.17
C ARG D 399 44.97 -2.00 -4.12
N ALA D 400 44.29 -1.84 -5.25
CA ALA D 400 42.88 -2.17 -5.34
C ALA D 400 42.68 -3.68 -5.33
N ILE D 401 41.50 -4.10 -4.90
CA ILE D 401 41.11 -5.51 -4.87
C ILE D 401 40.26 -5.78 -6.10
N SER D 402 40.56 -6.87 -6.79
CA SER D 402 39.97 -7.18 -8.08
C SER D 402 38.83 -8.17 -7.96
N GLN D 403 37.73 -7.88 -8.65
CA GLN D 403 36.63 -8.82 -8.81
C GLN D 403 36.55 -9.21 -10.28
N SER D 404 36.62 -10.50 -10.56
CA SER D 404 36.60 -10.98 -11.93
C SER D 404 35.18 -10.90 -12.50
N GLY D 405 35.08 -11.14 -13.81
CA GLY D 405 33.78 -11.10 -14.46
C GLY D 405 32.87 -12.26 -14.11
N GLU D 406 33.44 -13.36 -13.63
CA GLU D 406 32.67 -14.53 -13.24
C GLU D 406 32.37 -14.57 -11.75
N GLN D 407 32.75 -13.55 -11.00
CA GLN D 407 32.48 -13.47 -9.57
C GLN D 407 31.31 -12.52 -9.32
N THR D 408 30.29 -13.03 -8.64
CA THR D 408 29.14 -12.19 -8.29
C THR D 408 29.51 -11.19 -7.20
N LEU D 409 30.20 -11.66 -6.16
CA LEU D 409 30.55 -10.83 -5.02
C LEU D 409 31.95 -11.19 -4.56
N LEU D 410 32.55 -10.28 -3.79
CA LEU D 410 33.85 -10.50 -3.16
C LEU D 410 33.68 -10.59 -1.66
N MET D 411 34.25 -11.64 -1.08
CA MET D 411 34.34 -11.80 0.37
C MET D 411 35.73 -11.37 0.81
N ILE D 412 35.80 -10.42 1.74
CA ILE D 412 37.06 -9.88 2.23
C ILE D 412 37.10 -10.10 3.75
N ASP D 413 38.17 -10.72 4.21
CA ASP D 413 38.42 -11.00 5.62
C ASP D 413 39.90 -10.76 5.90
N ASN D 414 40.34 -11.00 7.14
CA ASN D 414 41.72 -10.69 7.49
C ASN D 414 42.70 -11.81 7.13
N THR D 415 42.32 -12.71 6.23
CA THR D 415 43.26 -13.67 5.67
C THR D 415 43.85 -13.21 4.34
N THR D 416 43.24 -12.21 3.70
CA THR D 416 43.77 -11.68 2.45
C THR D 416 43.93 -10.17 2.51
N CYS D 417 43.06 -9.49 3.27
CA CYS D 417 43.12 -8.04 3.43
C CYS D 417 42.61 -7.69 4.81
N PRO D 418 43.53 -7.53 5.78
CA PRO D 418 43.11 -7.23 7.16
C PRO D 418 42.39 -5.91 7.32
N THR D 419 42.56 -4.98 6.39
CA THR D 419 42.05 -3.62 6.53
C THR D 419 41.65 -3.12 5.15
N ALA D 420 40.34 -2.93 4.94
CA ALA D 420 39.82 -2.55 3.64
C ALA D 420 39.27 -1.13 3.67
N VAL D 421 39.52 -0.39 2.60
CA VAL D 421 39.06 0.99 2.47
C VAL D 421 38.06 1.06 1.33
N LEU D 422 36.90 1.64 1.60
CA LEU D 422 35.79 1.71 0.66
C LEU D 422 35.40 3.17 0.42
N GLY D 423 36.41 4.02 0.22
CA GLY D 423 36.16 5.43 0.03
C GLY D 423 36.59 6.26 1.23
N ASN D 424 35.61 6.73 2.01
CA ASN D 424 35.90 7.56 3.17
C ASN D 424 36.07 6.75 4.44
N VAL D 425 35.86 5.44 4.39
CA VAL D 425 35.89 4.59 5.58
C VAL D 425 36.96 3.52 5.42
N ILE D 426 37.78 3.36 6.46
CA ILE D 426 38.74 2.28 6.58
C ILE D 426 38.24 1.35 7.68
N ILE D 427 38.07 0.07 7.36
CA ILE D 427 37.45 -0.87 8.28
C ILE D 427 38.33 -2.11 8.40
N SER D 428 38.61 -2.52 9.62
CA SER D 428 39.29 -3.78 9.86
C SER D 428 38.29 -4.92 9.80
N LEU D 429 38.73 -6.05 9.26
CA LEU D 429 37.83 -7.14 8.95
C LEU D 429 38.22 -8.39 9.75
N GLY D 430 37.22 -9.20 10.06
CA GLY D 430 37.41 -10.43 10.80
C GLY D 430 37.87 -11.57 9.91
N LYS D 431 37.45 -12.79 10.27
CA LYS D 431 37.77 -13.99 9.52
C LYS D 431 36.49 -14.73 9.15
N TYR D 432 36.43 -15.22 7.91
CA TYR D 432 35.26 -15.95 7.45
C TYR D 432 35.28 -17.37 8.00
N LEU D 433 34.15 -17.80 8.55
CA LEU D 433 34.03 -19.12 9.15
C LEU D 433 33.49 -20.16 8.17
N GLY D 434 33.26 -19.79 6.92
CA GLY D 434 32.79 -20.71 5.91
C GLY D 434 33.93 -21.39 5.19
N SER D 435 33.68 -21.73 3.92
CA SER D 435 34.71 -22.37 3.12
C SER D 435 35.85 -21.42 2.83
N VAL D 436 37.07 -21.96 2.77
CA VAL D 436 38.22 -21.15 2.42
C VAL D 436 38.27 -20.85 0.93
N ASN D 437 37.53 -21.60 0.12
CA ASN D 437 37.46 -21.39 -1.32
C ASN D 437 36.20 -20.65 -1.73
N TYR D 438 35.78 -19.67 -0.91
CA TYR D 438 34.58 -18.90 -1.20
C TYR D 438 34.71 -18.14 -2.52
N ASN D 439 35.87 -17.51 -2.73
CA ASN D 439 36.07 -16.66 -3.89
C ASN D 439 36.40 -17.45 -5.16
N SER D 440 36.62 -18.76 -5.05
CA SER D 440 36.95 -19.58 -6.20
C SER D 440 35.79 -20.45 -6.68
N GLU D 441 34.87 -20.81 -5.79
CA GLU D 441 33.73 -21.64 -6.18
C GLU D 441 32.70 -20.82 -6.94
N GLY D 442 32.00 -21.49 -7.85
CA GLY D 442 30.99 -20.84 -8.66
C GLY D 442 29.64 -20.83 -8.00
N ILE D 443 28.64 -20.34 -8.75
CA ILE D 443 27.29 -20.21 -8.25
C ILE D 443 26.33 -20.28 -9.44
N ALA D 444 25.16 -20.86 -9.21
CA ALA D 444 24.10 -20.93 -10.22
C ALA D 444 23.14 -19.77 -10.01
N ILE D 445 22.82 -19.05 -11.08
CA ILE D 445 22.12 -17.78 -11.01
C ILE D 445 20.70 -17.97 -11.53
N GLY D 446 19.73 -17.44 -10.80
CA GLY D 446 18.33 -17.60 -11.12
C GLY D 446 17.84 -16.71 -12.24
N PRO D 447 16.54 -16.77 -12.52
CA PRO D 447 15.99 -16.07 -13.69
C PRO D 447 15.68 -14.62 -13.37
N PRO D 448 15.84 -13.71 -14.35
CA PRO D 448 15.47 -12.31 -14.12
C PRO D 448 13.97 -12.12 -14.00
N VAL D 449 13.58 -11.11 -13.22
CA VAL D 449 12.18 -10.75 -13.02
C VAL D 449 12.04 -9.24 -13.03
N PHE D 450 10.80 -8.78 -13.08
CA PHE D 450 10.44 -7.38 -12.93
C PHE D 450 9.24 -7.30 -12.00
N THR D 451 9.35 -6.47 -10.96
CA THR D 451 8.37 -6.47 -9.88
C THR D 451 7.41 -5.28 -9.90
N ASP D 452 7.40 -4.50 -10.97
CA ASP D 452 6.40 -3.45 -11.09
C ASP D 452 5.04 -4.05 -11.39
N LYS D 453 3.99 -3.45 -10.81
CA LYS D 453 2.64 -4.01 -10.94
C LYS D 453 2.17 -4.02 -12.40
N VAL D 454 2.40 -2.91 -13.11
CA VAL D 454 2.06 -2.87 -14.53
C VAL D 454 2.92 -3.86 -15.31
N ASP D 455 4.20 -3.97 -14.93
CA ASP D 455 5.06 -4.96 -15.56
C ASP D 455 4.65 -6.38 -15.17
N ILE D 456 4.10 -6.58 -13.97
CA ILE D 456 3.55 -7.88 -13.61
C ILE D 456 2.39 -8.24 -14.52
N SER D 457 1.49 -7.28 -14.77
CA SER D 457 0.37 -7.52 -15.68
C SER D 457 0.87 -7.79 -17.10
N SER D 458 1.90 -7.07 -17.54
CA SER D 458 2.46 -7.29 -18.87
C SER D 458 3.07 -8.68 -18.99
N GLN D 459 3.79 -9.11 -17.96
CA GLN D 459 4.35 -10.47 -17.96
C GLN D 459 3.26 -11.52 -18.01
N ILE D 460 2.19 -11.33 -17.23
CA ILE D 460 1.08 -12.27 -17.25
C ILE D 460 0.47 -12.32 -18.65
N SER D 461 0.31 -11.16 -19.29
CA SER D 461 -0.23 -11.13 -20.65
C SER D 461 0.67 -11.88 -21.62
N SER D 462 1.98 -11.68 -21.50
CA SER D 462 2.93 -12.29 -22.43
C SER D 462 2.91 -13.81 -22.31
N MET D 463 3.00 -14.35 -21.09
CA MET D 463 2.98 -15.80 -20.96
C MET D 463 1.60 -16.38 -21.22
N ASN D 464 0.53 -15.62 -21.00
CA ASN D 464 -0.78 -16.10 -21.41
C ASN D 464 -0.87 -16.25 -22.93
N GLN D 465 -0.38 -15.25 -23.67
CA GLN D 465 -0.39 -15.33 -25.13
C GLN D 465 0.49 -16.47 -25.62
N SER D 466 1.67 -16.65 -25.01
CA SER D 466 2.55 -17.74 -25.41
C SER D 466 1.92 -19.10 -25.10
N LEU D 467 1.24 -19.22 -23.96
CA LEU D 467 0.55 -20.46 -23.63
C LEU D 467 -0.59 -20.74 -24.60
N GLN D 468 -1.32 -19.69 -25.02
CA GLN D 468 -2.37 -19.87 -26.02
C GLN D 468 -1.78 -20.33 -27.35
N GLN D 469 -0.62 -19.77 -27.74
CA GLN D 469 0.04 -20.22 -28.96
C GLN D 469 0.47 -21.68 -28.85
N SER D 470 1.00 -22.07 -27.69
CA SER D 470 1.40 -23.47 -27.50
C SER D 470 0.20 -24.41 -27.58
N LYS D 471 -0.93 -24.00 -26.99
CA LYS D 471 -2.14 -24.82 -27.08
C LYS D 471 -2.68 -24.87 -28.50
N ASP D 472 -2.56 -23.78 -29.26
CA ASP D 472 -2.95 -23.80 -30.67
C ASP D 472 -2.09 -24.76 -31.46
N TYR D 473 -0.78 -24.78 -31.19
CA TYR D 473 0.08 -25.77 -31.83
C TYR D 473 -0.28 -27.19 -31.41
N ILE D 474 -0.68 -27.37 -30.15
CA ILE D 474 -1.08 -28.68 -29.66
C ILE D 474 -2.32 -29.17 -30.41
N LYS D 475 -3.29 -28.29 -30.63
CA LYS D 475 -4.51 -28.64 -31.35
C LYS D 475 -4.21 -28.97 -32.81
N ILE E 1 -37.95 -35.08 28.59
CA ILE E 1 -38.61 -35.65 27.42
C ILE E 1 -39.17 -37.04 27.75
N GLN E 2 -40.49 -37.14 27.80
CA GLN E 2 -41.14 -38.40 28.11
C GLN E 2 -41.51 -39.14 26.83
N MET E 3 -41.64 -40.46 26.96
CA MET E 3 -42.07 -41.31 25.85
C MET E 3 -43.45 -41.88 26.17
N THR E 4 -44.40 -41.66 25.27
CA THR E 4 -45.69 -42.36 25.32
C THR E 4 -45.62 -43.47 24.28
N GLN E 5 -45.47 -44.70 24.75
CA GLN E 5 -45.32 -45.85 23.86
C GLN E 5 -46.61 -46.64 23.79
N SER E 6 -46.98 -47.02 22.58
CA SER E 6 -48.21 -47.75 22.33
C SER E 6 -47.90 -48.94 21.43
N PRO E 7 -48.54 -50.10 21.67
CA PRO E 7 -49.42 -50.41 22.80
C PRO E 7 -48.61 -50.80 24.02
N ALA E 8 -49.19 -50.75 25.23
CA ALA E 8 -48.47 -51.18 26.42
C ALA E 8 -48.17 -52.68 26.36
N SER E 9 -49.14 -53.48 25.93
CA SER E 9 -48.94 -54.91 25.73
C SER E 9 -49.70 -55.32 24.48
N LEU E 10 -49.19 -56.35 23.81
CA LEU E 10 -49.79 -56.79 22.55
C LEU E 10 -49.44 -58.25 22.32
N SER E 11 -50.39 -58.99 21.76
CA SER E 11 -50.19 -60.39 21.38
C SER E 11 -50.45 -60.50 19.88
N ALA E 12 -49.50 -61.12 19.17
CA ALA E 12 -49.59 -61.27 17.73
C ALA E 12 -49.21 -62.69 17.34
N SER E 13 -49.73 -63.12 16.20
CA SER E 13 -49.48 -64.47 15.70
C SER E 13 -48.24 -64.50 14.84
N VAL E 14 -47.77 -65.72 14.55
CA VAL E 14 -46.57 -65.91 13.74
C VAL E 14 -46.87 -65.53 12.29
N GLY E 15 -45.98 -64.76 11.68
CA GLY E 15 -46.14 -64.33 10.31
C GLY E 15 -46.94 -63.06 10.13
N GLU E 16 -47.47 -62.48 11.21
CA GLU E 16 -48.27 -61.27 11.11
C GLU E 16 -47.39 -60.04 11.24
N THR E 17 -47.68 -59.03 10.41
CA THR E 17 -46.98 -57.75 10.45
C THR E 17 -47.52 -56.95 11.63
N VAL E 18 -46.61 -56.44 12.46
CA VAL E 18 -46.97 -55.70 13.66
C VAL E 18 -46.22 -54.38 13.69
N THR E 19 -46.79 -53.40 14.38
CA THR E 19 -46.21 -52.07 14.46
C THR E 19 -46.30 -51.56 15.90
N ILE E 20 -45.19 -51.03 16.40
CA ILE E 20 -45.10 -50.48 17.75
C ILE E 20 -44.64 -49.03 17.63
N THR E 21 -45.40 -48.11 18.21
CA THR E 21 -45.09 -46.69 18.07
C THR E 21 -44.69 -46.11 19.42
N CYS E 22 -43.90 -45.05 19.39
CA CYS E 22 -43.63 -44.28 20.60
C CYS E 22 -43.47 -42.82 20.24
N ARG E 23 -44.14 -41.96 20.99
CA ARG E 23 -44.15 -40.52 20.76
C ARG E 23 -43.33 -39.82 21.85
N PRO E 24 -42.23 -39.15 21.50
CA PRO E 24 -41.56 -38.31 22.49
C PRO E 24 -42.36 -37.04 22.76
N SER E 25 -42.16 -36.48 23.96
CA SER E 25 -42.83 -35.24 24.32
C SER E 25 -42.25 -34.03 23.60
N GLU E 26 -41.13 -34.18 22.91
CA GLU E 26 -40.54 -33.08 22.15
C GLU E 26 -39.91 -33.66 20.89
N ASN E 27 -39.66 -32.79 19.92
CA ASN E 27 -39.07 -33.23 18.66
C ASN E 27 -37.61 -33.62 18.87
N VAL E 28 -37.29 -34.88 18.59
CA VAL E 28 -35.94 -35.40 18.72
C VAL E 28 -35.27 -35.60 17.37
N HIS E 29 -35.94 -35.24 16.28
CA HIS E 29 -35.41 -35.30 14.91
C HIS E 29 -35.05 -36.74 14.60
N ILE E 30 -33.89 -37.02 13.98
CA ILE E 30 -33.56 -38.37 13.56
C ILE E 30 -33.24 -39.25 14.76
N TYR E 31 -32.73 -38.66 15.84
CA TYR E 31 -32.13 -39.40 16.95
C TYR E 31 -33.19 -40.19 17.70
N LEU E 32 -33.24 -41.50 17.46
CA LEU E 32 -34.07 -42.43 18.21
C LEU E 32 -33.59 -43.85 17.91
N ALA E 33 -33.67 -44.70 18.92
CA ALA E 33 -33.20 -46.08 18.84
C ALA E 33 -34.24 -47.03 19.43
N TRP E 34 -34.33 -48.20 18.82
CA TRP E 34 -35.23 -49.28 19.26
C TRP E 34 -34.40 -50.47 19.73
N TYR E 35 -34.68 -50.90 20.96
CA TYR E 35 -34.00 -52.02 21.60
C TYR E 35 -35.00 -53.13 21.90
N GLN E 36 -34.53 -54.36 21.83
CA GLN E 36 -35.31 -55.54 22.19
C GLN E 36 -34.65 -56.24 23.37
N GLN E 37 -35.45 -56.57 24.38
CA GLN E 37 -34.98 -57.26 25.57
C GLN E 37 -35.80 -58.52 25.79
N LYS E 38 -35.13 -59.60 26.17
CA LYS E 38 -35.80 -60.84 26.54
C LYS E 38 -35.55 -61.14 28.01
N GLN E 39 -36.21 -62.18 28.50
CA GLN E 39 -36.16 -62.49 29.92
C GLN E 39 -34.76 -62.96 30.32
N GLY E 40 -34.19 -62.30 31.33
CA GLY E 40 -32.89 -62.68 31.85
C GLY E 40 -31.71 -62.31 30.99
N LYS E 41 -31.89 -61.47 29.98
CA LYS E 41 -30.82 -61.09 29.08
C LYS E 41 -30.78 -59.58 28.91
N SER E 42 -29.60 -59.07 28.57
CA SER E 42 -29.44 -57.65 28.31
C SER E 42 -30.16 -57.26 27.03
N PRO E 43 -30.59 -56.00 26.91
CA PRO E 43 -31.22 -55.55 25.67
C PRO E 43 -30.25 -55.59 24.49
N GLN E 44 -30.81 -55.83 23.31
CA GLN E 44 -30.05 -55.82 22.07
C GLN E 44 -30.51 -54.65 21.21
N LEU E 45 -29.54 -53.96 20.61
CA LEU E 45 -29.85 -52.83 19.75
C LEU E 45 -30.38 -53.33 18.41
N LEU E 46 -31.65 -53.05 18.12
CA LEU E 46 -32.24 -53.36 16.82
C LEU E 46 -32.03 -52.23 15.83
N VAL E 47 -32.43 -51.02 16.20
CA VAL E 47 -32.40 -49.87 15.30
C VAL E 47 -31.71 -48.73 16.04
N TYR E 48 -30.73 -48.08 15.41
CA TYR E 48 -30.01 -47.03 16.10
C TYR E 48 -30.28 -45.63 15.59
N ASN E 49 -30.60 -45.46 14.32
CA ASN E 49 -31.15 -44.22 13.81
C ASN E 49 -32.52 -44.52 13.23
N ALA E 50 -33.41 -43.52 13.27
CA ALA E 50 -34.86 -43.73 13.13
C ALA E 50 -35.24 -44.64 11.97
N LYS E 51 -34.40 -44.71 10.93
CA LYS E 51 -34.67 -45.59 9.80
C LYS E 51 -33.51 -46.51 9.45
N THR E 52 -32.48 -46.59 10.29
CA THR E 52 -31.27 -47.34 9.99
C THR E 52 -31.18 -48.56 10.89
N LEU E 53 -30.91 -49.72 10.29
CA LEU E 53 -30.78 -50.96 11.03
C LEU E 53 -29.35 -51.15 11.51
N ALA E 54 -29.20 -51.82 12.65
CA ALA E 54 -27.89 -52.05 13.25
C ALA E 54 -27.22 -53.27 12.64
N ASP E 55 -25.93 -53.41 12.91
CA ASP E 55 -25.17 -54.53 12.39
C ASP E 55 -25.57 -55.82 13.09
N GLY E 56 -25.80 -56.87 12.29
CA GLY E 56 -26.24 -58.14 12.80
C GLY E 56 -27.75 -58.29 12.94
N VAL E 57 -28.49 -57.19 12.88
CA VAL E 57 -29.95 -57.24 12.93
C VAL E 57 -30.46 -57.67 11.56
N PRO E 58 -31.35 -58.67 11.48
CA PRO E 58 -31.90 -59.07 10.19
C PRO E 58 -32.76 -57.97 9.59
N SER E 59 -32.86 -57.97 8.26
CA SER E 59 -33.65 -56.99 7.54
C SER E 59 -35.15 -57.16 7.76
N ARG E 60 -35.55 -58.12 8.58
CA ARG E 60 -36.98 -58.32 8.87
C ARG E 60 -37.57 -57.12 9.60
N PHE E 61 -36.83 -56.56 10.55
CA PHE E 61 -37.29 -55.37 11.26
C PHE E 61 -37.12 -54.13 10.39
N SER E 62 -37.90 -53.10 10.67
CA SER E 62 -37.73 -51.82 10.00
C SER E 62 -38.17 -50.70 10.94
N GLY E 63 -37.61 -49.52 10.76
CA GLY E 63 -37.97 -48.36 11.54
C GLY E 63 -38.39 -47.21 10.66
N SER E 64 -39.40 -46.47 11.11
CA SER E 64 -39.94 -45.36 10.35
C SER E 64 -40.16 -44.16 11.26
N ALA E 65 -40.00 -42.97 10.69
CA ALA E 65 -40.22 -41.72 11.41
C ALA E 65 -41.25 -40.91 10.65
N SER E 66 -42.27 -40.42 11.35
CA SER E 66 -43.29 -39.56 10.77
C SER E 66 -43.16 -38.12 11.25
N GLY E 67 -41.98 -37.72 11.69
CA GLY E 67 -41.77 -36.40 12.23
C GLY E 67 -42.23 -36.28 13.66
N THR E 68 -43.55 -36.33 13.87
CA THR E 68 -44.09 -36.23 15.23
C THR E 68 -43.93 -37.52 16.01
N GLN E 69 -44.06 -38.67 15.35
CA GLN E 69 -44.04 -39.96 16.03
C GLN E 69 -43.15 -40.93 15.27
N PHE E 70 -42.63 -41.90 16.00
CA PHE E 70 -41.72 -42.90 15.46
C PHE E 70 -42.33 -44.29 15.66
N SER E 71 -42.07 -45.19 14.71
CA SER E 71 -42.67 -46.51 14.73
C SER E 71 -41.67 -47.56 14.28
N LEU E 72 -41.90 -48.79 14.74
CA LEU E 72 -41.10 -49.96 14.38
C LEU E 72 -42.03 -51.02 13.82
N LYS E 73 -41.69 -51.54 12.65
CA LYS E 73 -42.51 -52.53 11.96
C LYS E 73 -41.78 -53.86 11.89
N ILE E 74 -42.48 -54.93 12.22
CA ILE E 74 -41.97 -56.29 12.08
C ILE E 74 -42.83 -57.00 11.05
N ASN E 75 -42.18 -57.50 9.99
CA ASN E 75 -42.85 -58.22 8.92
C ASN E 75 -42.56 -59.71 9.06
N SER E 76 -43.62 -60.51 8.98
CA SER E 76 -43.53 -61.96 9.14
C SER E 76 -42.92 -62.32 10.50
N LEU E 77 -43.69 -61.98 11.54
CA LEU E 77 -43.25 -62.17 12.92
C LEU E 77 -42.90 -63.63 13.19
N GLN E 78 -41.84 -63.83 13.96
CA GLN E 78 -41.30 -65.14 14.26
C GLN E 78 -41.27 -65.35 15.78
N PRO E 79 -41.26 -66.62 16.23
CA PRO E 79 -41.35 -66.87 17.68
C PRO E 79 -40.22 -66.28 18.51
N GLU E 80 -39.07 -66.00 17.90
CA GLU E 80 -37.95 -65.43 18.64
C GLU E 80 -38.09 -63.92 18.86
N ASP E 81 -39.18 -63.32 18.41
CA ASP E 81 -39.40 -61.89 18.58
C ASP E 81 -40.21 -61.55 19.82
N PHE E 82 -40.53 -62.53 20.65
CA PHE E 82 -41.23 -62.25 21.91
C PHE E 82 -40.31 -61.49 22.86
N GLY E 83 -40.94 -60.70 23.74
CA GLY E 83 -40.17 -59.96 24.72
C GLY E 83 -40.66 -58.54 24.93
N SER E 84 -39.74 -57.61 25.18
CA SER E 84 -40.07 -56.22 25.41
C SER E 84 -39.31 -55.34 24.44
N TYR E 85 -39.95 -54.26 24.01
CA TYR E 85 -39.36 -53.34 23.06
C TYR E 85 -39.35 -51.94 23.66
N TYR E 86 -38.18 -51.29 23.62
CA TYR E 86 -37.99 -49.97 24.21
C TYR E 86 -37.48 -49.01 23.14
N CYS E 87 -37.76 -47.72 23.33
CA CYS E 87 -37.26 -46.68 22.44
C CYS E 87 -36.60 -45.58 23.25
N GLN E 88 -35.47 -45.10 22.73
CA GLN E 88 -34.64 -44.10 23.39
C GLN E 88 -34.40 -42.94 22.43
N HIS E 89 -34.26 -41.73 22.96
CA HIS E 89 -34.09 -40.60 22.05
C HIS E 89 -32.63 -40.20 21.84
N PHE E 90 -31.82 -40.25 22.90
CA PHE E 90 -30.43 -39.75 22.90
C PHE E 90 -30.28 -38.40 22.19
N TRP E 91 -31.31 -37.57 22.31
CA TRP E 91 -31.29 -36.21 21.76
C TRP E 91 -30.79 -35.20 22.79
N SER E 92 -31.06 -35.46 24.08
CA SER E 92 -30.72 -34.51 25.12
C SER E 92 -30.47 -35.27 26.42
N ILE E 93 -29.75 -34.62 27.32
CA ILE E 93 -29.45 -35.20 28.64
C ILE E 93 -30.60 -34.86 29.59
N PRO E 94 -31.16 -35.84 30.32
CA PRO E 94 -30.83 -37.27 30.35
C PRO E 94 -31.50 -38.07 29.26
N TYR E 95 -30.96 -39.23 28.92
CA TYR E 95 -31.58 -40.09 27.91
C TYR E 95 -32.73 -40.84 28.55
N THR E 96 -33.87 -40.88 27.84
CA THR E 96 -35.10 -41.45 28.37
C THR E 96 -35.52 -42.64 27.53
N PHE E 97 -35.78 -43.77 28.19
CA PHE E 97 -36.27 -44.96 27.53
C PHE E 97 -37.81 -44.95 27.48
N GLY E 98 -38.35 -45.75 26.57
CA GLY E 98 -39.78 -45.86 26.47
C GLY E 98 -40.37 -46.68 27.59
N GLY E 99 -41.71 -46.73 27.63
CA GLY E 99 -42.39 -47.47 28.67
C GLY E 99 -42.16 -48.97 28.56
N GLY E 100 -41.93 -49.47 27.36
CA GLY E 100 -41.70 -50.89 27.16
C GLY E 100 -42.93 -51.62 26.69
N THR E 101 -42.96 -51.97 25.40
CA THR E 101 -44.09 -52.69 24.82
C THR E 101 -43.82 -54.19 24.93
N LYS E 102 -44.74 -54.92 25.55
CA LYS E 102 -44.61 -56.35 25.72
C LYS E 102 -45.27 -57.08 24.55
N LEU E 103 -44.47 -57.78 23.77
CA LEU E 103 -44.96 -58.56 22.64
C LEU E 103 -44.90 -60.04 22.97
N GLU E 104 -46.05 -60.70 22.88
CA GLU E 104 -46.18 -62.12 23.16
C GLU E 104 -46.63 -62.84 21.90
N ILE E 105 -46.00 -63.98 21.59
CA ILE E 105 -46.36 -64.77 20.42
C ILE E 105 -47.67 -65.48 20.71
N LYS E 106 -48.69 -65.22 19.89
CA LYS E 106 -49.99 -65.83 20.07
C LYS E 106 -50.04 -67.22 19.45
N ILE F 1 58.09 -6.47 8.68
CA ILE F 1 58.15 -7.92 8.59
C ILE F 1 59.53 -8.36 8.12
N GLN F 2 60.27 -9.00 9.01
CA GLN F 2 61.61 -9.49 8.70
C GLN F 2 61.54 -10.95 8.26
N MET F 3 62.51 -11.36 7.46
CA MET F 3 62.65 -12.76 7.04
C MET F 3 63.93 -13.31 7.63
N THR F 4 63.80 -14.43 8.35
CA THR F 4 64.96 -15.22 8.76
C THR F 4 65.09 -16.37 7.77
N GLN F 5 66.10 -16.30 6.90
CA GLN F 5 66.29 -17.29 5.86
C GLN F 5 67.41 -18.24 6.26
N SER F 6 67.18 -19.54 6.02
CA SER F 6 68.10 -20.58 6.38
C SER F 6 68.27 -21.52 5.19
N PRO F 7 69.49 -22.00 4.92
CA PRO F 7 70.75 -21.60 5.56
C PRO F 7 71.29 -20.32 4.92
N ALA F 8 72.20 -19.61 5.59
CA ALA F 8 72.80 -18.41 4.98
C ALA F 8 73.62 -18.77 3.75
N SER F 9 74.40 -19.85 3.83
CA SER F 9 75.15 -20.36 2.69
C SER F 9 75.10 -21.88 2.72
N LEU F 10 75.18 -22.48 1.55
CA LEU F 10 75.08 -23.93 1.45
C LEU F 10 75.76 -24.40 0.18
N SER F 11 76.42 -25.55 0.26
CA SER F 11 77.04 -26.20 -0.89
C SER F 11 76.42 -27.57 -1.07
N ALA F 12 75.97 -27.86 -2.29
CA ALA F 12 75.31 -29.12 -2.60
C ALA F 12 75.87 -29.67 -3.90
N SER F 13 75.78 -30.99 -4.04
CA SER F 13 76.30 -31.68 -5.21
C SER F 13 75.21 -31.79 -6.29
N VAL F 14 75.66 -32.16 -7.49
CA VAL F 14 74.74 -32.28 -8.62
C VAL F 14 73.84 -33.49 -8.42
N GLY F 15 72.54 -33.31 -8.65
CA GLY F 15 71.58 -34.37 -8.49
C GLY F 15 71.01 -34.51 -7.09
N GLU F 16 71.48 -33.73 -6.13
CA GLU F 16 71.01 -33.84 -4.76
C GLU F 16 69.81 -32.92 -4.54
N THR F 17 68.82 -33.42 -3.81
CA THR F 17 67.64 -32.65 -3.44
C THR F 17 68.02 -31.70 -2.30
N VAL F 18 67.69 -30.42 -2.46
CA VAL F 18 68.05 -29.40 -1.48
C VAL F 18 66.80 -28.60 -1.13
N THR F 19 66.81 -28.01 0.08
CA THR F 19 65.67 -27.24 0.58
C THR F 19 66.17 -25.98 1.24
N ILE F 20 65.56 -24.85 0.89
CA ILE F 20 65.89 -23.54 1.45
C ILE F 20 64.62 -22.96 2.07
N THR F 21 64.69 -22.60 3.35
CA THR F 21 63.50 -22.12 4.05
C THR F 21 63.69 -20.65 4.42
N CYS F 22 62.56 -19.95 4.55
CA CYS F 22 62.60 -18.60 5.10
C CYS F 22 61.33 -18.36 5.91
N ARG F 23 61.51 -17.84 7.13
CA ARG F 23 60.41 -17.60 8.06
C ARG F 23 60.15 -16.11 8.16
N PRO F 24 58.96 -15.63 7.77
CA PRO F 24 58.62 -14.24 8.03
C PRO F 24 58.32 -14.02 9.51
N SER F 25 58.49 -12.77 9.95
CA SER F 25 58.19 -12.43 11.33
C SER F 25 56.69 -12.35 11.61
N GLU F 26 55.85 -12.41 10.59
CA GLU F 26 54.41 -12.39 10.75
C GLU F 26 53.79 -13.28 9.69
N ASN F 27 52.54 -13.68 9.92
CA ASN F 27 51.84 -14.54 8.98
C ASN F 27 51.51 -13.77 7.71
N VAL F 28 52.05 -14.21 6.57
CA VAL F 28 51.81 -13.59 5.28
C VAL F 28 50.86 -14.41 4.43
N HIS F 29 50.32 -15.50 4.94
CA HIS F 29 49.34 -16.37 4.27
C HIS F 29 49.96 -16.90 2.98
N ILE F 30 49.23 -16.90 1.86
CA ILE F 30 49.74 -17.50 0.63
C ILE F 30 50.86 -16.64 0.03
N TYR F 31 50.81 -15.33 0.25
CA TYR F 31 51.63 -14.37 -0.49
C TYR F 31 53.10 -14.53 -0.12
N LEU F 32 53.86 -15.16 -1.00
CA LEU F 32 55.31 -15.24 -0.90
C LEU F 32 55.88 -15.68 -2.24
N ALA F 33 57.05 -15.16 -2.59
CA ALA F 33 57.69 -15.41 -3.87
C ALA F 33 59.16 -15.73 -3.66
N TRP F 34 59.66 -16.64 -4.50
CA TRP F 34 61.06 -17.06 -4.50
C TRP F 34 61.71 -16.63 -5.80
N TYR F 35 62.82 -15.90 -5.67
CA TYR F 35 63.60 -15.39 -6.80
C TYR F 35 64.99 -15.99 -6.77
N GLN F 36 65.56 -16.18 -7.96
CA GLN F 36 66.94 -16.65 -8.13
C GLN F 36 67.73 -15.57 -8.85
N GLN F 37 68.92 -15.26 -8.33
CA GLN F 37 69.81 -14.27 -8.92
C GLN F 37 71.19 -14.89 -9.13
N LYS F 38 71.80 -14.58 -10.26
CA LYS F 38 73.16 -14.99 -10.56
C LYS F 38 74.05 -13.76 -10.67
N GLN F 39 75.35 -14.00 -10.81
CA GLN F 39 76.32 -12.92 -10.80
C GLN F 39 76.18 -12.05 -12.04
N GLY F 40 75.99 -10.75 -11.83
CA GLY F 40 75.91 -9.80 -12.90
C GLY F 40 74.60 -9.77 -13.66
N LYS F 41 73.56 -10.43 -13.16
CA LYS F 41 72.28 -10.50 -13.84
C LYS F 41 71.15 -10.14 -12.88
N SER F 42 70.05 -9.67 -13.45
CA SER F 42 68.88 -9.35 -12.65
C SER F 42 68.24 -10.64 -12.12
N PRO F 43 67.55 -10.56 -10.98
CA PRO F 43 66.88 -11.75 -10.44
C PRO F 43 65.77 -12.24 -11.37
N GLN F 44 65.55 -13.55 -11.35
CA GLN F 44 64.49 -14.18 -12.11
C GLN F 44 63.45 -14.75 -11.15
N LEU F 45 62.17 -14.55 -11.49
CA LEU F 45 61.08 -15.06 -10.67
C LEU F 45 60.94 -16.56 -10.88
N LEU F 46 61.21 -17.33 -9.83
CA LEU F 46 60.98 -18.78 -9.86
C LEU F 46 59.58 -19.14 -9.42
N VAL F 47 59.17 -18.68 -8.24
CA VAL F 47 57.88 -19.03 -7.66
C VAL F 47 57.19 -17.75 -7.24
N TYR F 48 55.92 -17.58 -7.61
CA TYR F 48 55.24 -16.33 -7.29
C TYR F 48 54.16 -16.46 -6.24
N ASN F 49 53.48 -17.59 -6.14
CA ASN F 49 52.64 -17.89 -4.99
C ASN F 49 53.20 -19.13 -4.31
N ALA F 50 52.98 -19.23 -3.00
CA ALA F 50 53.74 -20.14 -2.13
C ALA F 50 53.91 -21.55 -2.71
N LYS F 51 52.97 -22.01 -3.53
CA LYS F 51 53.06 -23.33 -4.14
C LYS F 51 52.92 -23.31 -5.66
N THR F 52 52.93 -22.14 -6.30
CA THR F 52 52.67 -22.01 -7.72
C THR F 52 53.94 -21.60 -8.45
N LEU F 53 54.27 -22.32 -9.53
CA LEU F 53 55.44 -22.03 -10.33
C LEU F 53 55.13 -20.99 -11.39
N ALA F 54 56.14 -20.20 -11.74
CA ALA F 54 55.97 -19.14 -12.72
C ALA F 54 56.14 -19.67 -14.13
N ASP F 55 55.74 -18.85 -15.10
CA ASP F 55 55.83 -19.24 -16.50
C ASP F 55 57.28 -19.27 -16.95
N GLY F 56 57.65 -20.34 -17.64
CA GLY F 56 59.02 -20.53 -18.09
C GLY F 56 59.92 -21.22 -17.08
N VAL F 57 59.51 -21.30 -15.82
CA VAL F 57 60.29 -22.01 -14.81
C VAL F 57 60.07 -23.51 -14.98
N PRO F 58 61.14 -24.30 -15.04
CA PRO F 58 60.96 -25.76 -15.16
C PRO F 58 60.31 -26.33 -13.90
N SER F 59 59.63 -27.46 -14.09
CA SER F 59 58.96 -28.14 -12.98
C SER F 59 59.92 -28.76 -11.98
N ARG F 60 61.23 -28.59 -12.18
CA ARG F 60 62.22 -29.13 -11.26
C ARG F 60 62.12 -28.45 -9.89
N PHE F 61 61.90 -27.14 -9.85
CA PHE F 61 61.72 -26.43 -8.60
C PHE F 61 60.31 -26.67 -8.05
N SER F 62 60.17 -26.50 -6.74
CA SER F 62 58.86 -26.57 -6.12
C SER F 62 58.86 -25.69 -4.88
N GLY F 63 57.67 -25.19 -4.53
CA GLY F 63 57.51 -24.38 -3.33
C GLY F 63 56.47 -24.98 -2.41
N SER F 64 56.72 -24.88 -1.11
CA SER F 64 55.82 -25.44 -0.11
C SER F 64 55.63 -24.44 1.02
N ALA F 65 54.44 -24.46 1.60
CA ALA F 65 54.10 -23.61 2.72
C ALA F 65 53.62 -24.49 3.87
N SER F 66 54.18 -24.26 5.06
CA SER F 66 53.78 -24.99 6.26
C SER F 66 53.02 -24.09 7.23
N GLY F 67 52.42 -23.01 6.73
CA GLY F 67 51.72 -22.07 7.58
C GLY F 67 52.67 -21.09 8.25
N THR F 68 53.47 -21.59 9.20
CA THR F 68 54.41 -20.74 9.89
C THR F 68 55.64 -20.41 9.06
N GLN F 69 56.11 -21.36 8.24
CA GLN F 69 57.34 -21.19 7.48
C GLN F 69 57.14 -21.67 6.05
N PHE F 70 57.95 -21.11 5.15
CA PHE F 70 57.88 -21.41 3.73
C PHE F 70 59.22 -21.98 3.29
N SER F 71 59.18 -22.89 2.32
CA SER F 71 60.38 -23.58 1.86
C SER F 71 60.33 -23.76 0.34
N LEU F 72 61.52 -23.88 -0.24
CA LEU F 72 61.71 -24.12 -1.66
C LEU F 72 62.56 -25.37 -1.82
N LYS F 73 62.09 -26.32 -2.63
CA LYS F 73 62.77 -27.59 -2.84
C LYS F 73 63.26 -27.69 -4.27
N ILE F 74 64.51 -28.11 -4.43
CA ILE F 74 65.11 -28.38 -5.74
C ILE F 74 65.42 -29.86 -5.79
N ASN F 75 64.85 -30.55 -6.79
CA ASN F 75 65.07 -31.98 -6.99
C ASN F 75 66.01 -32.19 -8.17
N SER F 76 67.03 -33.02 -7.96
CA SER F 76 68.06 -33.29 -8.97
C SER F 76 68.74 -31.99 -9.41
N LEU F 77 69.46 -31.42 -8.43
CA LEU F 77 70.14 -30.15 -8.62
C LEU F 77 71.10 -30.20 -9.80
N GLN F 78 71.12 -29.12 -10.58
CA GLN F 78 71.92 -29.02 -11.79
C GLN F 78 72.88 -27.84 -11.68
N PRO F 79 73.98 -27.85 -12.43
CA PRO F 79 75.00 -26.80 -12.26
C PRO F 79 74.52 -25.39 -12.53
N GLU F 80 73.45 -25.20 -13.30
CA GLU F 80 72.95 -23.86 -13.57
C GLU F 80 72.09 -23.30 -12.44
N ASP F 81 71.97 -24.01 -11.32
CA ASP F 81 71.20 -23.54 -10.18
C ASP F 81 72.05 -22.82 -9.14
N PHE F 82 73.33 -22.62 -9.41
CA PHE F 82 74.18 -21.87 -8.50
C PHE F 82 73.75 -20.40 -8.44
N GLY F 83 74.02 -19.77 -7.31
CA GLY F 83 73.69 -18.37 -7.17
C GLY F 83 73.11 -17.99 -5.82
N SER F 84 72.17 -17.06 -5.81
CA SER F 84 71.53 -16.62 -4.59
C SER F 84 70.02 -16.75 -4.72
N TYR F 85 69.37 -17.09 -3.62
CA TYR F 85 67.93 -17.28 -3.59
C TYR F 85 67.31 -16.36 -2.54
N TYR F 86 66.29 -15.60 -2.94
CA TYR F 86 65.64 -14.63 -2.08
C TYR F 86 64.15 -14.94 -2.00
N CYS F 87 63.53 -14.50 -0.91
CA CYS F 87 62.08 -14.66 -0.74
C CYS F 87 61.47 -13.33 -0.32
N GLN F 88 60.31 -13.04 -0.89
CA GLN F 88 59.59 -11.79 -0.70
C GLN F 88 58.16 -12.11 -0.26
N HIS F 89 57.56 -11.24 0.56
CA HIS F 89 56.22 -11.54 1.04
C HIS F 89 55.11 -10.87 0.25
N PHE F 90 55.32 -9.62 -0.17
CA PHE F 90 54.29 -8.77 -0.81
C PHE F 90 52.93 -8.88 -0.13
N TRP F 91 52.96 -9.03 1.20
CA TRP F 91 51.75 -9.05 2.01
C TRP F 91 51.38 -7.65 2.49
N SER F 92 52.38 -6.81 2.74
CA SER F 92 52.16 -5.49 3.31
C SER F 92 53.28 -4.56 2.86
N ILE F 93 52.99 -3.26 2.93
CA ILE F 93 53.96 -2.24 2.57
C ILE F 93 54.82 -1.92 3.79
N PRO F 94 56.15 -1.90 3.67
CA PRO F 94 56.97 -2.14 2.47
C PRO F 94 57.24 -3.62 2.21
N TYR F 95 57.56 -3.99 0.98
CA TYR F 95 57.90 -5.37 0.66
C TYR F 95 59.33 -5.64 1.09
N THR F 96 59.54 -6.80 1.71
CA THR F 96 60.82 -7.15 2.32
C THR F 96 61.36 -8.40 1.66
N PHE F 97 62.60 -8.35 1.23
CA PHE F 97 63.28 -9.51 0.65
C PHE F 97 64.00 -10.30 1.74
N GLY F 98 64.28 -11.55 1.44
CA GLY F 98 65.00 -12.39 2.37
C GLY F 98 66.47 -12.04 2.44
N GLY F 99 67.17 -12.69 3.38
CA GLY F 99 68.59 -12.43 3.55
C GLY F 99 69.42 -12.87 2.35
N GLY F 100 68.96 -13.89 1.63
CA GLY F 100 69.68 -14.37 0.47
C GLY F 100 70.53 -15.59 0.78
N THR F 101 70.09 -16.75 0.33
CA THR F 101 70.82 -18.00 0.54
C THR F 101 71.75 -18.23 -0.64
N LYS F 102 73.03 -18.41 -0.36
CA LYS F 102 74.02 -18.64 -1.40
C LYS F 102 74.19 -20.14 -1.62
N LEU F 103 73.80 -20.61 -2.81
CA LEU F 103 73.93 -22.01 -3.19
C LEU F 103 75.08 -22.16 -4.16
N GLU F 104 76.04 -23.01 -3.81
CA GLU F 104 77.21 -23.28 -4.62
C GLU F 104 77.22 -24.75 -5.01
N ILE F 105 77.51 -25.03 -6.28
CA ILE F 105 77.56 -26.40 -6.77
C ILE F 105 78.85 -27.04 -6.26
N LYS F 106 78.73 -28.15 -5.54
CA LYS F 106 79.88 -28.84 -4.98
C LYS F 106 80.50 -29.79 -5.99
N ILE G 27 11.83 8.87 -29.68
CA ILE G 27 11.84 7.78 -28.72
C ILE G 27 10.44 7.20 -28.59
N LEU G 28 9.66 7.77 -27.67
CA LEU G 28 8.29 7.31 -27.47
C LEU G 28 7.43 7.69 -28.68
N HIS G 29 6.56 6.76 -29.07
CA HIS G 29 5.65 6.98 -30.21
C HIS G 29 4.36 7.57 -29.64
N TYR G 30 4.28 8.90 -29.63
CA TYR G 30 3.18 9.56 -28.94
C TYR G 30 1.87 9.44 -29.72
N GLU G 31 1.93 9.33 -31.05
CA GLU G 31 0.70 9.23 -31.84
C GLU G 31 -0.01 7.91 -31.56
N LYS G 32 0.72 6.79 -31.61
CA LYS G 32 0.10 5.49 -31.38
C LYS G 32 -0.31 5.34 -29.93
N LEU G 33 0.43 5.94 -29.00
CA LEU G 33 0.01 5.93 -27.60
C LEU G 33 -1.25 6.73 -27.40
N SER G 34 -1.39 7.85 -28.11
CA SER G 34 -2.61 8.66 -28.00
C SER G 34 -3.79 7.94 -28.63
N LYS G 35 -3.54 7.11 -29.64
CA LYS G 35 -4.62 6.35 -30.27
C LYS G 35 -5.24 5.33 -29.32
N ILE G 36 -4.47 4.83 -28.36
CA ILE G 36 -4.98 3.89 -27.37
C ILE G 36 -5.29 4.58 -26.04
N GLY G 37 -5.38 5.90 -26.04
CA GLY G 37 -5.85 6.62 -24.86
C GLY G 37 -4.79 7.16 -23.93
N LEU G 38 -3.52 7.08 -24.30
CA LEU G 38 -2.44 7.63 -23.47
C LEU G 38 -1.98 8.96 -24.09
N VAL G 39 -2.70 10.02 -23.75
CA VAL G 39 -2.40 11.33 -24.31
C VAL G 39 -1.18 11.89 -23.60
N LYS G 40 -0.21 12.39 -24.37
CA LYS G 40 1.02 12.86 -23.76
C LYS G 40 0.77 14.12 -22.93
N GLY G 41 1.48 14.22 -21.81
CA GLY G 41 1.32 15.33 -20.89
C GLY G 41 2.56 16.18 -20.78
N VAL G 42 2.70 16.90 -19.67
CA VAL G 42 3.82 17.82 -19.50
C VAL G 42 5.10 17.02 -19.25
N THR G 43 6.20 17.55 -19.76
CA THR G 43 7.52 16.97 -19.57
C THR G 43 8.20 17.67 -18.40
N ARG G 44 8.73 16.89 -17.47
CA ARG G 44 9.35 17.43 -16.27
C ARG G 44 10.82 17.02 -16.22
N LYS G 45 11.61 17.81 -15.50
CA LYS G 45 13.02 17.50 -15.30
C LYS G 45 13.19 16.60 -14.09
N TYR G 46 14.35 15.96 -14.01
CA TYR G 46 14.68 15.04 -12.93
C TYR G 46 15.73 15.69 -12.05
N LYS G 47 15.38 15.91 -10.77
CA LYS G 47 16.27 16.58 -9.83
C LYS G 47 16.49 15.67 -8.62
N ILE G 48 17.73 15.56 -8.18
CA ILE G 48 18.10 14.73 -7.04
C ILE G 48 18.94 15.56 -6.08
N LYS G 49 18.75 15.34 -4.78
CA LYS G 49 19.55 16.03 -3.78
C LYS G 49 20.99 15.55 -3.80
N SER G 50 21.90 16.44 -3.41
CA SER G 50 23.32 16.14 -3.35
C SER G 50 24.03 17.26 -2.62
N ASN G 51 25.27 16.97 -2.18
CA ASN G 51 26.18 17.92 -1.55
C ASN G 51 25.54 18.67 -0.38
N PRO G 52 25.29 18.02 0.74
CA PRO G 52 24.60 18.70 1.85
C PRO G 52 25.56 19.50 2.72
N LEU G 53 25.06 20.62 3.22
CA LEU G 53 25.77 21.43 4.21
C LEU G 53 25.24 21.10 5.60
N THR G 54 26.11 21.19 6.60
CA THR G 54 25.82 20.69 7.93
C THR G 54 25.69 21.85 8.91
N LYS G 55 24.64 21.82 9.74
CA LYS G 55 24.48 22.78 10.82
C LYS G 55 24.04 22.06 12.09
N ASP G 56 24.70 22.37 13.21
CA ASP G 56 24.45 21.70 14.47
C ASP G 56 23.48 22.50 15.32
N ILE G 57 22.48 21.82 15.88
CA ILE G 57 21.53 22.43 16.80
C ILE G 57 21.43 21.54 18.04
N VAL G 58 20.92 22.11 19.11
CA VAL G 58 20.68 21.41 20.36
C VAL G 58 19.18 21.46 20.63
N ILE G 59 18.59 20.31 20.92
CA ILE G 59 17.19 20.22 21.31
C ILE G 59 17.17 19.71 22.75
N LYS G 60 16.76 20.57 23.68
CA LYS G 60 16.61 20.18 25.07
C LYS G 60 15.19 19.68 25.28
N MET G 61 15.06 18.45 25.78
CA MET G 61 13.78 17.78 25.88
C MET G 61 13.07 18.05 27.20
N ILE G 62 13.64 18.89 28.05
CA ILE G 62 13.03 19.18 29.35
C ILE G 62 12.96 20.70 29.54
N PRO G 63 11.81 21.24 29.90
CA PRO G 63 11.72 22.69 30.13
C PRO G 63 12.39 23.10 31.43
N ASN G 64 12.68 24.40 31.52
CA ASN G 64 13.22 25.00 32.73
C ASN G 64 12.05 25.50 33.56
N VAL G 65 11.88 24.93 34.76
CA VAL G 65 10.76 25.27 35.63
C VAL G 65 11.29 25.98 36.86
N SER G 66 12.38 26.73 36.71
CA SER G 66 13.01 27.38 37.86
C SER G 66 12.16 28.50 38.43
N ASN G 67 11.30 29.12 37.61
CA ASN G 67 10.46 30.21 38.05
C ASN G 67 9.09 29.75 38.55
N MET G 68 8.85 28.46 38.62
CA MET G 68 7.55 27.92 39.03
C MET G 68 7.74 26.69 39.92
N SER G 69 8.90 26.61 40.57
CA SER G 69 9.30 25.39 41.29
C SER G 69 8.39 25.05 42.46
N GLN G 70 7.64 26.01 42.99
CA GLN G 70 6.73 25.68 44.09
C GLN G 70 5.52 24.88 43.60
N CYS G 71 5.18 25.01 42.32
CA CYS G 71 4.12 24.20 41.71
C CYS G 71 4.66 23.09 40.83
N THR G 72 5.88 22.62 41.12
CA THR G 72 6.45 21.51 40.36
C THR G 72 6.04 20.17 40.97
N GLY G 73 6.26 20.00 42.27
CA GLY G 73 5.92 18.73 42.90
C GLY G 73 6.87 17.63 42.46
N SER G 74 6.30 16.45 42.24
CA SER G 74 7.06 15.28 41.84
C SER G 74 6.88 14.92 40.37
N VAL G 75 6.28 15.81 39.58
CA VAL G 75 6.03 15.47 38.18
C VAL G 75 7.33 15.49 37.37
N MET G 76 8.27 16.37 37.73
CA MET G 76 9.50 16.49 36.96
C MET G 76 10.43 15.31 37.16
N GLU G 77 10.47 14.73 38.36
CA GLU G 77 11.29 13.54 38.58
C GLU G 77 10.77 12.36 37.78
N ASN G 78 9.45 12.16 37.76
CA ASN G 78 8.86 11.10 36.95
C ASN G 78 9.10 11.35 35.47
N TYR G 79 8.99 12.61 35.04
CA TYR G 79 9.27 12.95 33.65
C TYR G 79 10.74 12.67 33.30
N LYS G 80 11.66 12.98 34.21
CA LYS G 80 13.06 12.70 33.97
C LYS G 80 13.33 11.21 33.86
N THR G 81 12.69 10.41 34.73
CA THR G 81 12.83 8.96 34.64
C THR G 81 12.30 8.43 33.32
N ARG G 82 11.14 8.94 32.88
CA ARG G 82 10.57 8.51 31.61
C ARG G 82 11.46 8.90 30.43
N LEU G 83 12.01 10.12 30.46
CA LEU G 83 12.91 10.55 29.40
C LEU G 83 14.19 9.73 29.37
N ASN G 84 14.72 9.39 30.55
CA ASN G 84 15.91 8.54 30.61
C ASN G 84 15.63 7.18 30.02
N GLY G 85 14.47 6.60 30.35
CA GLY G 85 14.11 5.32 29.75
C GLY G 85 13.93 5.40 28.25
N ILE G 86 13.42 6.53 27.76
CA ILE G 86 13.24 6.70 26.32
C ILE G 86 14.58 6.84 25.61
N LEU G 87 15.49 7.64 26.17
CA LEU G 87 16.72 8.02 25.50
C LEU G 87 17.88 7.05 25.76
N THR G 88 17.76 6.12 26.69
CA THR G 88 18.84 5.16 26.93
C THR G 88 19.12 4.27 25.72
N PRO G 89 18.14 3.65 25.05
CA PRO G 89 18.48 2.85 23.85
C PRO G 89 19.12 3.65 22.73
N ILE G 90 18.77 4.93 22.57
CA ILE G 90 19.37 5.75 21.53
C ILE G 90 20.86 5.93 21.80
N LYS G 91 21.20 6.26 23.06
CA LYS G 91 22.61 6.40 23.42
C LYS G 91 23.34 5.07 23.31
N GLY G 92 22.69 3.98 23.68
CA GLY G 92 23.33 2.68 23.55
C GLY G 92 23.60 2.30 22.12
N ALA G 93 22.71 2.67 21.21
CA ALA G 93 22.92 2.38 19.79
C ALA G 93 23.96 3.30 19.19
N LEU G 94 24.08 4.53 19.69
CA LEU G 94 25.13 5.43 19.21
C LEU G 94 26.51 4.97 19.69
N GLU G 95 26.59 4.51 20.94
CA GLU G 95 27.89 4.15 21.51
C GLU G 95 28.49 2.90 20.88
N ILE G 96 27.71 2.14 20.10
CA ILE G 96 28.27 1.03 19.35
C ILE G 96 29.27 1.53 18.32
N TYR G 97 28.93 2.62 17.62
CA TYR G 97 29.84 3.24 16.67
C TYR G 97 30.76 4.27 17.32
N LYS G 98 30.35 4.86 18.45
CA LYS G 98 31.22 5.80 19.14
C LYS G 98 32.46 5.10 19.68
N ASN G 99 32.30 3.91 20.26
CA ASN G 99 33.40 3.20 20.89
C ASN G 99 34.30 2.47 19.90
N ASN G 100 33.89 2.33 18.63
CA ASN G 100 34.60 1.50 17.68
C ASN G 100 35.05 2.27 16.44
N THR G 101 35.15 3.59 16.54
CA THR G 101 35.62 4.43 15.44
C THR G 101 36.67 5.38 15.96
N HIS G 102 37.74 5.57 15.19
CA HIS G 102 38.86 6.39 15.65
C HIS G 102 39.64 6.91 14.45
N ASP G 103 40.73 7.61 14.75
CA ASP G 103 41.64 8.08 13.71
C ASP G 103 42.53 6.93 13.23
N CYS G 104 42.97 7.04 11.99
CA CYS G 104 43.82 6.03 11.38
C CYS G 104 45.28 6.41 11.62
N VAL G 105 45.95 5.66 12.48
CA VAL G 105 47.35 5.94 12.80
C VAL G 105 48.32 5.31 11.81
N GLY G 106 47.87 4.35 11.00
CA GLY G 106 48.73 3.70 10.04
C GLY G 106 49.12 4.59 8.89
N ASP G 107 48.15 4.95 8.04
CA ASP G 107 48.41 5.79 6.88
C ASP G 107 47.12 6.45 6.47
N VAL G 108 47.12 7.79 6.41
CA VAL G 108 45.93 8.55 6.05
C VAL G 108 45.96 8.87 4.56
N ARG G 109 46.80 8.14 3.82
CA ARG G 109 46.90 8.35 2.38
C ARG G 109 45.60 8.02 1.67
N LEU G 110 44.89 7.01 2.15
CA LEU G 110 43.62 6.58 1.56
C LEU G 110 42.41 7.16 2.28
N ALA G 111 42.35 7.02 3.61
CA ALA G 111 41.26 7.57 4.40
C ALA G 111 41.75 7.80 5.82
N GLY G 112 40.97 8.57 6.57
CA GLY G 112 41.38 8.95 7.92
C GLY G 112 40.48 8.47 9.03
N VAL G 113 39.44 7.69 8.70
CA VAL G 113 38.47 7.19 9.67
C VAL G 113 38.59 5.68 9.73
N CYS G 114 39.05 5.16 10.86
CA CYS G 114 39.23 3.72 11.05
C CYS G 114 38.10 3.16 11.91
N MET G 115 37.42 2.13 11.40
CA MET G 115 36.42 1.40 12.15
C MET G 115 36.96 0.04 12.58
N ALA G 116 36.29 -0.57 13.54
CA ALA G 116 36.57 -1.94 13.96
C ALA G 116 35.38 -2.79 13.52
N GLY G 117 35.54 -3.48 12.39
CA GLY G 117 34.46 -4.28 11.84
C GLY G 117 34.14 -5.52 12.64
N VAL G 118 35.10 -6.02 13.42
CA VAL G 118 34.83 -7.18 14.26
C VAL G 118 33.88 -6.80 15.40
N ALA G 119 34.12 -5.64 16.03
CA ALA G 119 33.29 -5.22 17.15
C ALA G 119 31.89 -4.82 16.69
N ILE G 120 31.79 -4.15 15.55
CA ILE G 120 30.48 -3.77 15.01
C ILE G 120 29.70 -5.01 14.59
N GLY G 121 30.37 -5.93 13.89
CA GLY G 121 29.78 -7.20 13.55
C GLY G 121 28.91 -7.21 12.31
N ILE G 122 27.68 -6.69 12.42
CA ILE G 122 26.73 -6.70 11.33
C ILE G 122 26.31 -5.26 11.06
N ALA G 123 26.47 -4.83 9.81
CA ALA G 123 26.11 -3.47 9.42
C ALA G 123 25.88 -3.44 7.92
N THR G 124 25.27 -2.36 7.46
CA THR G 124 25.05 -2.12 6.05
C THR G 124 25.96 -0.99 5.57
N ALA G 125 25.90 -0.71 4.27
CA ALA G 125 26.67 0.40 3.71
C ALA G 125 26.19 1.74 4.26
N ALA G 126 24.87 1.91 4.36
CA ALA G 126 24.32 3.15 4.89
C ALA G 126 24.67 3.34 6.36
N GLN G 127 24.65 2.25 7.13
CA GLN G 127 25.01 2.36 8.55
C GLN G 127 26.48 2.74 8.72
N ILE G 128 27.36 2.19 7.88
CA ILE G 128 28.78 2.51 7.95
C ILE G 128 29.01 3.97 7.56
N THR G 129 28.36 4.43 6.49
CA THR G 129 28.49 5.82 6.09
C THR G 129 27.96 6.77 7.16
N ALA G 130 26.84 6.40 7.79
CA ALA G 130 26.28 7.22 8.86
C ALA G 130 27.18 7.22 10.09
N GLY G 131 27.84 6.10 10.38
CA GLY G 131 28.81 6.09 11.47
C GLY G 131 30.01 6.95 11.19
N VAL G 132 30.46 6.98 9.92
CA VAL G 132 31.52 7.90 9.52
C VAL G 132 31.10 9.33 9.75
N ALA G 133 29.87 9.68 9.32
CA ALA G 133 29.37 11.04 9.50
C ALA G 133 29.25 11.39 10.99
N LEU G 134 28.83 10.42 11.80
CA LEU G 134 28.76 10.62 13.25
C LEU G 134 30.14 10.90 13.83
N TYR G 135 31.17 10.18 13.35
CA TYR G 135 32.52 10.44 13.84
C TYR G 135 33.00 11.82 13.43
N GLU G 136 32.68 12.26 12.20
CA GLU G 136 33.06 13.61 11.80
C GLU G 136 32.33 14.67 12.65
N ALA G 137 31.07 14.43 12.98
CA ALA G 137 30.31 15.36 13.79
C ALA G 137 30.70 15.34 15.26
N MET G 138 31.40 14.29 15.72
CA MET G 138 31.86 14.23 17.10
C MET G 138 32.77 15.40 17.47
N LYS G 139 33.55 15.90 16.50
CA LYS G 139 34.46 17.00 16.78
C LYS G 139 33.71 18.27 17.19
N ASN G 140 32.62 18.59 16.49
CA ASN G 140 31.79 19.72 16.88
C ASN G 140 30.92 19.40 18.09
N ALA G 141 30.52 18.14 18.24
CA ALA G 141 29.74 17.76 19.42
C ALA G 141 30.53 17.97 20.70
N ASP G 142 31.85 17.75 20.65
CA ASP G 142 32.69 17.97 21.82
C ASP G 142 32.74 19.46 22.18
N ASN G 143 32.79 20.34 21.18
CA ASN G 143 32.75 21.78 21.45
C ASN G 143 31.40 22.20 22.01
N ILE G 144 30.31 21.63 21.50
CA ILE G 144 28.98 21.96 22.01
C ILE G 144 28.79 21.41 23.42
N ASN G 145 29.47 20.31 23.76
CA ASN G 145 29.36 19.77 25.11
C ASN G 145 30.00 20.66 26.15
N LYS G 146 30.91 21.56 25.75
CA LYS G 146 31.31 22.65 26.62
C LYS G 146 30.13 23.58 26.82
N LEU G 147 30.21 24.43 27.85
CA LEU G 147 29.11 25.29 28.27
C LEU G 147 27.80 24.51 28.38
N LYS G 148 27.89 23.29 28.93
CA LYS G 148 26.69 22.50 29.18
C LYS G 148 25.84 23.13 30.27
N SER G 149 26.48 23.81 31.23
CA SER G 149 25.74 24.55 32.24
C SER G 149 24.97 25.71 31.61
N SER G 150 25.50 26.27 30.51
CA SER G 150 24.78 27.32 29.81
C SER G 150 23.58 26.77 29.06
N ILE G 151 23.68 25.53 28.55
CA ILE G 151 22.52 24.88 27.94
C ILE G 151 21.48 24.56 28.99
N GLU G 152 21.92 24.09 30.16
CA GLU G 152 21.00 23.70 31.23
C GLU G 152 20.19 24.89 31.74
N SER G 153 20.73 26.10 31.68
CA SER G 153 20.10 27.27 32.25
C SER G 153 19.31 28.10 31.24
N THR G 154 19.03 27.55 30.05
CA THR G 154 18.26 28.28 29.07
C THR G 154 16.81 28.44 29.55
N ASN G 155 16.30 29.67 29.46
CA ASN G 155 14.98 29.99 29.96
C ASN G 155 14.03 30.43 28.87
N GLU G 156 14.43 30.31 27.61
CA GLU G 156 13.60 30.72 26.48
C GLU G 156 13.45 29.54 25.51
N ALA G 157 12.45 29.66 24.64
CA ALA G 157 12.20 28.60 23.67
C ALA G 157 13.36 28.43 22.70
N VAL G 158 13.92 29.55 22.21
CA VAL G 158 15.07 29.54 21.33
C VAL G 158 16.15 30.41 21.95
N VAL G 159 17.35 29.86 22.12
CA VAL G 159 18.48 30.57 22.72
C VAL G 159 19.70 30.38 21.84
N LYS G 160 20.46 31.46 21.63
CA LYS G 160 21.71 31.39 20.87
C LYS G 160 22.90 31.47 21.81
N LEU G 161 23.85 30.55 21.65
CA LEU G 161 25.12 30.62 22.36
C LEU G 161 26.27 30.46 21.38
N GLN G 162 27.48 30.56 21.90
CA GLN G 162 28.69 30.55 21.07
C GLN G 162 29.39 29.20 21.24
N GLU G 163 29.20 28.32 20.27
CA GLU G 163 29.97 27.08 20.23
C GLU G 163 31.46 27.36 20.09
N THR G 164 31.80 28.29 19.21
CA THR G 164 33.17 28.76 19.04
C THR G 164 33.12 30.29 19.01
N ALA G 165 34.29 30.92 18.98
CA ALA G 165 34.34 32.38 18.91
C ALA G 165 33.74 32.92 17.61
N GLU G 166 33.65 32.09 16.57
CA GLU G 166 33.12 32.51 15.29
C GLU G 166 31.88 31.73 14.86
N LYS G 167 31.48 30.70 15.61
CA LYS G 167 30.35 29.86 15.25
C LYS G 167 29.35 29.85 16.39
N THR G 168 28.07 29.95 16.06
CA THR G 168 26.99 29.96 17.03
C THR G 168 26.20 28.65 16.98
N VAL G 169 25.51 28.36 18.08
CA VAL G 169 24.67 27.18 18.21
C VAL G 169 23.33 27.61 18.80
N TYR G 170 22.26 26.97 18.37
CA TYR G 170 20.91 27.29 18.81
C TYR G 170 20.34 26.15 19.63
N VAL G 171 19.82 26.48 20.80
CA VAL G 171 19.18 25.54 21.71
C VAL G 171 17.68 25.79 21.67
N PHE G 172 16.91 24.73 21.41
CA PHE G 172 15.46 24.77 21.37
C PHE G 172 14.92 23.94 22.53
N THR G 173 14.16 24.58 23.42
CA THR G 173 13.60 23.93 24.59
C THR G 173 12.18 23.45 24.28
N ALA G 174 11.86 22.24 24.72
CA ALA G 174 10.70 21.54 24.21
C ALA G 174 9.38 22.24 24.55
N LEU G 175 9.24 22.72 25.79
CA LEU G 175 7.98 23.28 26.25
C LEU G 175 8.18 24.60 26.97
N GLN G 176 9.14 25.41 26.54
CA GLN G 176 9.48 26.59 27.32
C GLN G 176 8.45 27.71 27.15
N ASP G 177 7.87 27.83 25.95
CA ASP G 177 6.86 28.87 25.76
C ASP G 177 5.61 28.62 26.59
N TYR G 178 5.19 27.36 26.69
CA TYR G 178 4.01 27.03 27.49
C TYR G 178 4.26 27.37 28.96
N ILE G 179 5.44 27.05 29.46
CA ILE G 179 5.79 27.40 30.85
C ILE G 179 5.81 28.91 31.03
N ASN G 180 6.41 29.62 30.05
CA ASN G 180 6.64 31.04 30.21
C ASN G 180 5.36 31.87 30.09
N THR G 181 4.41 31.43 29.29
CA THR G 181 3.24 32.25 28.97
C THR G 181 1.91 31.65 29.43
N ASN G 182 1.89 30.41 29.90
CA ASN G 182 0.65 29.79 30.33
C ASN G 182 0.63 29.39 31.78
N LEU G 183 1.77 29.00 32.34
CA LEU G 183 1.83 28.54 33.72
C LEU G 183 2.41 29.56 34.68
N VAL G 184 3.49 30.25 34.29
CA VAL G 184 4.07 31.27 35.16
C VAL G 184 3.14 32.46 35.38
N PRO G 185 2.54 33.08 34.35
CA PRO G 185 1.67 34.24 34.62
C PRO G 185 0.39 33.90 35.38
N THR G 186 -0.05 32.64 35.35
CA THR G 186 -1.24 32.23 36.09
C THR G 186 -0.89 31.43 37.34
N ILE G 187 0.24 31.74 37.99
CA ILE G 187 0.68 30.93 39.12
C ILE G 187 -0.04 31.34 40.40
N ASP G 188 -0.61 32.55 40.45
CA ASP G 188 -1.30 33.02 41.64
C ASP G 188 -2.81 33.05 41.49
N LYS G 189 -3.33 33.08 40.26
CA LYS G 189 -4.76 33.15 40.02
C LYS G 189 -5.46 31.79 40.13
N ILE G 190 -4.71 30.70 40.11
CA ILE G 190 -5.30 29.36 40.23
C ILE G 190 -4.55 28.61 41.34
N PRO G 191 -5.18 27.59 41.93
CA PRO G 191 -4.48 26.79 42.93
C PRO G 191 -3.23 26.13 42.37
N CYS G 192 -2.22 26.01 43.23
CA CYS G 192 -0.93 25.46 42.80
C CYS G 192 -1.04 24.01 42.35
N LYS G 193 -1.99 23.25 42.93
CA LYS G 193 -2.18 21.87 42.51
C LYS G 193 -2.68 21.80 41.08
N GLN G 194 -3.54 22.73 40.68
CA GLN G 194 -4.00 22.77 39.29
C GLN G 194 -2.86 23.09 38.34
N THR G 195 -1.95 23.98 38.75
CA THR G 195 -0.77 24.26 37.94
C THR G 195 0.12 23.02 37.80
N GLU G 196 0.30 22.28 38.89
CA GLU G 196 1.09 21.05 38.84
C GLU G 196 0.44 20.02 37.91
N LEU G 197 -0.89 19.87 38.00
CA LEU G 197 -1.58 18.92 37.14
C LEU G 197 -1.48 19.33 35.68
N SER G 198 -1.59 20.63 35.40
CA SER G 198 -1.49 21.11 34.02
C SER G 198 -0.09 20.90 33.45
N LEU G 199 0.93 21.12 34.28
CA LEU G 199 2.30 20.83 33.85
C LEU G 199 2.47 19.35 33.57
N ASP G 200 1.91 18.49 34.42
CA ASP G 200 2.00 17.06 34.21
C ASP G 200 1.32 16.65 32.89
N LEU G 201 0.13 17.22 32.63
CA LEU G 201 -0.56 16.93 31.38
C LEU G 201 0.21 17.42 30.16
N ALA G 202 0.82 18.60 30.26
CA ALA G 202 1.61 19.12 29.14
C ALA G 202 2.80 18.21 28.84
N LEU G 203 3.51 17.77 29.89
CA LEU G 203 4.65 16.88 29.68
C LEU G 203 4.21 15.54 29.12
N SER G 204 3.08 15.01 29.60
CA SER G 204 2.58 13.74 29.09
C SER G 204 2.15 13.84 27.63
N LYS G 205 1.52 14.94 27.25
CA LYS G 205 1.16 15.13 25.85
C LYS G 205 2.39 15.28 24.97
N TYR G 206 3.43 15.96 25.47
CA TYR G 206 4.68 16.06 24.74
C TYR G 206 5.30 14.68 24.53
N LEU G 207 5.31 13.85 25.58
CA LEU G 207 5.84 12.50 25.45
C LEU G 207 5.00 11.66 24.48
N SER G 208 3.67 11.84 24.51
CA SER G 208 2.81 11.10 23.60
C SER G 208 3.10 11.46 22.14
N ASP G 209 3.31 12.75 21.86
CA ASP G 209 3.70 13.14 20.50
C ASP G 209 5.10 12.63 20.16
N LEU G 210 6.00 12.61 21.13
CA LEU G 210 7.41 12.29 20.88
C LEU G 210 7.60 10.81 20.60
N LEU G 211 6.86 9.95 21.31
CA LEU G 211 7.09 8.50 21.25
C LEU G 211 6.75 7.90 19.89
N PHE G 212 5.96 8.60 19.08
CA PHE G 212 5.65 8.08 17.75
C PHE G 212 6.87 8.06 16.85
N VAL G 213 7.90 8.84 17.19
CA VAL G 213 9.08 9.01 16.35
C VAL G 213 10.34 8.56 17.07
N PHE G 214 10.50 8.94 18.33
CA PHE G 214 11.72 8.64 19.09
C PHE G 214 11.58 7.43 20.00
N GLY G 215 10.49 6.69 19.89
CA GLY G 215 10.27 5.54 20.74
C GLY G 215 11.01 4.31 20.27
N PRO G 216 10.42 3.14 20.48
CA PRO G 216 11.04 1.90 19.98
C PRO G 216 11.12 1.84 18.46
N ASN G 217 10.35 2.66 17.74
CA ASN G 217 10.45 2.71 16.29
C ASN G 217 11.80 3.24 15.82
N LEU G 218 12.49 4.03 16.64
CA LEU G 218 13.83 4.51 16.30
C LEU G 218 14.84 3.40 16.62
N GLN G 219 14.80 2.36 15.79
CA GLN G 219 15.73 1.25 15.95
C GLN G 219 17.15 1.63 15.55
N ASP G 220 17.29 2.48 14.53
CA ASP G 220 18.59 2.85 13.99
C ASP G 220 18.74 4.36 14.05
N PRO G 221 19.24 4.90 15.17
CA PRO G 221 19.49 6.34 15.24
C PRO G 221 20.75 6.78 14.52
N VAL G 222 21.59 5.84 14.07
CA VAL G 222 22.82 6.22 13.40
C VAL G 222 22.54 6.81 12.02
N SER G 223 21.57 6.25 11.31
CA SER G 223 21.31 6.64 9.92
C SER G 223 20.89 8.10 9.82
N ASN G 224 21.28 8.74 8.72
CA ASN G 224 20.97 10.15 8.47
C ASN G 224 19.83 10.32 7.47
N SER G 225 18.90 9.37 7.42
CA SER G 225 17.71 9.48 6.59
C SER G 225 16.51 10.02 7.34
N MET G 226 16.69 10.43 8.59
CA MET G 226 15.60 10.94 9.42
C MET G 226 15.33 12.40 9.06
N THR G 227 14.12 12.68 8.55
CA THR G 227 13.81 14.01 8.05
C THR G 227 13.68 15.00 9.21
N ILE G 228 13.73 16.29 8.86
CA ILE G 228 13.64 17.34 9.87
C ILE G 228 12.22 17.42 10.43
N GLN G 229 11.22 17.03 9.64
CA GLN G 229 9.85 17.00 10.15
C GLN G 229 9.70 15.99 11.26
N ALA G 230 10.33 14.82 11.11
CA ALA G 230 10.27 13.81 12.17
C ALA G 230 11.07 14.23 13.39
N ILE G 231 12.22 14.87 13.17
CA ILE G 231 13.07 15.31 14.28
C ILE G 231 12.39 16.40 15.09
N SER G 232 11.63 17.28 14.42
CA SER G 232 10.98 18.40 15.10
C SER G 232 9.90 17.96 16.08
N GLN G 233 9.55 16.67 16.13
CA GLN G 233 8.62 16.19 17.15
C GLN G 233 9.21 16.33 18.55
N ALA G 234 10.54 16.42 18.66
CA ALA G 234 11.18 16.76 19.92
C ALA G 234 11.05 18.25 20.27
N PHE G 235 10.59 19.06 19.31
CA PHE G 235 10.31 20.48 19.54
C PHE G 235 8.83 20.76 19.36
N GLY G 236 8.00 19.73 19.41
CA GLY G 236 6.57 19.91 19.27
C GLY G 236 6.09 20.07 17.84
N GLY G 237 6.82 19.54 16.87
CA GLY G 237 6.41 19.62 15.48
C GLY G 237 6.69 20.93 14.80
N ASN G 238 7.48 21.80 15.41
CA ASN G 238 7.77 23.13 14.86
C ASN G 238 9.13 23.11 14.15
N TYR G 239 9.13 22.54 12.95
CA TYR G 239 10.34 22.55 12.14
C TYR G 239 10.54 23.88 11.42
N GLU G 240 9.47 24.66 11.25
CA GLU G 240 9.62 25.98 10.63
C GLU G 240 10.48 26.88 11.50
N THR G 241 10.32 26.81 12.82
CA THR G 241 11.16 27.59 13.72
C THR G 241 12.64 27.20 13.57
N LEU G 242 12.91 25.89 13.52
CA LEU G 242 14.30 25.44 13.38
C LEU G 242 14.90 25.92 12.07
N LEU G 243 14.18 25.72 10.96
CA LEU G 243 14.72 26.10 9.66
C LEU G 243 14.89 27.61 9.54
N ARG G 244 13.90 28.38 10.00
CA ARG G 244 13.99 29.83 9.93
C ARG G 244 15.13 30.38 10.79
N THR G 245 15.27 29.83 12.01
CA THR G 245 16.33 30.31 12.90
C THR G 245 17.70 29.95 12.36
N LEU G 246 17.85 28.76 11.79
CA LEU G 246 19.13 28.36 11.23
C LEU G 246 19.51 29.21 10.01
N GLY G 247 18.54 29.53 9.18
CA GLY G 247 18.84 30.18 7.90
C GLY G 247 19.04 29.17 6.80
N TYR G 248 18.68 29.57 5.58
CA TYR G 248 18.72 28.65 4.45
C TYR G 248 18.78 29.46 3.16
N ALA G 249 19.12 28.76 2.08
CA ALA G 249 19.02 29.33 0.75
C ALA G 249 17.59 29.15 0.24
N THR G 250 16.96 30.24 -0.16
CA THR G 250 15.54 30.25 -0.50
C THR G 250 15.26 29.87 -1.94
N GLU G 251 16.28 29.47 -2.71
CA GLU G 251 16.06 29.16 -4.11
C GLU G 251 15.17 27.94 -4.29
N ASP G 252 15.43 26.87 -3.54
CA ASP G 252 14.66 25.64 -3.64
C ASP G 252 14.26 25.11 -2.27
N PHE G 253 14.06 26.02 -1.31
CA PHE G 253 13.86 25.60 0.09
C PHE G 253 12.59 24.76 0.24
N ASP G 254 11.49 25.17 -0.39
CA ASP G 254 10.25 24.43 -0.26
C ASP G 254 10.31 23.09 -0.98
N ASP G 255 10.99 23.04 -2.13
CA ASP G 255 11.16 21.77 -2.84
C ASP G 255 12.07 20.84 -2.07
N LEU G 256 13.12 21.37 -1.43
CA LEU G 256 13.96 20.55 -0.57
C LEU G 256 13.18 20.02 0.62
N LEU G 257 12.34 20.86 1.22
CA LEU G 257 11.64 20.47 2.44
C LEU G 257 10.53 19.45 2.16
N GLU G 258 9.74 19.67 1.10
CA GLU G 258 8.58 18.83 0.84
C GLU G 258 8.95 17.47 0.26
N SER G 259 10.16 17.32 -0.29
CA SER G 259 10.58 16.05 -0.88
C SER G 259 11.36 15.19 0.10
N ASP G 260 11.29 15.50 1.40
CA ASP G 260 11.99 14.75 2.45
C ASP G 260 13.50 14.71 2.20
N SER G 261 14.05 15.83 1.75
CA SER G 261 15.47 15.92 1.45
C SER G 261 16.27 16.58 2.56
N ILE G 262 15.66 17.45 3.36
CA ILE G 262 16.34 18.04 4.52
C ILE G 262 16.21 17.06 5.67
N THR G 263 17.30 16.36 5.98
CA THR G 263 17.33 15.35 7.01
C THR G 263 18.22 15.80 8.17
N GLY G 264 18.32 14.93 9.18
CA GLY G 264 19.16 15.21 10.33
C GLY G 264 19.57 13.92 11.00
N GLN G 265 20.61 14.03 11.82
CA GLN G 265 21.17 12.88 12.50
C GLN G 265 21.50 13.24 13.94
N ILE G 266 21.15 12.37 14.86
CA ILE G 266 21.49 12.55 16.27
C ILE G 266 22.95 12.18 16.47
N ILE G 267 23.73 13.12 17.00
CA ILE G 267 25.16 12.90 17.18
C ILE G 267 25.58 12.88 18.64
N TYR G 268 24.71 13.26 19.56
CA TYR G 268 25.00 13.18 20.99
C TYR G 268 23.71 13.20 21.77
N VAL G 269 23.64 12.36 22.80
CA VAL G 269 22.50 12.31 23.72
C VAL G 269 23.05 12.42 25.14
N ASP G 270 22.60 13.43 25.87
CA ASP G 270 23.02 13.63 27.26
C ASP G 270 21.90 13.17 28.17
N LEU G 271 22.21 12.24 29.07
CA LEU G 271 21.22 11.67 29.99
C LEU G 271 21.23 12.34 31.35
N SER G 272 22.02 13.39 31.54
CA SER G 272 22.00 14.19 32.76
C SER G 272 21.24 15.50 32.57
N SER G 273 21.54 16.23 31.50
CA SER G 273 20.84 17.44 31.16
C SER G 273 19.64 17.21 30.25
N TYR G 274 19.49 16.01 29.70
CA TYR G 274 18.35 15.62 28.87
C TYR G 274 18.23 16.51 27.63
N TYR G 275 19.28 16.49 26.81
CA TYR G 275 19.26 17.16 25.52
C TYR G 275 19.91 16.25 24.48
N ILE G 276 19.65 16.57 23.21
CA ILE G 276 20.29 15.89 22.10
C ILE G 276 20.90 16.94 21.18
N ILE G 277 21.91 16.53 20.43
CA ILE G 277 22.56 17.37 19.42
C ILE G 277 22.25 16.78 18.06
N VAL G 278 21.69 17.59 17.17
CA VAL G 278 21.23 17.15 15.87
C VAL G 278 21.99 17.90 14.79
N ARG G 279 22.55 17.17 13.83
CA ARG G 279 23.23 17.75 12.69
C ARG G 279 22.27 17.75 11.50
N VAL G 280 21.77 18.93 11.13
CA VAL G 280 20.82 19.09 10.04
C VAL G 280 21.60 19.25 8.74
N TYR G 281 21.17 18.51 7.72
CA TYR G 281 21.79 18.55 6.39
C TYR G 281 20.89 19.31 5.43
N PHE G 282 21.47 20.29 4.74
CA PHE G 282 20.78 21.10 3.73
C PHE G 282 21.42 20.79 2.38
N PRO G 283 20.80 19.94 1.57
CA PRO G 283 21.38 19.61 0.26
C PRO G 283 21.02 20.65 -0.78
N ILE G 284 21.58 20.47 -1.97
CA ILE G 284 21.18 21.21 -3.16
C ILE G 284 20.57 20.23 -4.14
N LEU G 285 19.81 20.76 -5.09
CA LEU G 285 19.16 19.94 -6.10
C LEU G 285 19.95 20.01 -7.41
N THR G 286 20.48 18.88 -7.84
CA THR G 286 21.14 18.77 -9.12
C THR G 286 20.18 18.21 -10.15
N GLU G 287 20.08 18.86 -11.29
CA GLU G 287 19.27 18.39 -12.39
C GLU G 287 20.04 17.33 -13.16
N ILE G 288 19.47 16.14 -13.28
CA ILE G 288 20.13 15.06 -14.00
C ILE G 288 20.12 15.39 -15.49
N GLN G 289 21.31 15.52 -16.07
CA GLN G 289 21.43 15.96 -17.45
C GLN G 289 21.00 14.86 -18.41
N GLN G 290 20.36 15.26 -19.52
CA GLN G 290 19.83 14.36 -20.54
C GLN G 290 18.88 13.34 -19.93
N ALA G 291 18.07 13.79 -18.97
CA ALA G 291 17.09 12.96 -18.31
C ALA G 291 15.82 13.76 -18.10
N TYR G 292 14.67 13.12 -18.34
CA TYR G 292 13.39 13.77 -18.14
C TYR G 292 12.34 12.72 -17.78
N ILE G 293 11.17 13.20 -17.40
CA ILE G 293 10.05 12.35 -17.01
C ILE G 293 8.82 12.79 -17.80
N GLN G 294 8.18 11.85 -18.48
CA GLN G 294 7.03 12.11 -19.32
C GLN G 294 5.78 11.55 -18.64
N GLU G 295 4.74 12.37 -18.55
CA GLU G 295 3.46 11.99 -17.97
C GLU G 295 2.48 11.65 -19.09
N LEU G 296 1.74 10.55 -18.90
CA LEU G 296 0.72 10.13 -19.85
C LEU G 296 -0.65 10.20 -19.19
N LEU G 297 -1.50 11.09 -19.69
CA LEU G 297 -2.87 11.19 -19.23
C LEU G 297 -3.68 10.03 -19.77
N PRO G 298 -4.29 9.20 -18.94
CA PRO G 298 -5.06 8.06 -19.44
C PRO G 298 -6.45 8.49 -19.88
N VAL G 299 -6.85 8.05 -21.07
CA VAL G 299 -8.18 8.31 -21.62
C VAL G 299 -8.78 6.97 -22.00
N SER G 300 -10.04 6.75 -21.61
CA SER G 300 -10.71 5.51 -21.97
C SER G 300 -11.04 5.51 -23.46
N PHE G 301 -10.84 4.35 -24.10
CA PHE G 301 -11.08 4.22 -25.53
C PHE G 301 -12.13 3.14 -25.79
N ASN G 302 -12.62 3.13 -27.02
CA ASN G 302 -13.74 2.29 -27.43
C ASN G 302 -13.24 1.13 -28.27
N ASN G 303 -13.73 -0.07 -27.96
CA ASN G 303 -13.35 -1.26 -28.71
C ASN G 303 -14.42 -2.32 -28.55
N ASP G 304 -15.08 -2.69 -29.65
CA ASP G 304 -16.09 -3.74 -29.68
C ASP G 304 -17.24 -3.44 -28.71
N ASN G 305 -17.82 -2.25 -28.86
CA ASN G 305 -18.96 -1.80 -28.05
C ASN G 305 -18.66 -1.83 -26.55
N SER G 306 -17.41 -1.53 -26.19
CA SER G 306 -16.99 -1.56 -24.80
C SER G 306 -15.92 -0.50 -24.58
N GLU G 307 -15.67 -0.20 -23.31
CA GLU G 307 -14.75 0.85 -22.90
C GLU G 307 -13.52 0.26 -22.22
N TRP G 308 -12.34 0.75 -22.59
CA TRP G 308 -11.09 0.19 -22.12
C TRP G 308 -10.12 1.29 -21.75
N ILE G 309 -9.21 1.00 -20.81
CA ILE G 309 -8.11 1.90 -20.47
C ILE G 309 -6.82 1.11 -20.53
N SER G 310 -5.77 1.72 -21.09
CA SER G 310 -4.49 1.03 -21.23
C SER G 310 -3.81 0.89 -19.87
N ILE G 311 -3.19 -0.26 -19.64
CA ILE G 311 -2.43 -0.51 -18.41
C ILE G 311 -0.97 -0.21 -18.75
N VAL G 312 -0.61 1.06 -18.62
CA VAL G 312 0.73 1.56 -18.94
C VAL G 312 1.12 2.53 -17.83
N PRO G 313 2.39 2.55 -17.41
CA PRO G 313 2.80 3.50 -16.37
C PRO G 313 2.53 4.94 -16.78
N ASN G 314 2.05 5.72 -15.82
CA ASN G 314 1.71 7.12 -16.10
C ASN G 314 2.95 7.99 -16.24
N PHE G 315 4.00 7.70 -15.47
CA PHE G 315 5.24 8.46 -15.52
C PHE G 315 6.35 7.56 -16.04
N ILE G 316 7.03 8.00 -17.09
CA ILE G 316 8.10 7.25 -17.72
C ILE G 316 9.38 8.09 -17.62
N LEU G 317 10.44 7.50 -17.07
CA LEU G 317 11.71 8.19 -16.95
C LEU G 317 12.58 7.84 -18.15
N VAL G 318 12.94 8.85 -18.94
CA VAL G 318 13.83 8.67 -20.08
C VAL G 318 15.16 9.31 -19.70
N ARG G 319 16.18 8.49 -19.54
CA ARG G 319 17.51 8.94 -19.14
C ARG G 319 18.52 8.42 -20.16
N ASN G 320 19.17 9.34 -20.87
CA ASN G 320 20.15 9.01 -21.91
C ASN G 320 19.56 8.06 -22.95
N THR G 321 18.34 8.39 -23.40
CA THR G 321 17.56 7.60 -24.33
C THR G 321 17.30 6.18 -23.82
N LEU G 322 17.27 6.00 -22.50
CA LEU G 322 16.93 4.72 -21.88
C LEU G 322 15.62 4.89 -21.15
N ILE G 323 14.64 4.05 -21.49
CA ILE G 323 13.30 4.15 -20.93
C ILE G 323 13.20 3.23 -19.71
N SER G 324 12.68 3.77 -18.61
CA SER G 324 12.49 2.96 -17.41
C SER G 324 11.35 3.52 -16.60
N ASN G 325 10.93 2.75 -15.60
CA ASN G 325 9.92 3.17 -14.65
C ASN G 325 10.56 4.03 -13.57
N ILE G 326 9.71 4.64 -12.74
CA ILE G 326 10.15 5.43 -11.61
C ILE G 326 9.11 5.33 -10.51
N GLU G 327 9.57 5.12 -9.27
CA GLU G 327 8.69 5.09 -8.11
C GLU G 327 8.33 6.54 -7.77
N ILE G 328 7.32 7.06 -8.47
CA ILE G 328 6.96 8.46 -8.33
C ILE G 328 6.17 8.74 -7.07
N GLY G 329 5.77 7.70 -6.34
CA GLY G 329 5.07 7.92 -5.08
C GLY G 329 5.97 8.46 -3.98
N PHE G 330 7.27 8.21 -4.09
CA PHE G 330 8.25 8.73 -3.14
C PHE G 330 8.87 10.05 -3.60
N CYS G 331 8.49 10.54 -4.77
CA CYS G 331 9.06 11.76 -5.33
C CYS G 331 8.04 12.88 -5.29
N LEU G 332 8.53 14.12 -5.21
CA LEU G 332 7.68 15.29 -5.28
C LEU G 332 7.47 15.70 -6.73
N ILE G 333 6.22 15.84 -7.14
CA ILE G 333 5.87 16.25 -8.49
C ILE G 333 5.49 17.72 -8.46
N THR G 334 6.17 18.53 -9.25
CA THR G 334 5.88 19.95 -9.37
C THR G 334 5.50 20.26 -10.82
N LYS G 335 5.31 21.55 -11.10
CA LYS G 335 4.92 21.96 -12.45
C LYS G 335 6.05 21.73 -13.45
N ARG G 336 7.29 21.98 -13.05
CA ARG G 336 8.41 21.96 -13.97
C ARG G 336 9.36 20.78 -13.81
N SER G 337 9.46 20.21 -12.61
CA SER G 337 10.45 19.16 -12.38
C SER G 337 9.93 18.19 -11.32
N VAL G 338 10.56 17.02 -11.27
CA VAL G 338 10.28 16.01 -10.26
C VAL G 338 11.47 15.96 -9.31
N ILE G 339 11.22 16.25 -8.05
CA ILE G 339 12.27 16.37 -7.03
C ILE G 339 12.24 15.12 -6.16
N CYS G 340 13.38 14.45 -6.06
CA CYS G 340 13.53 13.26 -5.25
C CYS G 340 14.78 13.36 -4.39
N ASN G 341 14.77 12.67 -3.25
CA ASN G 341 15.95 12.62 -2.40
C ASN G 341 16.94 11.56 -2.81
N GLN G 342 16.57 10.68 -3.74
CA GLN G 342 17.48 9.64 -4.21
C GLN G 342 16.98 9.17 -5.58
N ASP G 343 17.72 8.24 -6.17
CA ASP G 343 17.39 7.73 -7.49
C ASP G 343 16.37 6.60 -7.35
N TYR G 344 15.16 6.83 -7.84
CA TYR G 344 14.06 5.89 -7.67
C TYR G 344 13.74 5.11 -8.94
N ALA G 345 14.67 5.07 -9.89
CA ALA G 345 14.44 4.36 -11.13
C ALA G 345 14.38 2.85 -10.90
N THR G 346 13.44 2.20 -11.57
CA THR G 346 13.28 0.75 -11.55
C THR G 346 13.24 0.24 -12.99
N PRO G 347 13.66 -1.00 -13.22
CA PRO G 347 13.72 -1.52 -14.59
C PRO G 347 12.33 -1.74 -15.18
N MET G 348 12.31 -1.90 -16.51
CA MET G 348 11.09 -2.06 -17.26
C MET G 348 11.18 -3.28 -18.16
N THR G 349 10.06 -3.96 -18.32
CA THR G 349 10.02 -5.13 -19.18
C THR G 349 10.22 -4.73 -20.64
N ASN G 350 10.77 -5.65 -21.42
CA ASN G 350 10.95 -5.38 -22.85
C ASN G 350 9.62 -5.22 -23.56
N ASN G 351 8.57 -5.89 -23.09
CA ASN G 351 7.26 -5.77 -23.72
C ASN G 351 6.69 -4.36 -23.55
N MET G 352 6.77 -3.80 -22.34
CA MET G 352 6.32 -2.42 -22.16
C MET G 352 7.22 -1.42 -22.86
N ARG G 353 8.52 -1.69 -22.91
CA ARG G 353 9.42 -0.81 -23.65
C ARG G 353 9.08 -0.78 -25.13
N GLU G 354 8.74 -1.95 -25.70
CA GLU G 354 8.30 -1.99 -27.09
C GLU G 354 6.91 -1.40 -27.27
N CYS G 355 6.06 -1.52 -26.24
CA CYS G 355 4.74 -0.89 -26.29
C CYS G 355 4.85 0.63 -26.36
N LEU G 356 5.78 1.20 -25.60
CA LEU G 356 5.95 2.65 -25.59
C LEU G 356 6.63 3.18 -26.85
N THR G 357 7.30 2.32 -27.63
CA THR G 357 7.98 2.75 -28.83
C THR G 357 7.16 2.52 -30.09
N GLY G 358 5.93 2.02 -29.98
CA GLY G 358 5.08 1.90 -31.15
C GLY G 358 4.32 0.59 -31.28
N SER G 359 4.81 -0.47 -30.64
CA SER G 359 4.17 -1.79 -30.73
C SER G 359 2.98 -1.81 -29.79
N THR G 360 1.88 -1.21 -30.25
CA THR G 360 0.68 -1.09 -29.43
C THR G 360 -0.04 -2.42 -29.22
N GLU G 361 0.32 -3.46 -29.97
CA GLU G 361 -0.27 -4.78 -29.75
C GLU G 361 0.20 -5.43 -28.46
N LYS G 362 1.22 -4.87 -27.80
CA LYS G 362 1.75 -5.40 -26.56
C LYS G 362 1.34 -4.58 -25.34
N CYS G 363 0.48 -3.57 -25.52
CA CYS G 363 0.05 -2.75 -24.41
C CYS G 363 -1.22 -3.33 -23.81
N PRO G 364 -1.21 -3.76 -22.55
CA PRO G 364 -2.42 -4.35 -21.96
C PRO G 364 -3.51 -3.30 -21.75
N ARG G 365 -4.75 -3.78 -21.73
CA ARG G 365 -5.91 -2.92 -21.55
C ARG G 365 -6.85 -3.57 -20.54
N GLU G 366 -7.63 -2.74 -19.86
CA GLU G 366 -8.53 -3.17 -18.82
C GLU G 366 -9.92 -2.60 -19.07
N LEU G 367 -10.93 -3.43 -18.88
CA LEU G 367 -12.31 -3.02 -19.11
C LEU G 367 -12.72 -1.94 -18.11
N VAL G 368 -13.59 -1.05 -18.56
CA VAL G 368 -14.13 0.02 -17.73
C VAL G 368 -15.55 -0.36 -17.33
N VAL G 369 -15.75 -0.66 -16.05
CA VAL G 369 -17.08 -0.86 -15.50
C VAL G 369 -17.51 0.28 -14.59
N SER G 370 -16.60 1.16 -14.20
CA SER G 370 -16.94 2.32 -13.40
C SER G 370 -17.43 3.45 -14.29
N SER G 371 -18.35 4.25 -13.76
CA SER G 371 -18.90 5.37 -14.50
C SER G 371 -18.08 6.64 -14.35
N HIS G 372 -17.08 6.65 -13.48
CA HIS G 372 -16.26 7.84 -13.23
C HIS G 372 -14.84 7.56 -13.72
N VAL G 373 -14.63 7.77 -15.02
CA VAL G 373 -13.30 7.65 -15.62
C VAL G 373 -13.10 8.80 -16.59
N PRO G 374 -11.85 9.20 -16.79
CA PRO G 374 -11.56 10.29 -17.75
C PRO G 374 -11.90 9.85 -19.17
N ARG G 375 -12.71 10.65 -19.85
CA ARG G 375 -13.17 10.34 -21.19
C ARG G 375 -12.60 11.26 -22.27
N PHE G 376 -11.92 12.33 -21.89
CA PHE G 376 -11.26 13.18 -22.87
C PHE G 376 -10.09 13.90 -22.20
N ALA G 377 -9.19 14.40 -23.04
CA ALA G 377 -8.03 15.13 -22.56
C ALA G 377 -7.60 16.12 -23.62
N LEU G 378 -6.79 17.09 -23.21
CA LEU G 378 -6.29 18.14 -24.07
C LEU G 378 -4.78 18.12 -24.07
N SER G 379 -4.17 18.22 -25.25
CA SER G 379 -2.72 18.27 -25.35
C SER G 379 -2.35 19.22 -26.48
N ASN G 380 -1.61 20.28 -26.14
CA ASN G 380 -1.13 21.27 -27.11
C ASN G 380 -2.29 21.88 -27.90
N GLY G 381 -3.43 22.06 -27.24
CA GLY G 381 -4.58 22.64 -27.88
C GLY G 381 -5.38 21.68 -28.74
N VAL G 382 -5.04 20.39 -28.75
CA VAL G 382 -5.73 19.38 -29.55
C VAL G 382 -6.45 18.46 -28.59
N LEU G 383 -7.71 18.16 -28.87
CA LEU G 383 -8.57 17.45 -27.94
C LEU G 383 -8.70 16.00 -28.38
N PHE G 384 -8.33 15.07 -27.50
CA PHE G 384 -8.50 13.64 -27.75
C PHE G 384 -9.66 13.16 -26.89
N ALA G 385 -10.76 12.77 -27.54
CA ALA G 385 -12.00 12.49 -26.84
C ALA G 385 -12.60 11.18 -27.31
N ASN G 386 -13.20 10.44 -26.38
CA ASN G 386 -13.96 9.23 -26.67
C ASN G 386 -15.41 9.65 -26.87
N CYS G 387 -15.76 10.01 -28.11
CA CYS G 387 -17.06 10.59 -28.39
C CYS G 387 -18.17 9.56 -28.47
N ILE G 388 -17.87 8.27 -28.31
CA ILE G 388 -18.92 7.27 -28.21
C ILE G 388 -19.65 7.41 -26.88
N SER G 389 -18.91 7.63 -25.78
CA SER G 389 -19.48 7.69 -24.45
C SER G 389 -19.82 9.10 -23.98
N VAL G 390 -19.24 10.13 -24.58
CA VAL G 390 -19.61 11.51 -24.26
C VAL G 390 -20.16 12.16 -25.52
N THR G 391 -21.04 13.14 -25.32
CA THR G 391 -21.68 13.84 -26.43
C THR G 391 -20.83 15.04 -26.79
N CYS G 392 -19.91 14.85 -27.74
CA CYS G 392 -19.09 15.94 -28.25
C CYS G 392 -19.77 16.53 -29.48
N GLN G 393 -19.85 17.86 -29.52
CA GLN G 393 -20.47 18.58 -30.61
C GLN G 393 -19.56 19.69 -31.07
N CYS G 394 -19.86 20.24 -32.26
CA CYS G 394 -19.11 21.35 -32.81
C CYS G 394 -19.97 22.61 -32.70
N GLN G 395 -19.47 23.60 -31.96
CA GLN G 395 -20.19 24.86 -31.81
C GLN G 395 -20.26 25.65 -33.10
N THR G 396 -19.36 25.38 -34.05
CA THR G 396 -19.36 26.11 -35.31
C THR G 396 -20.61 25.82 -36.12
N THR G 397 -21.05 24.56 -36.14
CA THR G 397 -22.22 24.15 -36.90
C THR G 397 -23.39 23.69 -36.05
N GLY G 398 -23.16 23.36 -34.78
CA GLY G 398 -24.23 22.88 -33.94
C GLY G 398 -24.55 21.41 -34.06
N ARG G 399 -23.79 20.66 -34.85
CA ARG G 399 -24.01 19.24 -35.07
C ARG G 399 -23.00 18.44 -34.26
N ALA G 400 -23.41 17.23 -33.86
CA ALA G 400 -22.54 16.36 -33.09
C ALA G 400 -21.42 15.80 -33.96
N ILE G 401 -20.32 15.43 -33.31
CA ILE G 401 -19.17 14.83 -33.98
C ILE G 401 -19.24 13.33 -33.78
N SER G 402 -19.03 12.57 -34.85
CA SER G 402 -19.28 11.14 -34.87
C SER G 402 -17.98 10.35 -34.72
N GLN G 403 -18.01 9.34 -33.87
CA GLN G 403 -16.94 8.36 -33.75
C GLN G 403 -17.47 7.02 -34.22
N SER G 404 -16.80 6.43 -35.21
CA SER G 404 -17.24 5.16 -35.76
C SER G 404 -16.90 4.02 -34.82
N GLY G 405 -17.39 2.83 -35.17
CA GLY G 405 -17.14 1.65 -34.35
C GLY G 405 -15.70 1.17 -34.38
N GLU G 406 -14.95 1.54 -35.42
CA GLU G 406 -13.56 1.12 -35.57
C GLU G 406 -12.58 2.19 -35.10
N GLN G 407 -13.05 3.28 -34.52
CA GLN G 407 -12.18 4.34 -34.02
C GLN G 407 -12.12 4.29 -32.49
N THR G 408 -10.90 4.17 -31.96
CA THR G 408 -10.74 4.15 -30.51
C THR G 408 -10.96 5.54 -29.93
N LEU G 409 -10.38 6.56 -30.56
CA LEU G 409 -10.50 7.94 -30.11
C LEU G 409 -10.80 8.84 -31.29
N LEU G 410 -11.31 10.03 -30.98
CA LEU G 410 -11.43 11.11 -31.95
C LEU G 410 -10.45 12.21 -31.59
N MET G 411 -9.64 12.61 -32.57
CA MET G 411 -8.76 13.75 -32.45
C MET G 411 -9.45 14.96 -33.08
N ILE G 412 -9.67 15.99 -32.29
CA ILE G 412 -10.35 17.20 -32.74
C ILE G 412 -9.37 18.35 -32.64
N ASP G 413 -9.13 19.00 -33.78
CA ASP G 413 -8.27 20.17 -33.85
C ASP G 413 -8.98 21.27 -34.62
N ASN G 414 -8.30 22.37 -34.92
CA ASN G 414 -8.96 23.51 -35.55
C ASN G 414 -9.03 23.39 -37.07
N THR G 415 -8.71 22.21 -37.62
CA THR G 415 -8.85 21.98 -39.05
C THR G 415 -10.20 21.39 -39.42
N THR G 416 -10.92 20.80 -38.46
CA THR G 416 -12.24 20.25 -38.70
C THR G 416 -13.30 20.80 -37.76
N CYS G 417 -12.92 21.18 -36.55
CA CYS G 417 -13.85 21.77 -35.58
C CYS G 417 -13.08 22.76 -34.73
N PRO G 418 -13.07 24.03 -35.10
CA PRO G 418 -12.28 25.02 -34.35
C PRO G 418 -12.75 25.23 -32.93
N THR G 419 -13.98 24.87 -32.62
CA THR G 419 -14.57 25.15 -31.31
C THR G 419 -15.48 23.99 -30.94
N ALA G 420 -15.10 23.24 -29.91
CA ALA G 420 -15.80 22.02 -29.52
C ALA G 420 -16.47 22.20 -28.16
N VAL G 421 -17.68 21.66 -28.04
CA VAL G 421 -18.46 21.74 -26.81
C VAL G 421 -18.66 20.33 -26.26
N LEU G 422 -18.33 20.14 -25.00
CA LEU G 422 -18.39 18.83 -24.34
C LEU G 422 -19.27 18.91 -23.09
N GLY G 423 -20.44 19.51 -23.24
CA GLY G 423 -21.34 19.68 -22.13
C GLY G 423 -21.44 21.13 -21.68
N ASN G 424 -20.85 21.45 -20.54
CA ASN G 424 -20.92 22.78 -19.98
C ASN G 424 -19.74 23.66 -20.42
N VAL G 425 -18.79 23.10 -21.19
CA VAL G 425 -17.57 23.81 -21.56
C VAL G 425 -17.47 23.89 -23.08
N ILE G 426 -17.20 25.10 -23.57
CA ILE G 426 -16.88 25.33 -24.97
C ILE G 426 -15.40 25.70 -25.03
N ILE G 427 -14.64 24.98 -25.84
CA ILE G 427 -13.19 25.11 -25.85
C ILE G 427 -12.71 25.27 -27.29
N SER G 428 -11.88 26.28 -27.53
CA SER G 428 -11.23 26.45 -28.82
C SER G 428 -10.01 25.53 -28.89
N LEU G 429 -9.66 25.14 -30.12
CA LEU G 429 -8.65 24.11 -30.30
C LEU G 429 -7.54 24.60 -31.21
N GLY G 430 -6.38 23.97 -31.08
CA GLY G 430 -5.24 24.24 -31.93
C GLY G 430 -5.20 23.31 -33.13
N LYS G 431 -4.00 23.12 -33.67
CA LYS G 431 -3.80 22.29 -34.85
C LYS G 431 -2.88 21.13 -34.48
N TYR G 432 -3.23 19.93 -34.95
CA TYR G 432 -2.43 18.74 -34.67
C TYR G 432 -1.18 18.73 -35.52
N LEU G 433 -0.03 18.49 -34.89
CA LEU G 433 1.26 18.48 -35.56
C LEU G 433 1.66 17.11 -36.06
N GLY G 434 0.81 16.10 -35.88
CA GLY G 434 1.10 14.77 -36.37
C GLY G 434 0.57 14.54 -37.77
N SER G 435 0.21 13.30 -38.04
CA SER G 435 -0.30 12.94 -39.36
C SER G 435 -1.68 13.56 -39.58
N VAL G 436 -1.95 13.97 -40.82
CA VAL G 436 -3.25 14.51 -41.16
C VAL G 436 -4.29 13.41 -41.27
N ASN G 437 -3.87 12.16 -41.39
CA ASN G 437 -4.77 11.00 -41.47
C ASN G 437 -4.86 10.28 -40.13
N TYR G 438 -4.85 11.04 -39.02
CA TYR G 438 -4.94 10.43 -37.70
C TYR G 438 -6.24 9.66 -37.52
N ASN G 439 -7.35 10.26 -37.95
CA ASN G 439 -8.66 9.65 -37.72
C ASN G 439 -9.00 8.57 -38.74
N SER G 440 -8.17 8.37 -39.76
CA SER G 440 -8.42 7.36 -40.78
C SER G 440 -7.54 6.12 -40.64
N GLU G 441 -6.35 6.26 -40.05
CA GLU G 441 -5.46 5.13 -39.90
C GLU G 441 -5.92 4.20 -38.79
N GLY G 442 -5.61 2.91 -38.94
CA GLY G 442 -5.97 1.92 -37.95
C GLY G 442 -4.98 1.85 -36.82
N ILE G 443 -5.25 0.91 -35.89
CA ILE G 443 -4.45 0.76 -34.69
C ILE G 443 -4.61 -0.66 -34.19
N ALA G 444 -3.48 -1.27 -33.80
CA ALA G 444 -3.46 -2.63 -33.27
C ALA G 444 -3.65 -2.58 -31.76
N ILE G 445 -4.55 -3.42 -31.25
CA ILE G 445 -5.01 -3.35 -29.87
C ILE G 445 -4.45 -4.54 -29.09
N GLY G 446 -3.97 -4.27 -27.88
CA GLY G 446 -3.34 -5.27 -27.06
C GLY G 446 -4.31 -6.15 -26.30
N PRO G 447 -3.78 -7.03 -25.46
CA PRO G 447 -4.62 -8.04 -24.81
C PRO G 447 -5.28 -7.52 -23.55
N PRO G 448 -6.51 -7.95 -23.26
CA PRO G 448 -7.15 -7.53 -22.01
C PRO G 448 -6.49 -8.14 -20.78
N VAL G 449 -6.56 -7.41 -19.67
CA VAL G 449 -6.02 -7.85 -18.38
C VAL G 449 -6.99 -7.46 -17.27
N PHE G 450 -6.68 -7.95 -16.07
CA PHE G 450 -7.37 -7.57 -14.84
C PHE G 450 -6.33 -7.36 -13.76
N THR G 451 -6.42 -6.21 -13.07
CA THR G 451 -5.34 -5.76 -12.20
C THR G 451 -5.62 -5.96 -10.71
N ASP G 452 -6.73 -6.60 -10.34
CA ASP G 452 -6.99 -6.88 -8.94
C ASP G 452 -6.07 -7.97 -8.43
N LYS G 453 -5.63 -7.85 -7.18
CA LYS G 453 -4.67 -8.80 -6.62
C LYS G 453 -5.26 -10.21 -6.54
N VAL G 454 -6.50 -10.32 -6.09
CA VAL G 454 -7.18 -11.61 -6.08
C VAL G 454 -7.35 -12.12 -7.51
N ASP G 455 -7.70 -11.22 -8.43
CA ASP G 455 -7.80 -11.62 -9.84
C ASP G 455 -6.43 -11.94 -10.42
N ILE G 456 -5.36 -11.31 -9.93
CA ILE G 456 -4.01 -11.69 -10.35
C ILE G 456 -3.71 -13.13 -9.92
N SER G 457 -4.06 -13.48 -8.68
CA SER G 457 -3.85 -14.84 -8.21
C SER G 457 -4.70 -15.83 -9.01
N SER G 458 -5.94 -15.45 -9.33
CA SER G 458 -6.80 -16.33 -10.12
C SER G 458 -6.25 -16.54 -11.52
N GLN G 459 -5.72 -15.48 -12.14
CA GLN G 459 -5.10 -15.61 -13.46
C GLN G 459 -3.88 -16.50 -13.40
N ILE G 460 -3.05 -16.35 -12.36
CA ILE G 460 -1.88 -17.22 -12.20
C ILE G 460 -2.31 -18.67 -12.06
N SER G 461 -3.37 -18.92 -11.29
CA SER G 461 -3.89 -20.28 -11.13
C SER G 461 -4.35 -20.85 -12.47
N SER G 462 -5.08 -20.04 -13.24
CA SER G 462 -5.61 -20.50 -14.52
C SER G 462 -4.51 -20.86 -15.49
N MET G 463 -3.51 -19.98 -15.65
CA MET G 463 -2.43 -20.30 -16.59
C MET G 463 -1.54 -21.43 -16.06
N ASN G 464 -1.41 -21.57 -14.74
CA ASN G 464 -0.66 -22.72 -14.23
C ASN G 464 -1.37 -24.03 -14.53
N GLN G 465 -2.70 -24.07 -14.36
CA GLN G 465 -3.44 -25.28 -14.67
C GLN G 465 -3.40 -25.59 -16.17
N SER G 466 -3.53 -24.55 -17.01
CA SER G 466 -3.45 -24.77 -18.45
C SER G 466 -2.06 -25.27 -18.86
N LEU G 467 -1.01 -24.71 -18.25
CA LEU G 467 0.35 -25.17 -18.54
C LEU G 467 0.55 -26.61 -18.09
N GLN G 468 -0.02 -26.98 -16.94
CA GLN G 468 0.06 -28.37 -16.50
C GLN G 468 -0.66 -29.30 -17.45
N GLN G 469 -1.81 -28.87 -17.98
CA GLN G 469 -2.51 -29.68 -18.98
C GLN G 469 -1.68 -29.82 -20.26
N SER G 470 -1.04 -28.74 -20.69
CA SER G 470 -0.18 -28.81 -21.88
C SER G 470 0.99 -29.75 -21.67
N LYS G 471 1.59 -29.71 -20.48
CA LYS G 471 2.69 -30.63 -20.18
C LYS G 471 2.20 -32.07 -20.09
N ASP G 472 0.98 -32.29 -19.58
CA ASP G 472 0.42 -33.64 -19.57
C ASP G 472 0.20 -34.16 -20.98
N TYR G 473 -0.28 -33.28 -21.88
CA TYR G 473 -0.40 -33.68 -23.28
C TYR G 473 0.97 -33.96 -23.89
N ILE G 474 1.98 -33.19 -23.50
CA ILE G 474 3.33 -33.40 -24.01
C ILE G 474 3.86 -34.78 -23.59
N LYS G 475 3.62 -35.16 -22.34
CA LYS G 475 4.05 -36.46 -21.85
C LYS G 475 3.32 -37.60 -22.55
N VAL H 1 -35.54 6.94 -50.92
CA VAL H 1 -35.52 8.26 -50.30
C VAL H 1 -36.20 9.27 -51.20
N GLN H 2 -37.37 9.76 -50.76
CA GLN H 2 -38.13 10.74 -51.52
C GLN H 2 -38.73 11.75 -50.56
N LEU H 3 -38.65 13.02 -50.94
CA LEU H 3 -39.19 14.13 -50.16
C LEU H 3 -40.25 14.83 -50.99
N GLN H 4 -41.49 14.84 -50.49
CA GLN H 4 -42.63 15.38 -51.20
C GLN H 4 -43.15 16.62 -50.49
N GLN H 5 -43.33 17.71 -51.23
CA GLN H 5 -43.72 18.99 -50.65
C GLN H 5 -45.18 19.30 -50.94
N SER H 6 -45.67 20.35 -50.28
CA SER H 6 -47.03 20.81 -50.47
C SER H 6 -47.14 21.58 -51.78
N GLY H 7 -48.38 21.80 -52.21
CA GLY H 7 -48.64 22.47 -53.47
C GLY H 7 -48.41 23.97 -53.39
N ALA H 8 -48.35 24.59 -54.57
CA ALA H 8 -48.17 26.03 -54.66
C ALA H 8 -49.41 26.76 -54.16
N GLU H 9 -49.20 27.90 -53.51
CA GLU H 9 -50.29 28.69 -52.97
C GLU H 9 -50.04 30.18 -53.12
N LEU H 10 -51.14 30.93 -53.16
CA LEU H 10 -51.13 32.38 -53.21
C LEU H 10 -51.66 32.92 -51.90
N MET H 11 -50.90 33.81 -51.28
CA MET H 11 -51.24 34.35 -49.96
C MET H 11 -51.16 35.86 -49.98
N ARG H 12 -52.07 36.50 -49.23
CA ARG H 12 -52.04 37.94 -49.03
C ARG H 12 -50.94 38.31 -48.05
N PRO H 13 -50.42 39.54 -48.12
CA PRO H 13 -49.39 39.96 -47.16
C PRO H 13 -49.94 39.97 -45.74
N GLY H 14 -49.05 39.64 -44.79
CA GLY H 14 -49.43 39.52 -43.40
C GLY H 14 -49.98 38.18 -42.98
N ALA H 15 -50.11 37.23 -43.91
CA ALA H 15 -50.64 35.92 -43.60
C ALA H 15 -49.52 34.98 -43.19
N SER H 16 -49.84 33.69 -43.06
CA SER H 16 -48.89 32.68 -42.64
C SER H 16 -49.00 31.45 -43.52
N MET H 17 -47.91 30.69 -43.61
CA MET H 17 -47.84 29.47 -44.39
C MET H 17 -47.31 28.33 -43.54
N LYS H 18 -47.78 27.12 -43.80
CA LYS H 18 -47.30 25.90 -43.16
C LYS H 18 -46.86 24.94 -44.27
N ILE H 19 -45.61 25.08 -44.72
CA ILE H 19 -45.08 24.22 -45.76
C ILE H 19 -44.69 22.88 -45.14
N SER H 20 -45.12 21.79 -45.77
CA SER H 20 -44.87 20.45 -45.26
C SER H 20 -44.00 19.68 -46.25
N CYS H 21 -43.14 18.83 -45.70
CA CYS H 21 -42.23 17.99 -46.47
C CYS H 21 -42.28 16.59 -45.86
N LYS H 22 -42.87 15.65 -46.60
CA LYS H 22 -42.95 14.26 -46.17
C LYS H 22 -41.77 13.48 -46.71
N ALA H 23 -41.07 12.78 -45.82
CA ALA H 23 -39.84 12.07 -46.14
C ALA H 23 -40.07 10.57 -46.02
N THR H 24 -39.75 9.83 -47.09
CA THR H 24 -39.92 8.38 -47.11
C THR H 24 -38.62 7.72 -47.54
N GLY H 25 -38.40 6.51 -47.04
CA GLY H 25 -37.27 5.70 -47.46
C GLY H 25 -36.07 5.72 -46.53
N TYR H 26 -36.15 6.40 -45.39
CA TYR H 26 -35.01 6.46 -44.48
C TYR H 26 -35.53 6.79 -43.09
N THR H 27 -34.66 6.61 -42.10
CA THR H 27 -35.01 6.92 -40.71
C THR H 27 -35.17 8.42 -40.54
N PHE H 28 -36.40 8.86 -40.31
CA PHE H 28 -36.70 10.30 -40.28
C PHE H 28 -36.02 10.99 -39.11
N SER H 29 -35.92 10.32 -37.97
CA SER H 29 -35.43 10.95 -36.75
C SER H 29 -33.90 11.04 -36.69
N SER H 30 -33.20 10.61 -37.72
CA SER H 30 -31.73 10.62 -37.71
C SER H 30 -31.12 11.78 -38.50
N TYR H 31 -31.63 12.07 -39.69
CA TYR H 31 -31.01 13.01 -40.60
C TYR H 31 -31.62 14.39 -40.45
N TRP H 32 -30.78 15.41 -40.47
CA TRP H 32 -31.23 16.79 -40.44
C TRP H 32 -32.00 17.11 -41.70
N ILE H 33 -33.10 17.86 -41.54
CA ILE H 33 -33.88 18.35 -42.67
C ILE H 33 -33.58 19.83 -42.80
N ASP H 34 -32.96 20.21 -43.91
CA ASP H 34 -32.62 21.60 -44.19
C ASP H 34 -33.71 22.22 -45.04
N TRP H 35 -33.87 23.54 -44.90
CA TRP H 35 -34.82 24.31 -45.68
C TRP H 35 -34.08 25.44 -46.35
N VAL H 36 -34.31 25.57 -47.67
CA VAL H 36 -33.57 26.48 -48.54
C VAL H 36 -34.56 27.34 -49.31
N LYS H 37 -34.21 28.61 -49.52
CA LYS H 37 -35.01 29.56 -50.28
C LYS H 37 -34.33 29.86 -51.61
N GLN H 38 -35.14 30.12 -52.64
CA GLN H 38 -34.61 30.52 -53.94
C GLN H 38 -35.57 31.49 -54.60
N ARG H 39 -35.26 32.78 -54.52
CA ARG H 39 -36.04 33.66 -55.39
C ARG H 39 -35.39 33.73 -56.77
N PRO H 40 -36.17 33.96 -57.82
CA PRO H 40 -35.59 34.01 -59.17
C PRO H 40 -34.61 35.17 -59.33
N GLY H 41 -33.44 34.87 -59.91
CA GLY H 41 -32.46 35.88 -60.22
C GLY H 41 -31.52 36.25 -59.09
N HIS H 42 -31.69 35.69 -57.90
CA HIS H 42 -30.86 36.03 -56.75
C HIS H 42 -30.17 34.83 -56.14
N GLY H 43 -30.27 33.66 -56.75
CA GLY H 43 -29.56 32.49 -56.26
C GLY H 43 -30.23 31.84 -55.07
N LEU H 44 -29.63 30.75 -54.62
CA LEU H 44 -30.16 29.98 -53.51
C LEU H 44 -29.80 30.64 -52.19
N GLU H 45 -30.66 30.42 -51.18
CA GLU H 45 -30.45 31.03 -49.87
C GLU H 45 -30.91 30.05 -48.80
N TRP H 46 -30.03 29.76 -47.84
CA TRP H 46 -30.28 28.76 -46.82
C TRP H 46 -31.14 29.35 -45.70
N ILE H 47 -32.31 28.77 -45.48
CA ILE H 47 -33.22 29.24 -44.44
C ILE H 47 -32.86 28.68 -43.08
N GLY H 48 -32.71 27.36 -42.98
CA GLY H 48 -32.39 26.79 -41.68
C GLY H 48 -32.38 25.28 -41.75
N GLU H 49 -32.43 24.66 -40.56
CA GLU H 49 -32.48 23.21 -40.49
C GLU H 49 -33.06 22.78 -39.16
N ILE H 50 -33.62 21.57 -39.15
CA ILE H 50 -34.21 20.97 -37.96
C ILE H 50 -33.82 19.50 -37.91
N LEU H 51 -33.41 19.03 -36.74
CA LEU H 51 -33.17 17.61 -36.54
C LEU H 51 -34.43 16.98 -35.96
N PRO H 52 -35.13 16.13 -36.71
CA PRO H 52 -36.37 15.54 -36.18
C PRO H 52 -36.09 14.60 -35.02
N GLY H 53 -37.09 14.47 -34.15
CA GLY H 53 -36.98 13.60 -32.99
C GLY H 53 -36.33 14.29 -31.81
N SER H 54 -35.08 14.73 -31.98
CA SER H 54 -34.41 15.45 -30.91
C SER H 54 -34.94 16.88 -30.77
N GLY H 55 -35.46 17.46 -31.85
CA GLY H 55 -35.97 18.81 -31.80
C GLY H 55 -34.94 19.89 -31.95
N ASP H 56 -33.68 19.54 -32.25
CA ASP H 56 -32.63 20.53 -32.42
C ASP H 56 -32.85 21.31 -33.71
N THR H 57 -32.72 22.63 -33.64
CA THR H 57 -32.91 23.50 -34.79
C THR H 57 -31.76 24.50 -34.89
N ASN H 58 -31.38 24.80 -36.12
CA ASN H 58 -30.41 25.85 -36.42
C ASN H 58 -31.04 26.83 -37.38
N TYR H 59 -30.82 28.12 -37.13
CA TYR H 59 -31.52 29.18 -37.83
C TYR H 59 -30.53 30.13 -38.49
N ASN H 60 -30.82 30.52 -39.73
CA ASN H 60 -30.12 31.63 -40.33
C ASN H 60 -30.57 32.93 -39.66
N GLU H 61 -29.61 33.81 -39.36
CA GLU H 61 -29.93 35.02 -38.63
C GLU H 61 -30.79 35.99 -39.44
N ASN H 62 -30.75 35.92 -40.76
CA ASN H 62 -31.62 36.74 -41.60
C ASN H 62 -33.04 36.20 -41.67
N PHE H 63 -33.28 34.97 -41.20
CA PHE H 63 -34.58 34.35 -41.27
C PHE H 63 -35.13 33.94 -39.91
N LYS H 64 -34.37 34.12 -38.83
CA LYS H 64 -34.84 33.72 -37.51
C LYS H 64 -36.02 34.58 -37.09
N GLY H 65 -37.03 33.94 -36.53
CA GLY H 65 -38.28 34.59 -36.16
C GLY H 65 -39.28 34.65 -37.29
N LYS H 66 -38.80 34.96 -38.51
CA LYS H 66 -39.66 34.93 -39.68
C LYS H 66 -40.16 33.52 -39.96
N ALA H 67 -39.28 32.53 -39.82
CA ALA H 67 -39.61 31.14 -40.10
C ALA H 67 -39.35 30.30 -38.86
N ALA H 68 -40.22 29.31 -38.62
CA ALA H 68 -40.05 28.36 -37.54
C ALA H 68 -40.15 26.95 -38.10
N PHE H 69 -39.51 26.00 -37.44
CA PHE H 69 -39.49 24.62 -37.89
C PHE H 69 -40.12 23.70 -36.86
N THR H 70 -40.81 22.66 -37.34
CA THR H 70 -41.42 21.65 -36.50
C THR H 70 -41.25 20.30 -37.18
N ALA H 71 -41.27 19.24 -36.39
CA ALA H 71 -41.12 17.88 -36.91
C ALA H 71 -42.18 16.97 -36.30
N ASP H 72 -42.71 16.06 -37.12
CA ASP H 72 -43.66 15.05 -36.67
C ASP H 72 -43.09 13.69 -37.05
N THR H 73 -42.62 12.96 -36.03
CA THR H 73 -42.00 11.66 -36.28
C THR H 73 -43.05 10.58 -36.56
N SER H 74 -44.26 10.74 -36.03
CA SER H 74 -45.30 9.75 -36.26
C SER H 74 -45.69 9.69 -37.74
N SER H 75 -45.84 10.84 -38.38
CA SER H 75 -46.16 10.91 -39.80
C SER H 75 -44.94 11.17 -40.67
N ASN H 76 -43.76 11.32 -40.07
CA ASN H 76 -42.50 11.56 -40.79
C ASN H 76 -42.61 12.78 -41.69
N THR H 77 -43.00 13.91 -41.10
CA THR H 77 -43.23 15.14 -41.87
C THR H 77 -42.60 16.33 -41.16
N ALA H 78 -41.84 17.12 -41.92
CA ALA H 78 -41.28 18.36 -41.40
C ALA H 78 -42.11 19.55 -41.86
N TYR H 79 -42.15 20.60 -41.04
CA TYR H 79 -42.96 21.77 -41.30
C TYR H 79 -42.13 23.03 -41.14
N MET H 80 -42.29 23.96 -42.08
CA MET H 80 -41.84 25.33 -41.91
C MET H 80 -43.07 26.22 -41.79
N GLN H 81 -43.15 26.99 -40.71
CA GLN H 81 -44.19 27.98 -40.52
C GLN H 81 -43.59 29.35 -40.82
N LEU H 82 -44.09 29.97 -41.88
CA LEU H 82 -43.69 31.33 -42.25
C LEU H 82 -44.74 32.32 -41.78
N THR H 83 -44.30 33.34 -41.04
CA THR H 83 -45.20 34.33 -40.48
C THR H 83 -44.91 35.70 -41.08
N SER H 84 -45.98 36.49 -41.22
CA SER H 84 -45.91 37.86 -41.75
C SER H 84 -45.31 37.89 -43.15
N LEU H 85 -46.02 37.24 -44.08
CA LEU H 85 -45.56 37.16 -45.46
C LEU H 85 -45.54 38.55 -46.10
N THR H 86 -44.50 38.82 -46.89
CA THR H 86 -44.34 40.09 -47.58
C THR H 86 -44.02 39.81 -49.04
N SER H 87 -43.76 40.87 -49.80
CA SER H 87 -43.39 40.73 -51.20
C SER H 87 -42.03 40.07 -51.38
N GLU H 88 -41.18 40.10 -50.35
CA GLU H 88 -39.88 39.47 -50.43
C GLU H 88 -39.94 37.96 -50.24
N ASP H 89 -41.08 37.42 -49.81
CA ASP H 89 -41.22 35.99 -49.60
C ASP H 89 -41.71 35.25 -50.85
N SER H 90 -41.83 35.94 -51.98
CA SER H 90 -42.21 35.28 -53.22
C SER H 90 -41.03 34.52 -53.79
N ALA H 91 -40.88 33.26 -53.38
CA ALA H 91 -39.72 32.46 -53.77
C ALA H 91 -40.09 30.99 -53.73
N VAL H 92 -39.21 30.17 -54.29
CA VAL H 92 -39.39 28.72 -54.29
C VAL H 92 -38.66 28.13 -53.09
N PHE H 93 -39.36 27.30 -52.32
CA PHE H 93 -38.84 26.77 -51.06
C PHE H 93 -38.60 25.28 -51.20
N TYR H 94 -37.38 24.85 -50.87
CA TYR H 94 -36.98 23.45 -50.97
C TYR H 94 -36.71 22.88 -49.58
N CYS H 95 -37.12 21.63 -49.40
CA CYS H 95 -36.69 20.81 -48.27
C CYS H 95 -35.63 19.84 -48.77
N ALA H 96 -34.52 19.77 -48.04
CA ALA H 96 -33.38 18.98 -48.44
C ALA H 96 -32.99 18.06 -47.29
N ARG H 97 -32.42 16.91 -47.63
CA ARG H 97 -31.97 15.92 -46.64
C ARG H 97 -30.51 16.20 -46.35
N GLY H 98 -30.24 16.77 -45.18
CA GLY H 98 -28.88 17.02 -44.75
C GLY H 98 -28.21 15.75 -44.26
N GLY H 99 -27.08 15.93 -43.60
CA GLY H 99 -26.35 14.83 -43.04
C GLY H 99 -26.88 14.44 -41.67
N ARG H 100 -26.10 13.60 -41.00
CA ARG H 100 -26.43 13.13 -39.66
C ARG H 100 -25.56 13.73 -38.58
N TYR H 101 -24.35 14.17 -38.93
CA TYR H 101 -23.36 14.65 -37.97
C TYR H 101 -22.64 15.86 -38.53
N HIS H 102 -21.61 16.31 -37.81
CA HIS H 102 -20.84 17.48 -38.19
C HIS H 102 -20.02 17.20 -39.45
N GLY H 103 -19.96 18.21 -40.32
CA GLY H 103 -19.20 18.08 -41.54
C GLY H 103 -19.91 17.36 -42.67
N GLN H 104 -21.22 17.10 -42.52
CA GLN H 104 -21.98 16.42 -43.55
C GLN H 104 -23.14 17.28 -44.02
N GLY H 105 -22.91 18.58 -44.17
CA GLY H 105 -23.97 19.50 -44.50
C GLY H 105 -24.43 19.51 -45.93
N PHE H 106 -23.86 18.70 -46.80
CA PHE H 106 -24.30 18.64 -48.18
C PHE H 106 -25.68 18.00 -48.27
N PHE H 107 -26.47 18.45 -49.24
CA PHE H 107 -27.87 18.08 -49.35
C PHE H 107 -27.99 16.93 -50.36
N ASP H 108 -28.20 15.72 -49.85
CA ASP H 108 -28.25 14.54 -50.71
C ASP H 108 -29.48 14.57 -51.62
N TYR H 109 -30.66 14.78 -51.04
CA TYR H 109 -31.90 14.75 -51.80
C TYR H 109 -32.70 16.02 -51.54
N TRP H 110 -33.49 16.42 -52.53
CA TRP H 110 -34.24 17.66 -52.50
C TRP H 110 -35.71 17.38 -52.77
N GLY H 111 -36.56 18.27 -52.28
CA GLY H 111 -37.97 18.22 -52.62
C GLY H 111 -38.24 18.84 -53.98
N GLN H 112 -39.50 18.69 -54.43
CA GLN H 112 -39.87 19.21 -55.74
C GLN H 112 -39.96 20.73 -55.76
N GLY H 113 -40.06 21.38 -54.61
CA GLY H 113 -40.09 22.83 -54.56
C GLY H 113 -41.49 23.40 -54.45
N THR H 114 -41.77 24.08 -53.33
CA THR H 114 -43.06 24.72 -53.11
C THR H 114 -42.97 26.18 -53.56
N THR H 115 -43.77 26.53 -54.56
CA THR H 115 -43.78 27.90 -55.08
C THR H 115 -44.81 28.72 -54.30
N LEU H 116 -44.33 29.73 -53.60
CA LEU H 116 -45.19 30.63 -52.83
C LEU H 116 -45.33 31.95 -53.57
N THR H 117 -46.58 32.36 -53.80
CA THR H 117 -46.86 33.65 -54.43
C THR H 117 -47.50 34.56 -53.40
N VAL H 118 -46.99 35.78 -53.29
CA VAL H 118 -47.51 36.78 -52.36
C VAL H 118 -47.81 38.05 -53.13
N SER H 119 -49.04 38.56 -53.00
CA SER H 119 -49.44 39.79 -53.66
C SER H 119 -50.54 40.45 -52.84
N SER H 120 -50.59 41.77 -52.91
CA SER H 120 -51.59 42.55 -52.17
C SER H 120 -52.99 42.34 -52.72
N ILE I 1 -19.32 33.94 -44.29
CA ILE I 1 -18.44 33.46 -45.33
C ILE I 1 -19.09 33.64 -46.70
N GLN I 2 -18.52 34.52 -47.51
CA GLN I 2 -19.03 34.79 -48.84
C GLN I 2 -18.30 33.95 -49.88
N MET I 3 -18.98 33.69 -50.99
CA MET I 3 -18.38 32.98 -52.12
C MET I 3 -18.24 33.95 -53.29
N THR I 4 -17.03 34.07 -53.81
CA THR I 4 -16.80 34.75 -55.08
C THR I 4 -16.63 33.67 -56.14
N GLN I 5 -17.65 33.50 -56.98
CA GLN I 5 -17.66 32.44 -57.98
C GLN I 5 -17.35 33.03 -59.35
N SER I 6 -16.50 32.33 -60.10
CA SER I 6 -16.07 32.76 -61.41
C SER I 6 -16.17 31.58 -62.37
N PRO I 7 -16.59 31.82 -63.62
CA PRO I 7 -17.14 33.08 -64.14
C PRO I 7 -18.61 33.24 -63.79
N ALA I 8 -19.16 34.45 -63.85
CA ALA I 8 -20.59 34.62 -63.57
C ALA I 8 -21.44 33.92 -64.63
N SER I 9 -21.05 34.04 -65.90
CA SER I 9 -21.72 33.32 -66.98
C SER I 9 -20.65 32.87 -67.97
N LEU I 10 -20.93 31.76 -68.65
CA LEU I 10 -19.97 31.20 -69.57
C LEU I 10 -20.69 30.34 -70.61
N SER I 11 -20.20 30.40 -71.84
CA SER I 11 -20.71 29.58 -72.93
C SER I 11 -19.58 28.69 -73.44
N ALA I 12 -19.85 27.39 -73.53
CA ALA I 12 -18.85 26.44 -73.97
C ALA I 12 -19.46 25.49 -74.98
N SER I 13 -18.61 24.94 -75.84
CA SER I 13 -19.05 24.02 -76.88
C SER I 13 -19.05 22.58 -76.38
N VAL I 14 -19.68 21.70 -77.16
CA VAL I 14 -19.78 20.30 -76.80
C VAL I 14 -18.41 19.65 -76.92
N GLY I 15 -18.03 18.86 -75.91
CA GLY I 15 -16.76 18.19 -75.90
C GLY I 15 -15.60 18.99 -75.35
N GLU I 16 -15.82 20.25 -74.98
CA GLU I 16 -14.77 21.09 -74.46
C GLU I 16 -14.67 20.96 -72.94
N THR I 17 -13.43 20.91 -72.44
CA THR I 17 -13.16 20.86 -71.01
C THR I 17 -13.35 22.26 -70.43
N VAL I 18 -14.15 22.36 -69.37
CA VAL I 18 -14.46 23.65 -68.76
C VAL I 18 -14.20 23.57 -67.26
N THR I 19 -13.93 24.72 -66.66
CA THR I 19 -13.61 24.80 -65.23
C THR I 19 -14.34 25.98 -64.61
N ILE I 20 -15.00 25.72 -63.47
CA ILE I 20 -15.73 26.75 -62.73
C ILE I 20 -15.16 26.79 -61.32
N THR I 21 -14.73 27.98 -60.88
CA THR I 21 -14.08 28.10 -59.59
C THR I 21 -14.95 28.94 -58.66
N CYS I 22 -14.78 28.71 -57.35
CA CYS I 22 -15.39 29.58 -56.37
C CYS I 22 -14.48 29.68 -55.15
N ARG I 23 -14.26 30.91 -54.69
CA ARG I 23 -13.37 31.19 -53.57
C ARG I 23 -14.19 31.59 -52.36
N PRO I 24 -14.15 30.83 -51.27
CA PRO I 24 -14.77 31.31 -50.03
C PRO I 24 -13.95 32.42 -49.40
N SER I 25 -14.62 33.26 -48.62
CA SER I 25 -13.94 34.34 -47.91
C SER I 25 -13.10 33.86 -46.74
N GLU I 26 -13.21 32.59 -46.37
CA GLU I 26 -12.42 32.01 -45.30
C GLU I 26 -12.10 30.57 -45.65
N ASN I 27 -11.09 30.01 -44.98
CA ASN I 27 -10.70 28.63 -45.23
C ASN I 27 -11.76 27.68 -44.70
N VAL I 28 -12.35 26.90 -45.61
CA VAL I 28 -13.36 25.92 -45.26
C VAL I 28 -12.83 24.49 -45.29
N HIS I 29 -11.54 24.31 -45.56
CA HIS I 29 -10.87 23.00 -45.56
C HIS I 29 -11.54 22.11 -46.60
N ILE I 30 -11.82 20.84 -46.29
CA ILE I 30 -12.36 19.92 -47.28
C ILE I 30 -13.81 20.24 -47.60
N TYR I 31 -14.53 20.83 -46.65
CA TYR I 31 -15.98 20.96 -46.71
C TYR I 31 -16.39 21.93 -47.81
N LEU I 32 -16.85 21.38 -48.94
CA LEU I 32 -17.44 22.15 -50.01
C LEU I 32 -18.16 21.20 -50.95
N ALA I 33 -19.27 21.66 -51.51
CA ALA I 33 -20.13 20.85 -52.37
C ALA I 33 -20.53 21.65 -53.60
N TRP I 34 -20.59 20.96 -54.74
CA TRP I 34 -21.00 21.51 -56.01
C TRP I 34 -22.33 20.91 -56.44
N TYR I 35 -23.30 21.79 -56.70
CA TYR I 35 -24.64 21.41 -57.12
C TYR I 35 -24.92 21.95 -58.52
N GLN I 36 -25.72 21.20 -59.27
CA GLN I 36 -26.18 21.62 -60.58
C GLN I 36 -27.70 21.75 -60.56
N GLN I 37 -28.20 22.86 -61.09
CA GLN I 37 -29.63 23.12 -61.17
C GLN I 37 -30.02 23.45 -62.61
N LYS I 38 -31.15 22.93 -63.05
CA LYS I 38 -31.71 23.23 -64.35
C LYS I 38 -33.03 23.97 -64.18
N GLN I 39 -33.57 24.43 -65.31
CA GLN I 39 -34.77 25.27 -65.27
C GLN I 39 -35.97 24.45 -64.81
N GLY I 40 -36.63 24.94 -63.76
CA GLY I 40 -37.84 24.31 -63.26
C GLY I 40 -37.63 23.05 -62.44
N LYS I 41 -36.39 22.74 -62.06
CA LYS I 41 -36.09 21.53 -61.32
C LYS I 41 -35.27 21.86 -60.08
N SER I 42 -35.35 20.98 -59.09
CA SER I 42 -34.56 21.13 -57.88
C SER I 42 -33.09 20.86 -58.20
N PRO I 43 -32.16 21.47 -57.45
CA PRO I 43 -30.73 21.21 -57.68
C PRO I 43 -30.38 19.76 -57.38
N GLN I 44 -29.38 19.26 -58.10
CA GLN I 44 -28.85 17.92 -57.90
C GLN I 44 -27.43 18.02 -57.37
N LEU I 45 -27.12 17.18 -56.39
CA LEU I 45 -25.79 17.16 -55.81
C LEU I 45 -24.83 16.44 -56.76
N LEU I 46 -23.83 17.18 -57.26
CA LEU I 46 -22.78 16.59 -58.09
C LEU I 46 -21.60 16.14 -57.24
N VAL I 47 -21.05 17.03 -56.42
CA VAL I 47 -19.85 16.76 -55.64
C VAL I 47 -20.15 17.15 -54.20
N TYR I 48 -19.85 16.28 -53.24
CA TYR I 48 -20.18 16.58 -51.85
C TYR I 48 -18.97 16.86 -50.97
N ASN I 49 -17.83 16.26 -51.23
CA ASN I 49 -16.57 16.67 -50.63
C ASN I 49 -15.64 17.12 -51.75
N ALA I 50 -14.74 18.04 -51.42
CA ALA I 50 -14.03 18.85 -52.42
C ALA I 50 -13.47 18.04 -53.58
N LYS I 51 -13.18 16.75 -53.37
CA LYS I 51 -12.67 15.89 -54.44
C LYS I 51 -13.45 14.59 -54.59
N THR I 52 -14.61 14.45 -53.94
CA THR I 52 -15.35 13.20 -53.92
C THR I 52 -16.65 13.37 -54.70
N LEU I 53 -16.93 12.44 -55.60
CA LEU I 53 -18.14 12.46 -56.40
C LEU I 53 -19.28 11.76 -55.67
N ALA I 54 -20.50 12.23 -55.91
CA ALA I 54 -21.68 11.68 -55.26
C ALA I 54 -22.18 10.44 -56.00
N ASP I 55 -23.08 9.71 -55.34
CA ASP I 55 -23.65 8.50 -55.92
C ASP I 55 -24.59 8.84 -57.06
N GLY I 56 -24.43 8.14 -58.18
CA GLY I 56 -25.21 8.41 -59.37
C GLY I 56 -24.64 9.46 -60.29
N VAL I 57 -23.68 10.25 -59.82
CA VAL I 57 -23.03 11.25 -60.67
C VAL I 57 -22.00 10.54 -61.55
N PRO I 58 -22.03 10.77 -62.87
CA PRO I 58 -21.02 10.13 -63.74
C PRO I 58 -19.63 10.66 -63.43
N SER I 59 -18.63 9.82 -63.74
CA SER I 59 -17.23 10.18 -63.51
C SER I 59 -16.75 11.28 -64.44
N ARG I 60 -17.61 11.82 -65.30
CA ARG I 60 -17.23 12.90 -66.20
C ARG I 60 -16.86 14.16 -65.42
N PHE I 61 -17.61 14.48 -64.37
CA PHE I 61 -17.30 15.62 -63.54
C PHE I 61 -16.15 15.30 -62.59
N SER I 62 -15.46 16.34 -62.14
CA SER I 62 -14.41 16.17 -61.14
C SER I 62 -14.32 17.44 -60.31
N GLY I 63 -13.86 17.31 -59.07
CA GLY I 63 -13.69 18.44 -58.19
C GLY I 63 -12.26 18.49 -57.65
N SER I 64 -11.72 19.70 -57.55
CA SER I 64 -10.36 19.90 -57.10
C SER I 64 -10.32 21.02 -56.08
N ALA I 65 -9.40 20.89 -55.13
CA ALA I 65 -9.18 21.90 -54.09
C ALA I 65 -7.73 22.32 -54.14
N SER I 66 -7.49 23.64 -54.18
CA SER I 66 -6.15 24.20 -54.16
C SER I 66 -5.84 24.88 -52.83
N GLY I 67 -6.53 24.51 -51.77
CA GLY I 67 -6.36 25.13 -50.47
C GLY I 67 -7.10 26.44 -50.37
N THR I 68 -6.63 27.46 -51.09
CA THR I 68 -7.28 28.75 -51.07
C THR I 68 -8.56 28.78 -51.90
N GLN I 69 -8.60 28.05 -53.00
CA GLN I 69 -9.73 28.10 -53.92
C GLN I 69 -10.13 26.69 -54.33
N PHE I 70 -11.39 26.55 -54.74
CA PHE I 70 -11.95 25.28 -55.15
C PHE I 70 -12.48 25.40 -56.57
N SER I 71 -12.39 24.31 -57.33
CA SER I 71 -12.78 24.32 -58.74
C SER I 71 -13.46 23.01 -59.10
N LEU I 72 -14.29 23.09 -60.14
CA LEU I 72 -15.00 21.96 -60.70
C LEU I 72 -14.68 21.87 -62.18
N LYS I 73 -14.27 20.69 -62.63
CA LYS I 73 -13.86 20.48 -64.01
C LYS I 73 -14.83 19.52 -64.70
N ILE I 74 -15.24 19.89 -65.90
CA ILE I 74 -16.08 19.05 -66.76
C ILE I 74 -15.26 18.70 -67.98
N ASN I 75 -15.07 17.40 -68.23
CA ASN I 75 -14.32 16.90 -69.37
C ASN I 75 -15.30 16.34 -70.40
N SER I 76 -15.13 16.76 -71.65
CA SER I 76 -16.02 16.37 -72.75
C SER I 76 -17.46 16.76 -72.45
N LEU I 77 -17.66 18.08 -72.39
CA LEU I 77 -18.96 18.66 -72.06
C LEU I 77 -20.05 18.16 -73.01
N GLN I 78 -21.22 17.87 -72.45
CA GLN I 78 -22.35 17.31 -73.18
C GLN I 78 -23.54 18.24 -73.04
N PRO I 79 -24.51 18.17 -73.98
CA PRO I 79 -25.61 19.14 -73.97
C PRO I 79 -26.47 19.13 -72.72
N GLU I 80 -26.51 18.03 -71.97
CA GLU I 80 -27.33 17.99 -70.76
C GLU I 80 -26.65 18.65 -69.56
N ASP I 81 -25.49 19.27 -69.74
CA ASP I 81 -24.79 19.95 -68.67
C ASP I 81 -25.10 21.44 -68.60
N PHE I 82 -26.01 21.93 -69.43
CA PHE I 82 -26.43 23.32 -69.35
C PHE I 82 -27.18 23.59 -68.05
N GLY I 83 -27.12 24.84 -67.60
CA GLY I 83 -27.81 25.22 -66.39
C GLY I 83 -27.04 26.14 -65.48
N SER I 84 -27.20 25.97 -64.17
CA SER I 84 -26.50 26.78 -63.18
C SER I 84 -25.75 25.88 -62.22
N TYR I 85 -24.58 26.35 -61.79
CA TYR I 85 -23.73 25.61 -60.88
C TYR I 85 -23.46 26.43 -59.63
N TYR I 86 -23.69 25.82 -58.47
CA TYR I 86 -23.54 26.49 -57.18
C TYR I 86 -22.55 25.72 -56.32
N CYS I 87 -21.93 26.42 -55.37
CA CYS I 87 -21.02 25.81 -54.42
C CYS I 87 -21.38 26.24 -53.00
N GLN I 88 -21.32 25.29 -52.08
CA GLN I 88 -21.71 25.48 -50.69
C GLN I 88 -20.56 25.03 -49.80
N HIS I 89 -20.38 25.68 -48.64
CA HIS I 89 -19.25 25.31 -47.80
C HIS I 89 -19.61 24.31 -46.71
N PHE I 90 -20.79 24.46 -46.10
CA PHE I 90 -21.23 23.68 -44.93
C PHE I 90 -20.12 23.52 -43.88
N TRP I 91 -19.29 24.54 -43.74
CA TRP I 91 -18.24 24.56 -42.73
C TRP I 91 -18.72 25.23 -41.45
N SER I 92 -19.62 26.21 -41.56
CA SER I 92 -20.09 26.96 -40.42
C SER I 92 -21.51 27.44 -40.66
N ILE I 93 -22.21 27.74 -39.58
CA ILE I 93 -23.57 28.26 -39.65
C ILE I 93 -23.51 29.78 -39.85
N PRO I 94 -24.24 30.35 -40.81
CA PRO I 94 -25.15 29.71 -41.78
C PRO I 94 -24.43 29.18 -43.01
N TYR I 95 -25.02 28.22 -43.71
CA TYR I 95 -24.43 27.70 -44.93
C TYR I 95 -24.69 28.67 -46.07
N THR I 96 -23.65 28.97 -46.84
CA THR I 96 -23.71 29.96 -47.90
C THR I 96 -23.51 29.30 -49.25
N PHE I 97 -24.38 29.61 -50.19
CA PHE I 97 -24.26 29.11 -51.56
C PHE I 97 -23.46 30.10 -52.40
N GLY I 98 -22.95 29.59 -53.52
CA GLY I 98 -22.23 30.45 -54.44
C GLY I 98 -23.15 31.36 -55.22
N GLY I 99 -22.54 32.26 -56.00
CA GLY I 99 -23.33 33.20 -56.78
C GLY I 99 -24.12 32.54 -57.88
N GLY I 100 -23.64 31.40 -58.39
CA GLY I 100 -24.33 30.69 -59.44
C GLY I 100 -23.74 30.97 -60.82
N THR I 101 -22.99 30.02 -61.35
CA THR I 101 -22.38 30.16 -62.67
C THR I 101 -23.34 29.60 -63.71
N LYS I 102 -23.68 30.41 -64.70
CA LYS I 102 -24.59 29.99 -65.76
C LYS I 102 -23.79 29.43 -66.93
N LEU I 103 -23.95 28.13 -67.20
CA LEU I 103 -23.28 27.46 -68.30
C LEU I 103 -24.29 27.19 -69.41
N GLU I 104 -23.99 27.70 -70.59
CA GLU I 104 -24.83 27.52 -71.78
C GLU I 104 -24.06 26.77 -72.83
N ILE I 105 -24.70 25.79 -73.46
CA ILE I 105 -24.08 25.00 -74.52
C ILE I 105 -24.00 25.87 -75.77
N LYS I 106 -22.80 26.05 -76.29
CA LYS I 106 -22.58 26.87 -77.48
C LYS I 106 -22.80 26.05 -78.75
#